data_2L3X
#
_entry.id   2L3X
#
_entity_poly.entity_id   1
_entity_poly.type   'polypeptide(L)'
_entity_poly.pdbx_seq_one_letter_code
;QYKIYPYDSLIVTNRIRVKLPKDVDRTRLERHLSPEEFQEVFGMSIEEFDRLALWKRNDLKKKALLF
;
_entity_poly.pdbx_strand_id   A
#
# COMPACT_ATOMS: atom_id res chain seq x y z
N GLN A 1 4.46 -7.67 -11.87
CA GLN A 1 4.54 -6.32 -12.41
C GLN A 1 5.42 -5.43 -11.54
N TYR A 2 5.46 -5.73 -10.25
CA TYR A 2 6.26 -4.95 -9.32
C TYR A 2 6.91 -5.86 -8.27
N LYS A 3 7.61 -5.25 -7.32
CA LYS A 3 8.27 -6.00 -6.25
C LYS A 3 7.50 -5.91 -4.95
N ILE A 4 6.95 -7.04 -4.52
CA ILE A 4 6.18 -7.09 -3.28
C ILE A 4 7.05 -6.73 -2.09
N TYR A 5 6.91 -5.50 -1.61
CA TYR A 5 7.69 -5.03 -0.47
C TYR A 5 6.91 -5.22 0.84
N PRO A 6 7.64 -5.21 1.96
CA PRO A 6 7.03 -5.38 3.30
C PRO A 6 6.20 -4.17 3.70
N TYR A 7 5.02 -4.43 4.26
CA TYR A 7 4.12 -3.37 4.70
C TYR A 7 4.69 -2.66 5.92
N ASP A 8 5.38 -3.41 6.78
CA ASP A 8 5.98 -2.85 7.98
C ASP A 8 7.04 -1.82 7.63
N SER A 9 7.72 -2.03 6.51
CA SER A 9 8.77 -1.11 6.06
C SER A 9 8.23 -0.10 5.06
N LEU A 10 7.15 -0.47 4.38
CA LEU A 10 6.53 0.41 3.40
C LEU A 10 5.76 1.53 4.08
N ILE A 11 5.13 1.22 5.20
CA ILE A 11 4.35 2.20 5.94
C ILE A 11 5.18 3.46 6.22
N VAL A 12 4.65 4.60 5.80
CA VAL A 12 5.34 5.87 6.00
C VAL A 12 5.55 6.16 7.48
N THR A 13 4.73 5.54 8.32
CA THR A 13 4.82 5.72 9.76
C THR A 13 6.19 5.30 10.28
N ASN A 14 6.89 4.48 9.50
CA ASN A 14 8.21 4.00 9.87
C ASN A 14 9.30 4.82 9.20
N ARG A 15 8.92 5.92 8.58
CA ARG A 15 9.86 6.79 7.88
C ARG A 15 11.02 7.16 8.80
N ILE A 16 10.75 7.20 10.10
CA ILE A 16 11.78 7.54 11.08
C ILE A 16 12.75 6.38 11.29
N ARG A 17 12.22 5.16 11.23
CA ARG A 17 13.04 3.97 11.41
C ARG A 17 13.86 3.68 10.16
N VAL A 18 13.19 3.63 9.01
CA VAL A 18 13.86 3.37 7.75
C VAL A 18 13.12 4.01 6.58
N LYS A 19 13.86 4.39 5.54
CA LYS A 19 13.26 5.01 4.37
C LYS A 19 13.02 3.98 3.27
N LEU A 20 12.06 4.26 2.39
CA LEU A 20 11.73 3.36 1.29
C LEU A 20 12.93 3.17 0.37
N PRO A 21 12.96 2.02 -0.32
CA PRO A 21 14.05 1.69 -1.25
C PRO A 21 14.02 2.56 -2.50
N LYS A 22 14.83 2.20 -3.49
CA LYS A 22 14.89 2.94 -4.75
C LYS A 22 13.98 2.31 -5.80
N ASP A 23 13.89 0.99 -5.77
CA ASP A 23 13.05 0.26 -6.71
C ASP A 23 11.60 0.20 -6.23
N VAL A 24 11.05 1.36 -5.87
CA VAL A 24 9.68 1.43 -5.39
C VAL A 24 9.03 2.76 -5.77
N ASP A 25 7.77 2.69 -6.19
CA ASP A 25 7.04 3.89 -6.58
C ASP A 25 6.25 4.45 -5.41
N ARG A 26 5.84 5.71 -5.52
CA ARG A 26 5.07 6.36 -4.46
C ARG A 26 3.66 6.68 -4.94
N THR A 27 3.49 6.77 -6.26
CA THR A 27 2.18 7.06 -6.84
C THR A 27 1.24 5.87 -6.73
N ARG A 28 1.75 4.69 -7.05
CA ARG A 28 0.96 3.46 -6.98
C ARG A 28 1.67 2.40 -6.15
N LEU A 29 1.82 2.66 -4.86
CA LEU A 29 2.49 1.73 -3.96
C LEU A 29 1.60 0.52 -3.68
N GLU A 30 0.33 0.63 -4.04
CA GLU A 30 -0.63 -0.46 -3.83
C GLU A 30 -0.16 -1.73 -4.55
N ARG A 31 0.37 -1.56 -5.76
CA ARG A 31 0.84 -2.69 -6.55
C ARG A 31 2.08 -3.31 -5.91
N HIS A 32 2.69 -2.59 -4.98
CA HIS A 32 3.89 -3.06 -4.30
C HIS A 32 3.53 -3.82 -3.03
N LEU A 33 2.23 -3.82 -2.70
CA LEU A 33 1.76 -4.51 -1.50
C LEU A 33 0.87 -5.68 -1.87
N SER A 34 1.18 -6.84 -1.31
CA SER A 34 0.40 -8.05 -1.58
C SER A 34 -1.09 -7.79 -1.40
N PRO A 35 -1.92 -8.69 -1.95
CA PRO A 35 -3.37 -8.58 -1.87
C PRO A 35 -3.90 -8.83 -0.46
N GLU A 36 -3.36 -9.86 0.19
CA GLU A 36 -3.77 -10.21 1.55
C GLU A 36 -3.41 -9.10 2.53
N GLU A 37 -2.27 -8.45 2.28
CA GLU A 37 -1.81 -7.37 3.13
C GLU A 37 -2.65 -6.10 2.93
N PHE A 38 -3.00 -5.83 1.68
CA PHE A 38 -3.79 -4.65 1.35
C PHE A 38 -5.17 -4.74 2.01
N GLN A 39 -5.78 -5.91 1.95
CA GLN A 39 -7.09 -6.12 2.55
C GLN A 39 -6.99 -6.28 4.06
N GLU A 40 -5.82 -6.67 4.54
CA GLU A 40 -5.59 -6.86 5.97
C GLU A 40 -5.23 -5.54 6.64
N VAL A 41 -4.57 -4.66 5.88
CA VAL A 41 -4.17 -3.36 6.40
C VAL A 41 -5.28 -2.33 6.23
N PHE A 42 -6.17 -2.58 5.27
CA PHE A 42 -7.27 -1.67 5.00
C PHE A 42 -8.50 -2.05 5.84
N GLY A 43 -8.81 -3.34 5.86
CA GLY A 43 -9.96 -3.80 6.64
C GLY A 43 -10.97 -4.54 5.78
N MET A 44 -11.21 -4.03 4.58
CA MET A 44 -12.16 -4.64 3.65
C MET A 44 -11.52 -5.82 2.92
N SER A 45 -12.24 -6.34 1.93
CA SER A 45 -11.75 -7.48 1.16
C SER A 45 -11.00 -7.00 -0.09
N ILE A 46 -10.02 -7.79 -0.51
CA ILE A 46 -9.23 -7.45 -1.69
C ILE A 46 -10.13 -7.20 -2.90
N GLU A 47 -11.25 -7.90 -2.94
CA GLU A 47 -12.20 -7.77 -4.05
C GLU A 47 -12.78 -6.35 -4.10
N GLU A 48 -13.03 -5.79 -2.92
CA GLU A 48 -13.59 -4.44 -2.83
C GLU A 48 -12.70 -3.44 -3.55
N PHE A 49 -11.39 -3.56 -3.35
CA PHE A 49 -10.42 -2.67 -3.98
C PHE A 49 -10.57 -2.70 -5.50
N ASP A 50 -10.47 -3.88 -6.07
CA ASP A 50 -10.60 -4.04 -7.52
C ASP A 50 -11.91 -3.47 -8.02
N ARG A 51 -12.96 -3.62 -7.23
CA ARG A 51 -14.28 -3.11 -7.60
C ARG A 51 -14.35 -1.60 -7.42
N LEU A 52 -13.52 -1.07 -6.53
CA LEU A 52 -13.48 0.36 -6.27
C LEU A 52 -12.69 1.09 -7.35
N ALA A 53 -12.70 2.41 -7.29
CA ALA A 53 -11.98 3.23 -8.26
C ALA A 53 -10.63 3.65 -7.73
N LEU A 54 -9.82 4.26 -8.58
CA LEU A 54 -8.48 4.71 -8.20
C LEU A 54 -8.56 5.71 -7.05
N TRP A 55 -9.31 6.79 -7.25
CA TRP A 55 -9.47 7.81 -6.23
C TRP A 55 -9.69 7.18 -4.85
N LYS A 56 -10.49 6.12 -4.82
CA LYS A 56 -10.79 5.43 -3.57
C LYS A 56 -9.55 4.68 -3.05
N ARG A 57 -8.92 3.93 -3.93
CA ARG A 57 -7.73 3.17 -3.57
C ARG A 57 -6.64 4.09 -3.01
N ASN A 58 -6.53 5.28 -3.59
CA ASN A 58 -5.53 6.24 -3.15
C ASN A 58 -5.85 6.76 -1.75
N ASP A 59 -7.09 7.22 -1.56
CA ASP A 59 -7.52 7.74 -0.27
C ASP A 59 -7.28 6.72 0.83
N LEU A 60 -7.79 5.50 0.63
CA LEU A 60 -7.63 4.42 1.61
C LEU A 60 -6.15 4.17 1.90
N LYS A 61 -5.33 4.25 0.85
CA LYS A 61 -3.90 4.03 0.99
C LYS A 61 -3.29 4.98 2.00
N LYS A 62 -3.51 6.28 1.81
CA LYS A 62 -2.99 7.30 2.70
C LYS A 62 -3.43 7.03 4.14
N LYS A 63 -4.69 6.64 4.31
CA LYS A 63 -5.24 6.35 5.63
C LYS A 63 -4.53 5.15 6.25
N ALA A 64 -4.11 4.22 5.41
CA ALA A 64 -3.42 3.02 5.88
C ALA A 64 -1.94 3.30 6.13
N LEU A 65 -1.55 4.56 6.01
CA LEU A 65 -0.17 4.97 6.21
C LEU A 65 0.73 4.44 5.09
N LEU A 66 0.19 4.40 3.88
CA LEU A 66 0.94 3.91 2.73
C LEU A 66 1.63 5.06 2.01
N PHE A 67 1.02 6.24 2.07
CA PHE A 67 1.58 7.43 1.43
C PHE A 67 2.08 8.43 2.47
N GLN A 1 4.56 -7.97 -11.87
CA GLN A 1 4.47 -6.57 -12.27
C GLN A 1 5.37 -5.70 -11.42
N TYR A 2 5.46 -6.02 -10.13
CA TYR A 2 6.28 -5.26 -9.20
C TYR A 2 6.87 -6.17 -8.12
N LYS A 3 7.61 -5.59 -7.20
CA LYS A 3 8.23 -6.34 -6.11
C LYS A 3 7.43 -6.17 -4.82
N ILE A 4 6.90 -7.27 -4.31
CA ILE A 4 6.13 -7.25 -3.08
C ILE A 4 6.99 -6.85 -1.88
N TYR A 5 6.88 -5.59 -1.47
CA TYR A 5 7.65 -5.09 -0.34
C TYR A 5 6.89 -5.25 0.97
N PRO A 6 7.61 -5.21 2.09
CA PRO A 6 7.01 -5.35 3.42
C PRO A 6 6.17 -4.14 3.81
N TYR A 7 4.99 -4.40 4.36
CA TYR A 7 4.09 -3.33 4.78
C TYR A 7 4.64 -2.60 5.99
N ASP A 8 5.34 -3.33 6.85
CA ASP A 8 5.93 -2.75 8.06
C ASP A 8 7.00 -1.73 7.70
N SER A 9 7.68 -1.95 6.58
CA SER A 9 8.73 -1.05 6.12
C SER A 9 8.19 -0.05 5.11
N LEU A 10 7.12 -0.44 4.42
CA LEU A 10 6.51 0.43 3.41
C LEU A 10 5.74 1.57 4.07
N ILE A 11 5.09 1.27 5.20
CA ILE A 11 4.33 2.28 5.92
C ILE A 11 5.16 3.52 6.18
N VAL A 12 4.64 4.67 5.74
CA VAL A 12 5.33 5.94 5.93
C VAL A 12 5.55 6.24 7.41
N THR A 13 4.72 5.64 8.26
CA THR A 13 4.81 5.84 9.70
C THR A 13 6.17 5.41 10.23
N ASN A 14 6.86 4.58 9.46
CA ASN A 14 8.19 4.10 9.84
C ASN A 14 9.29 4.89 9.16
N ARG A 15 8.90 6.00 8.52
CA ARG A 15 9.86 6.85 7.82
C ARG A 15 11.02 7.22 8.73
N ILE A 16 10.75 7.29 10.03
CA ILE A 16 11.78 7.64 11.01
C ILE A 16 12.75 6.48 11.22
N ARG A 17 12.22 5.26 11.17
CA ARG A 17 13.04 4.07 11.36
C ARG A 17 13.85 3.76 10.10
N VAL A 18 13.15 3.66 8.96
CA VAL A 18 13.79 3.37 7.69
C VAL A 18 13.01 3.98 6.53
N LYS A 19 13.72 4.36 5.47
CA LYS A 19 13.09 4.94 4.30
C LYS A 19 12.87 3.89 3.22
N LEU A 20 12.01 4.21 2.25
CA LEU A 20 11.71 3.29 1.16
C LEU A 20 12.91 3.10 0.24
N PRO A 21 12.98 1.95 -0.42
CA PRO A 21 14.08 1.63 -1.34
C PRO A 21 14.02 2.47 -2.62
N LYS A 22 14.84 2.09 -3.59
CA LYS A 22 14.89 2.81 -4.87
C LYS A 22 13.98 2.15 -5.90
N ASP A 23 13.90 0.82 -5.85
CA ASP A 23 13.07 0.07 -6.78
C ASP A 23 11.63 0.00 -6.28
N VAL A 24 11.06 1.16 -5.94
CA VAL A 24 9.70 1.23 -5.45
C VAL A 24 9.03 2.54 -5.84
N ASP A 25 7.75 2.48 -6.18
CA ASP A 25 7.00 3.67 -6.58
C ASP A 25 6.30 4.29 -5.38
N ARG A 26 5.85 5.53 -5.53
CA ARG A 26 5.16 6.24 -4.46
C ARG A 26 3.72 6.56 -4.86
N THR A 27 3.48 6.65 -6.17
CA THR A 27 2.15 6.95 -6.68
C THR A 27 1.25 5.72 -6.63
N ARG A 28 1.81 4.56 -7.00
CA ARG A 28 1.06 3.32 -6.99
C ARG A 28 1.78 2.26 -6.16
N LEU A 29 1.85 2.49 -4.85
CA LEU A 29 2.50 1.57 -3.94
C LEU A 29 1.60 0.36 -3.65
N GLU A 30 0.33 0.48 -4.03
CA GLU A 30 -0.62 -0.60 -3.81
C GLU A 30 -0.17 -1.88 -4.51
N ARG A 31 0.36 -1.74 -5.71
CA ARG A 31 0.84 -2.88 -6.47
C ARG A 31 2.07 -3.49 -5.83
N HIS A 32 2.68 -2.76 -4.91
CA HIS A 32 3.88 -3.23 -4.22
C HIS A 32 3.51 -3.95 -2.93
N LEU A 33 2.23 -3.94 -2.59
CA LEU A 33 1.74 -4.60 -1.39
C LEU A 33 0.85 -5.78 -1.73
N SER A 34 1.14 -6.93 -1.14
CA SER A 34 0.37 -8.15 -1.39
C SER A 34 -1.13 -7.88 -1.22
N PRO A 35 -1.95 -8.78 -1.77
CA PRO A 35 -3.41 -8.66 -1.68
C PRO A 35 -3.94 -8.88 -0.27
N GLU A 36 -3.40 -9.90 0.41
CA GLU A 36 -3.82 -10.21 1.77
C GLU A 36 -3.45 -9.08 2.72
N GLU A 37 -2.31 -8.44 2.46
CA GLU A 37 -1.85 -7.35 3.30
C GLU A 37 -2.69 -6.09 3.07
N PHE A 38 -3.03 -5.84 1.80
CA PHE A 38 -3.82 -4.67 1.45
C PHE A 38 -5.20 -4.73 2.10
N GLN A 39 -5.82 -5.91 2.06
CA GLN A 39 -7.14 -6.10 2.65
C GLN A 39 -7.05 -6.22 4.17
N GLU A 40 -5.87 -6.61 4.66
CA GLU A 40 -5.65 -6.76 6.10
C GLU A 40 -5.30 -5.43 6.73
N VAL A 41 -4.61 -4.57 5.97
CA VAL A 41 -4.21 -3.26 6.47
C VAL A 41 -5.32 -2.24 6.27
N PHE A 42 -6.20 -2.50 5.31
CA PHE A 42 -7.31 -1.61 5.02
C PHE A 42 -8.53 -1.95 5.87
N GLY A 43 -8.86 -3.24 5.92
CA GLY A 43 -9.99 -3.69 6.69
C GLY A 43 -11.01 -4.44 5.84
N MET A 44 -11.24 -3.94 4.63
CA MET A 44 -12.20 -4.57 3.72
C MET A 44 -11.56 -5.77 3.02
N SER A 45 -12.27 -6.32 2.03
CA SER A 45 -11.78 -7.47 1.28
C SER A 45 -11.03 -7.02 0.03
N ILE A 46 -10.05 -7.82 -0.38
CA ILE A 46 -9.26 -7.50 -1.56
C ILE A 46 -10.15 -7.28 -2.78
N GLU A 47 -11.28 -7.98 -2.81
CA GLU A 47 -12.22 -7.86 -3.92
C GLU A 47 -12.79 -6.45 -4.00
N GLU A 48 -13.05 -5.85 -2.84
CA GLU A 48 -13.60 -4.50 -2.78
C GLU A 48 -12.69 -3.52 -3.52
N PHE A 49 -11.39 -3.65 -3.31
CA PHE A 49 -10.42 -2.77 -3.96
C PHE A 49 -10.57 -2.82 -5.47
N ASP A 50 -10.47 -4.03 -6.03
CA ASP A 50 -10.59 -4.23 -7.47
C ASP A 50 -11.90 -3.65 -7.98
N ARG A 51 -12.96 -3.78 -7.19
CA ARG A 51 -14.27 -3.28 -7.57
C ARG A 51 -14.33 -1.76 -7.42
N LEU A 52 -13.50 -1.21 -6.55
CA LEU A 52 -13.46 0.22 -6.31
C LEU A 52 -12.66 0.93 -7.40
N ALA A 53 -12.68 2.26 -7.38
CA ALA A 53 -11.96 3.05 -8.37
C ALA A 53 -10.59 3.48 -7.83
N LEU A 54 -9.78 4.06 -8.71
CA LEU A 54 -8.44 4.51 -8.33
C LEU A 54 -8.51 5.53 -7.20
N TRP A 55 -9.26 6.61 -7.42
CA TRP A 55 -9.42 7.66 -6.42
C TRP A 55 -9.65 7.06 -5.04
N LYS A 56 -10.46 6.01 -4.99
CA LYS A 56 -10.75 5.34 -3.72
C LYS A 56 -9.53 4.61 -3.19
N ARG A 57 -8.89 3.82 -4.05
CA ARG A 57 -7.70 3.07 -3.66
C ARG A 57 -6.62 4.00 -3.12
N ASN A 58 -6.49 5.17 -3.72
CA ASN A 58 -5.50 6.15 -3.30
C ASN A 58 -5.83 6.69 -1.91
N ASP A 59 -7.06 7.16 -1.73
CA ASP A 59 -7.50 7.69 -0.45
C ASP A 59 -7.26 6.69 0.67
N LEU A 60 -7.77 5.48 0.49
CA LEU A 60 -7.62 4.43 1.49
C LEU A 60 -6.15 4.17 1.79
N LYS A 61 -5.32 4.22 0.74
CA LYS A 61 -3.89 4.00 0.89
C LYS A 61 -3.28 4.98 1.89
N LYS A 62 -3.50 6.27 1.65
CA LYS A 62 -2.98 7.31 2.54
C LYS A 62 -3.42 7.07 3.98
N LYS A 63 -4.68 6.69 4.15
CA LYS A 63 -5.23 6.43 5.47
C LYS A 63 -4.54 5.24 6.13
N ALA A 64 -4.11 4.29 5.30
CA ALA A 64 -3.42 3.10 5.81
C ALA A 64 -1.95 3.38 6.06
N LEU A 65 -1.56 4.64 5.91
CA LEU A 65 -0.17 5.04 6.12
C LEU A 65 0.73 4.51 5.02
N LEU A 66 0.18 4.40 3.82
CA LEU A 66 0.94 3.90 2.67
C LEU A 66 1.63 5.03 1.93
N PHE A 67 1.03 6.22 1.97
CA PHE A 67 1.59 7.39 1.31
C PHE A 67 2.08 8.42 2.33
N GLN A 1 3.12 -8.14 -10.75
CA GLN A 1 3.82 -6.95 -11.23
C GLN A 1 4.57 -6.27 -10.10
N TYR A 2 5.64 -5.55 -10.45
CA TYR A 2 6.45 -4.85 -9.46
C TYR A 2 6.97 -5.81 -8.40
N LYS A 3 7.67 -5.27 -7.41
CA LYS A 3 8.22 -6.08 -6.33
C LYS A 3 7.40 -5.91 -5.05
N ILE A 4 7.00 -7.04 -4.47
CA ILE A 4 6.22 -7.02 -3.24
C ILE A 4 7.08 -6.67 -2.03
N TYR A 5 6.93 -5.45 -1.54
CA TYR A 5 7.70 -4.97 -0.39
C TYR A 5 6.90 -5.17 0.90
N PRO A 6 7.62 -5.17 2.04
CA PRO A 6 7.01 -5.34 3.36
C PRO A 6 6.18 -4.13 3.77
N TYR A 7 4.99 -4.39 4.28
CA TYR A 7 4.07 -3.34 4.71
C TYR A 7 4.62 -2.63 5.95
N ASP A 8 5.35 -3.37 6.78
CA ASP A 8 5.93 -2.82 8.00
C ASP A 8 7.00 -1.79 7.66
N SER A 9 7.70 -2.00 6.56
CA SER A 9 8.76 -1.10 6.13
C SER A 9 8.24 -0.09 5.12
N LEU A 10 7.13 -0.43 4.48
CA LEU A 10 6.52 0.45 3.49
C LEU A 10 5.74 1.58 4.15
N ILE A 11 5.09 1.25 5.26
CA ILE A 11 4.30 2.23 6.00
C ILE A 11 5.12 3.49 6.29
N VAL A 12 4.61 4.65 5.87
CA VAL A 12 5.29 5.91 6.10
C VAL A 12 5.49 6.18 7.58
N THR A 13 4.64 5.56 8.40
CA THR A 13 4.73 5.74 9.85
C THR A 13 6.09 5.30 10.38
N ASN A 14 6.79 4.49 9.60
CA ASN A 14 8.11 4.00 9.99
C ASN A 14 9.21 4.82 9.34
N ARG A 15 8.83 5.93 8.72
CA ARG A 15 9.79 6.80 8.04
C ARG A 15 10.94 7.16 8.98
N ILE A 16 10.66 7.20 10.27
CA ILE A 16 11.68 7.52 11.27
C ILE A 16 12.64 6.36 11.46
N ARG A 17 12.12 5.14 11.38
CA ARG A 17 12.94 3.94 11.56
C ARG A 17 13.77 3.68 10.30
N VAL A 18 13.09 3.63 9.15
CA VAL A 18 13.77 3.37 7.88
C VAL A 18 13.04 4.04 6.73
N LYS A 19 13.77 4.38 5.68
CA LYS A 19 13.19 5.02 4.51
C LYS A 19 13.00 4.02 3.38
N LEU A 20 11.97 4.25 2.56
CA LEU A 20 11.67 3.37 1.44
C LEU A 20 12.88 3.21 0.53
N PRO A 21 12.95 2.06 -0.17
CA PRO A 21 14.06 1.77 -1.08
C PRO A 21 14.03 2.64 -2.33
N LYS A 22 14.85 2.30 -3.31
CA LYS A 22 14.92 3.05 -4.56
C LYS A 22 14.03 2.42 -5.62
N ASP A 23 13.95 1.09 -5.60
CA ASP A 23 13.12 0.36 -6.56
C ASP A 23 11.68 0.28 -6.09
N VAL A 24 11.11 1.44 -5.74
CA VAL A 24 9.74 1.50 -5.28
C VAL A 24 9.08 2.82 -5.67
N ASP A 25 7.83 2.74 -6.12
CA ASP A 25 7.09 3.94 -6.53
C ASP A 25 6.30 4.50 -5.36
N ARG A 26 5.89 5.76 -5.49
CA ARG A 26 5.12 6.43 -4.44
C ARG A 26 3.70 6.74 -4.93
N THR A 27 3.54 6.82 -6.24
CA THR A 27 2.24 7.12 -6.83
C THR A 27 1.31 5.92 -6.72
N ARG A 28 1.83 4.74 -7.03
CA ARG A 28 1.03 3.52 -6.96
C ARG A 28 1.74 2.45 -6.12
N LEU A 29 1.86 2.71 -4.83
CA LEU A 29 2.52 1.78 -3.92
C LEU A 29 1.63 0.56 -3.66
N GLU A 30 0.37 0.67 -4.04
CA GLU A 30 -0.59 -0.43 -3.85
C GLU A 30 -0.11 -1.68 -4.57
N ARG A 31 0.42 -1.50 -5.78
CA ARG A 31 0.91 -2.63 -6.56
C ARG A 31 2.15 -3.25 -5.93
N HIS A 32 2.75 -2.53 -4.98
CA HIS A 32 3.94 -3.01 -4.29
C HIS A 32 3.56 -3.77 -3.02
N LEU A 33 2.29 -3.77 -2.69
CA LEU A 33 1.79 -4.46 -1.50
C LEU A 33 0.91 -5.64 -1.89
N SER A 34 1.21 -6.80 -1.32
CA SER A 34 0.45 -8.01 -1.60
C SER A 34 -1.05 -7.76 -1.43
N PRO A 35 -1.87 -8.66 -2.00
CA PRO A 35 -3.33 -8.56 -1.93
C PRO A 35 -3.86 -8.81 -0.52
N GLU A 36 -3.33 -9.85 0.12
CA GLU A 36 -3.75 -10.20 1.48
C GLU A 36 -3.40 -9.09 2.46
N GLU A 37 -2.27 -8.44 2.23
CA GLU A 37 -1.81 -7.35 3.09
C GLU A 37 -2.65 -6.10 2.89
N PHE A 38 -2.98 -5.81 1.64
CA PHE A 38 -3.79 -4.64 1.31
C PHE A 38 -5.17 -4.73 1.95
N GLN A 39 -5.77 -5.91 1.88
CA GLN A 39 -7.10 -6.12 2.46
C GLN A 39 -7.01 -6.28 3.98
N GLU A 40 -5.83 -6.68 4.45
CA GLU A 40 -5.62 -6.88 5.88
C GLU A 40 -5.27 -5.55 6.56
N VAL A 41 -4.61 -4.68 5.82
CA VAL A 41 -4.21 -3.37 6.36
C VAL A 41 -5.32 -2.34 6.17
N PHE A 42 -6.20 -2.59 5.20
CA PHE A 42 -7.31 -1.69 4.93
C PHE A 42 -8.54 -2.06 5.75
N GLY A 43 -8.86 -3.36 5.77
CA GLY A 43 -10.01 -3.82 6.52
C GLY A 43 -11.01 -4.56 5.65
N MET A 44 -11.24 -4.04 4.46
CA MET A 44 -12.18 -4.65 3.52
C MET A 44 -11.53 -5.82 2.79
N SER A 45 -12.24 -6.35 1.79
CA SER A 45 -11.73 -7.48 1.02
C SER A 45 -10.98 -7.00 -0.21
N ILE A 46 -9.99 -7.78 -0.64
CA ILE A 46 -9.19 -7.44 -1.81
C ILE A 46 -10.07 -7.20 -3.02
N GLU A 47 -11.19 -7.89 -3.08
CA GLU A 47 -12.14 -7.75 -4.19
C GLU A 47 -12.71 -6.34 -4.24
N GLU A 48 -12.99 -5.78 -3.07
CA GLU A 48 -13.54 -4.43 -2.98
C GLU A 48 -12.64 -3.42 -3.69
N PHE A 49 -11.33 -3.55 -3.47
CA PHE A 49 -10.37 -2.65 -4.09
C PHE A 49 -10.49 -2.67 -5.61
N ASP A 50 -10.39 -3.86 -6.19
CA ASP A 50 -10.49 -4.02 -7.64
C ASP A 50 -11.79 -3.43 -8.16
N ARG A 51 -12.87 -3.60 -7.38
CA ARG A 51 -14.17 -3.09 -7.76
C ARG A 51 -14.24 -1.57 -7.59
N LEU A 52 -13.42 -1.05 -6.68
CA LEU A 52 -13.39 0.38 -6.40
C LEU A 52 -12.59 1.12 -7.47
N ALA A 53 -12.63 2.44 -7.42
CA ALA A 53 -11.90 3.26 -8.38
C ALA A 53 -10.54 3.68 -7.83
N LEU A 54 -9.72 4.30 -8.68
CA LEU A 54 -8.40 4.75 -8.27
C LEU A 54 -8.49 5.74 -7.12
N TRP A 55 -9.24 6.81 -7.33
CA TRP A 55 -9.41 7.83 -6.30
C TRP A 55 -9.65 7.21 -4.94
N LYS A 56 -10.44 6.14 -4.91
CA LYS A 56 -10.75 5.45 -3.67
C LYS A 56 -9.52 4.71 -3.15
N ARG A 57 -8.87 3.94 -4.02
CA ARG A 57 -7.69 3.19 -3.65
C ARG A 57 -6.61 4.11 -3.07
N ASN A 58 -6.49 5.30 -3.64
CA ASN A 58 -5.50 6.27 -3.19
C ASN A 58 -5.83 6.77 -1.79
N ASP A 59 -7.07 7.23 -1.61
CA ASP A 59 -7.52 7.74 -0.33
C ASP A 59 -7.28 6.71 0.77
N LEU A 60 -7.79 5.50 0.55
CA LEU A 60 -7.64 4.42 1.53
C LEU A 60 -6.16 4.17 1.84
N LYS A 61 -5.33 4.26 0.81
CA LYS A 61 -3.89 4.03 0.96
C LYS A 61 -3.31 5.00 1.99
N LYS A 62 -3.54 6.29 1.79
CA LYS A 62 -3.03 7.31 2.69
C LYS A 62 -3.48 7.04 4.12
N LYS A 63 -4.74 6.64 4.28
CA LYS A 63 -5.30 6.35 5.59
C LYS A 63 -4.60 5.16 6.22
N ALA A 64 -4.16 4.21 5.39
CA ALA A 64 -3.47 3.02 5.86
C ALA A 64 -1.99 3.31 6.12
N LEU A 65 -1.61 4.58 6.00
CA LEU A 65 -0.23 4.99 6.21
C LEU A 65 0.68 4.47 5.11
N LEU A 66 0.15 4.43 3.88
CA LEU A 66 0.91 3.94 2.74
C LEU A 66 1.61 5.10 2.02
N PHE A 67 1.01 6.28 2.09
CA PHE A 67 1.56 7.46 1.46
C PHE A 67 2.06 8.46 2.49
N GLN A 1 4.70 -7.85 -12.04
CA GLN A 1 4.63 -6.45 -12.42
C GLN A 1 5.56 -5.61 -11.55
N TYR A 2 5.58 -5.91 -10.25
CA TYR A 2 6.42 -5.18 -9.32
C TYR A 2 6.98 -6.11 -8.24
N LYS A 3 7.73 -5.54 -7.30
CA LYS A 3 8.32 -6.32 -6.22
C LYS A 3 7.52 -6.15 -4.93
N ILE A 4 6.98 -7.25 -4.43
CA ILE A 4 6.20 -7.23 -3.21
C ILE A 4 7.06 -6.84 -2.01
N TYR A 5 6.95 -5.60 -1.56
CA TYR A 5 7.73 -5.12 -0.43
C TYR A 5 6.95 -5.29 0.87
N PRO A 6 7.68 -5.27 1.99
CA PRO A 6 7.08 -5.42 3.32
C PRO A 6 6.24 -4.21 3.73
N TYR A 7 5.05 -4.48 4.27
CA TYR A 7 4.16 -3.41 4.69
C TYR A 7 4.70 -2.69 5.91
N ASP A 8 5.42 -3.41 6.76
CA ASP A 8 6.01 -2.84 7.97
C ASP A 8 7.07 -1.81 7.61
N SER A 9 7.75 -2.03 6.49
CA SER A 9 8.81 -1.13 6.04
C SER A 9 8.26 -0.13 5.03
N LEU A 10 7.18 -0.50 4.37
CA LEU A 10 6.54 0.36 3.37
C LEU A 10 5.77 1.49 4.04
N ILE A 11 5.13 1.17 5.16
CA ILE A 11 4.35 2.16 5.89
C ILE A 11 5.16 3.43 6.15
N VAL A 12 4.62 4.57 5.72
CA VAL A 12 5.29 5.85 5.90
C VAL A 12 5.51 6.14 7.39
N THR A 13 4.70 5.53 8.23
CA THR A 13 4.81 5.72 9.67
C THR A 13 6.19 5.31 10.18
N ASN A 14 6.88 4.49 9.40
CA ASN A 14 8.21 4.02 9.77
C ASN A 14 9.29 4.85 9.07
N ARG A 15 8.88 5.94 8.45
CA ARG A 15 9.81 6.81 7.74
C ARG A 15 10.99 7.20 8.63
N ILE A 16 10.74 7.24 9.93
CA ILE A 16 11.78 7.60 10.90
C ILE A 16 12.76 6.45 11.10
N ARG A 17 12.24 5.22 11.05
CA ARG A 17 13.07 4.04 11.23
C ARG A 17 13.86 3.74 9.95
N VAL A 18 13.18 3.80 8.81
CA VAL A 18 13.82 3.53 7.53
C VAL A 18 13.02 4.14 6.39
N LYS A 19 13.72 4.51 5.31
CA LYS A 19 13.07 5.11 4.15
C LYS A 19 12.86 4.06 3.06
N LEU A 20 11.87 4.30 2.20
CA LEU A 20 11.57 3.37 1.11
C LEU A 20 12.78 3.18 0.21
N PRO A 21 12.85 2.01 -0.44
CA PRO A 21 13.96 1.67 -1.34
C PRO A 21 13.93 2.49 -2.63
N LYS A 22 14.78 2.11 -3.57
CA LYS A 22 14.85 2.81 -4.85
C LYS A 22 13.95 2.15 -5.89
N ASP A 23 13.87 0.83 -5.83
CA ASP A 23 13.04 0.07 -6.77
C ASP A 23 11.59 0.02 -6.28
N VAL A 24 11.03 1.17 -5.97
CA VAL A 24 9.66 1.25 -5.49
C VAL A 24 8.99 2.55 -5.93
N ASP A 25 7.75 2.45 -6.37
CA ASP A 25 7.00 3.61 -6.83
C ASP A 25 5.97 4.04 -5.78
N ARG A 26 6.20 5.19 -5.16
CA ARG A 26 5.29 5.70 -4.14
C ARG A 26 3.91 6.01 -4.74
N THR A 27 3.90 6.42 -6.01
CA THR A 27 2.66 6.74 -6.69
C THR A 27 1.65 5.61 -6.57
N ARG A 28 2.07 4.41 -6.94
CA ARG A 28 1.19 3.24 -6.87
C ARG A 28 1.81 2.16 -5.98
N LEU A 29 2.04 2.49 -4.72
CA LEU A 29 2.63 1.55 -3.77
C LEU A 29 1.71 0.36 -3.56
N GLU A 30 0.45 0.51 -3.95
CA GLU A 30 -0.54 -0.56 -3.80
C GLU A 30 -0.08 -1.82 -4.54
N ARG A 31 0.45 -1.63 -5.74
CA ARG A 31 0.92 -2.74 -6.55
C ARG A 31 2.16 -3.38 -5.94
N HIS A 32 2.74 -2.70 -4.95
CA HIS A 32 3.94 -3.21 -4.27
C HIS A 32 3.56 -3.97 -3.00
N LEU A 33 2.28 -3.94 -2.66
CA LEU A 33 1.80 -4.64 -1.47
C LEU A 33 0.89 -5.80 -1.84
N SER A 34 1.18 -6.97 -1.29
CA SER A 34 0.39 -8.17 -1.57
C SER A 34 -1.10 -7.89 -1.39
N PRO A 35 -1.94 -8.78 -1.95
CA PRO A 35 -3.40 -8.64 -1.86
C PRO A 35 -3.92 -8.90 -0.45
N GLU A 36 -3.38 -9.93 0.20
CA GLU A 36 -3.80 -10.27 1.55
C GLU A 36 -3.42 -9.17 2.54
N GLU A 37 -2.28 -8.53 2.29
CA GLU A 37 -1.80 -7.45 3.15
C GLU A 37 -2.63 -6.18 2.95
N PHE A 38 -2.97 -5.90 1.70
CA PHE A 38 -3.76 -4.72 1.36
C PHE A 38 -5.13 -4.79 2.02
N GLN A 39 -5.76 -5.96 1.95
CA GLN A 39 -7.08 -6.15 2.54
C GLN A 39 -6.99 -6.31 4.06
N GLU A 40 -5.82 -6.71 4.53
CA GLU A 40 -5.61 -6.91 5.97
C GLU A 40 -5.24 -5.59 6.64
N VAL A 41 -4.54 -4.73 5.90
CA VAL A 41 -4.12 -3.44 6.43
C VAL A 41 -5.22 -2.39 6.25
N PHE A 42 -6.11 -2.63 5.29
CA PHE A 42 -7.21 -1.72 5.01
C PHE A 42 -8.44 -2.07 5.85
N GLY A 43 -8.77 -3.36 5.88
CA GLY A 43 -9.92 -3.80 6.65
C GLY A 43 -10.94 -4.53 5.79
N MET A 44 -11.17 -4.02 4.58
CA MET A 44 -12.13 -4.62 3.67
C MET A 44 -11.51 -5.80 2.93
N SER A 45 -12.22 -6.32 1.94
CA SER A 45 -11.75 -7.46 1.16
C SER A 45 -11.00 -6.99 -0.08
N ILE A 46 -10.02 -7.79 -0.52
CA ILE A 46 -9.23 -7.46 -1.69
C ILE A 46 -10.13 -7.21 -2.89
N GLU A 47 -11.27 -7.90 -2.94
CA GLU A 47 -12.21 -7.76 -4.04
C GLU A 47 -12.77 -6.34 -4.09
N GLU A 48 -13.02 -5.76 -2.93
CA GLU A 48 -13.55 -4.41 -2.85
C GLU A 48 -12.65 -3.41 -3.57
N PHE A 49 -11.35 -3.56 -3.37
CA PHE A 49 -10.37 -2.68 -3.99
C PHE A 49 -10.51 -2.70 -5.51
N ASP A 50 -10.44 -3.90 -6.09
CA ASP A 50 -10.56 -4.06 -7.53
C ASP A 50 -11.87 -3.47 -8.04
N ARG A 51 -12.93 -3.63 -7.25
CA ARG A 51 -14.24 -3.11 -7.62
C ARG A 51 -14.29 -1.59 -7.47
N LEU A 52 -13.46 -1.07 -6.57
CA LEU A 52 -13.41 0.37 -6.33
C LEU A 52 -12.60 1.07 -7.41
N ALA A 53 -12.59 2.40 -7.36
CA ALA A 53 -11.85 3.19 -8.34
C ALA A 53 -10.49 3.61 -7.79
N LEU A 54 -9.68 4.21 -8.65
CA LEU A 54 -8.34 4.66 -8.25
C LEU A 54 -8.43 5.66 -7.10
N TRP A 55 -9.18 6.73 -7.32
CA TRP A 55 -9.34 7.77 -6.30
C TRP A 55 -9.57 7.14 -4.92
N LYS A 56 -10.36 6.07 -4.89
CA LYS A 56 -10.66 5.38 -3.63
C LYS A 56 -9.43 4.65 -3.11
N ARG A 57 -8.80 3.87 -3.99
CA ARG A 57 -7.61 3.11 -3.63
C ARG A 57 -6.52 4.03 -3.06
N ASN A 58 -6.40 5.22 -3.64
CA ASN A 58 -5.41 6.19 -3.20
C ASN A 58 -5.73 6.70 -1.79
N ASP A 59 -6.97 7.16 -1.61
CA ASP A 59 -7.42 7.68 -0.32
C ASP A 59 -7.19 6.65 0.78
N LEU A 60 -7.70 5.44 0.56
CA LEU A 60 -7.54 4.37 1.54
C LEU A 60 -6.07 4.10 1.85
N LYS A 61 -5.24 4.19 0.81
CA LYS A 61 -3.81 3.96 0.97
C LYS A 61 -3.21 4.91 2.00
N LYS A 62 -3.41 6.21 1.78
CA LYS A 62 -2.90 7.22 2.69
C LYS A 62 -3.37 6.96 4.12
N LYS A 63 -4.63 6.56 4.26
CA LYS A 63 -5.20 6.28 5.58
C LYS A 63 -4.50 5.09 6.22
N ALA A 64 -4.04 4.15 5.39
CA ALA A 64 -3.36 2.97 5.89
C ALA A 64 -1.89 3.25 6.15
N LEU A 65 -1.51 4.52 6.02
CA LEU A 65 -0.12 4.93 6.25
C LEU A 65 0.78 4.43 5.13
N LEU A 66 0.24 4.38 3.92
CA LEU A 66 1.01 3.92 2.76
C LEU A 66 1.66 5.09 2.04
N PHE A 67 1.02 6.26 2.09
CA PHE A 67 1.55 7.45 1.45
C PHE A 67 2.01 8.47 2.49
N GLN A 1 4.99 -7.70 -12.21
CA GLN A 1 4.88 -6.30 -12.54
C GLN A 1 5.71 -5.44 -11.58
N TYR A 2 5.66 -5.79 -10.30
CA TYR A 2 6.40 -5.06 -9.28
C TYR A 2 6.96 -6.01 -8.22
N LYS A 3 7.59 -5.45 -7.20
CA LYS A 3 8.17 -6.24 -6.13
C LYS A 3 7.38 -6.09 -4.84
N ILE A 4 6.86 -7.20 -4.32
CA ILE A 4 6.09 -7.19 -3.10
C ILE A 4 6.94 -6.79 -1.90
N TYR A 5 6.85 -5.53 -1.50
CA TYR A 5 7.62 -5.02 -0.37
C TYR A 5 6.86 -5.20 0.94
N PRO A 6 7.59 -5.16 2.06
CA PRO A 6 7.00 -5.31 3.39
C PRO A 6 6.14 -4.12 3.79
N TYR A 7 4.97 -4.40 4.35
CA TYR A 7 4.06 -3.34 4.77
C TYR A 7 4.61 -2.59 5.98
N ASP A 8 5.33 -3.31 6.84
CA ASP A 8 5.92 -2.71 8.03
C ASP A 8 6.97 -1.67 7.66
N SER A 9 7.64 -1.89 6.54
CA SER A 9 8.67 -0.97 6.06
C SER A 9 8.10 0.00 5.05
N LEU A 10 7.02 -0.39 4.40
CA LEU A 10 6.37 0.45 3.39
C LEU A 10 5.59 1.58 4.06
N ILE A 11 4.97 1.28 5.20
CA ILE A 11 4.19 2.26 5.93
C ILE A 11 5.02 3.52 6.21
N VAL A 12 4.47 4.67 5.83
CA VAL A 12 5.16 5.94 6.05
C VAL A 12 5.40 6.19 7.53
N THR A 13 4.57 5.58 8.37
CA THR A 13 4.70 5.74 9.81
C THR A 13 6.06 5.26 10.31
N ASN A 14 6.71 4.43 9.51
CA ASN A 14 8.02 3.89 9.87
C ASN A 14 9.13 4.77 9.30
N ARG A 15 8.74 5.87 8.66
CA ARG A 15 9.71 6.78 8.07
C ARG A 15 10.76 7.20 9.10
N ILE A 16 10.36 7.22 10.37
CA ILE A 16 11.26 7.60 11.45
C ILE A 16 12.36 6.55 11.63
N ARG A 17 12.00 5.29 11.45
CA ARG A 17 12.94 4.20 11.60
C ARG A 17 13.67 3.91 10.29
N VAL A 18 12.90 3.59 9.25
CA VAL A 18 13.47 3.30 7.94
C VAL A 18 12.65 3.94 6.83
N LYS A 19 13.31 4.29 5.73
CA LYS A 19 12.64 4.90 4.60
C LYS A 19 12.45 3.90 3.47
N LEU A 20 11.56 4.24 2.52
CA LEU A 20 11.29 3.36 1.38
C LEU A 20 12.54 3.18 0.53
N PRO A 21 12.61 2.03 -0.17
CA PRO A 21 13.74 1.72 -1.04
C PRO A 21 13.78 2.59 -2.29
N LYS A 22 14.64 2.24 -3.24
CA LYS A 22 14.77 2.99 -4.48
C LYS A 22 13.90 2.38 -5.57
N ASP A 23 13.80 1.06 -5.58
CA ASP A 23 13.01 0.36 -6.57
C ASP A 23 11.55 0.28 -6.14
N VAL A 24 10.98 1.42 -5.78
CA VAL A 24 9.59 1.48 -5.35
C VAL A 24 8.95 2.82 -5.72
N ASP A 25 7.72 2.75 -6.21
CA ASP A 25 6.99 3.96 -6.61
C ASP A 25 5.99 4.38 -5.53
N ARG A 26 6.06 5.64 -5.13
CA ARG A 26 5.15 6.17 -4.11
C ARG A 26 3.76 6.42 -4.68
N THR A 27 3.70 6.68 -5.99
CA THR A 27 2.44 6.95 -6.66
C THR A 27 1.52 5.74 -6.59
N ARG A 28 2.05 4.57 -6.95
CA ARG A 28 1.27 3.34 -6.92
C ARG A 28 1.93 2.29 -6.03
N LEU A 29 1.87 2.51 -4.72
CA LEU A 29 2.47 1.59 -3.75
C LEU A 29 1.58 0.38 -3.54
N GLU A 30 0.31 0.50 -3.96
CA GLU A 30 -0.64 -0.59 -3.81
C GLU A 30 -0.16 -1.84 -4.54
N ARG A 31 0.41 -1.65 -5.72
CA ARG A 31 0.90 -2.76 -6.52
C ARG A 31 2.15 -3.38 -5.87
N HIS A 32 2.68 -2.69 -4.87
CA HIS A 32 3.88 -3.17 -4.18
C HIS A 32 3.49 -3.92 -2.90
N LEU A 33 2.19 -3.94 -2.60
CA LEU A 33 1.69 -4.61 -1.40
C LEU A 33 0.80 -5.78 -1.77
N SER A 34 1.09 -6.95 -1.20
CA SER A 34 0.32 -8.15 -1.47
C SER A 34 -1.18 -7.88 -1.31
N PRO A 35 -2.01 -8.78 -1.85
CA PRO A 35 -3.47 -8.66 -1.79
C PRO A 35 -4.00 -8.89 -0.37
N GLU A 36 -3.48 -9.91 0.29
CA GLU A 36 -3.90 -10.24 1.65
C GLU A 36 -3.53 -9.11 2.61
N GLU A 37 -2.40 -8.48 2.37
CA GLU A 37 -1.93 -7.39 3.22
C GLU A 37 -2.76 -6.12 2.99
N PHE A 38 -3.09 -5.86 1.73
CA PHE A 38 -3.88 -4.69 1.38
C PHE A 38 -5.25 -4.75 2.03
N GLN A 39 -5.89 -5.92 1.97
CA GLN A 39 -7.21 -6.11 2.55
C GLN A 39 -7.12 -6.25 4.07
N GLU A 40 -5.95 -6.65 4.56
CA GLU A 40 -5.75 -6.82 5.99
C GLU A 40 -5.39 -5.49 6.65
N VAL A 41 -4.70 -4.63 5.91
CA VAL A 41 -4.29 -3.33 6.42
C VAL A 41 -5.38 -2.29 6.21
N PHE A 42 -6.27 -2.55 5.25
CA PHE A 42 -7.37 -1.64 4.95
C PHE A 42 -8.60 -1.99 5.79
N GLY A 43 -8.93 -3.28 5.83
CA GLY A 43 -10.09 -3.71 6.59
C GLY A 43 -11.10 -4.45 5.73
N MET A 44 -11.32 -3.96 4.53
CA MET A 44 -12.27 -4.58 3.61
C MET A 44 -11.64 -5.77 2.89
N SER A 45 -12.35 -6.31 1.90
CA SER A 45 -11.86 -7.46 1.16
C SER A 45 -11.10 -7.01 -0.09
N ILE A 46 -10.12 -7.80 -0.50
CA ILE A 46 -9.32 -7.49 -1.67
C ILE A 46 -10.20 -7.27 -2.90
N GLU A 47 -11.33 -7.96 -2.93
CA GLU A 47 -12.28 -7.83 -4.05
C GLU A 47 -12.84 -6.42 -4.13
N GLU A 48 -13.10 -5.82 -2.97
CA GLU A 48 -13.64 -4.47 -2.91
C GLU A 48 -12.73 -3.48 -3.64
N PHE A 49 -11.43 -3.62 -3.43
CA PHE A 49 -10.44 -2.75 -4.06
C PHE A 49 -10.58 -2.80 -5.58
N ASP A 50 -10.49 -4.00 -6.13
CA ASP A 50 -10.60 -4.19 -7.58
C ASP A 50 -11.90 -3.60 -8.11
N ARG A 51 -12.97 -3.75 -7.33
CA ARG A 51 -14.27 -3.24 -7.72
C ARG A 51 -14.32 -1.72 -7.59
N LEU A 52 -13.51 -1.18 -6.69
CA LEU A 52 -13.45 0.26 -6.46
C LEU A 52 -12.64 0.95 -7.55
N ALA A 53 -12.62 2.28 -7.52
CA ALA A 53 -11.87 3.06 -8.50
C ALA A 53 -10.52 3.48 -7.94
N LEU A 54 -9.70 4.08 -8.80
CA LEU A 54 -8.38 4.53 -8.39
C LEU A 54 -8.46 5.55 -7.27
N TRP A 55 -9.22 6.62 -7.50
CA TRP A 55 -9.40 7.66 -6.50
C TRP A 55 -9.63 7.06 -5.12
N LYS A 56 -10.42 6.00 -5.07
CA LYS A 56 -10.73 5.33 -3.81
C LYS A 56 -9.51 4.60 -3.27
N ARG A 57 -8.86 3.82 -4.14
CA ARG A 57 -7.68 3.07 -3.75
C ARG A 57 -6.60 3.99 -3.19
N ASN A 58 -6.48 5.18 -3.79
CA ASN A 58 -5.49 6.15 -3.35
C ASN A 58 -5.83 6.69 -1.95
N ASP A 59 -7.06 7.15 -1.80
CA ASP A 59 -7.51 7.69 -0.51
C ASP A 59 -7.30 6.68 0.61
N LEU A 60 -7.81 5.47 0.42
CA LEU A 60 -7.67 4.41 1.41
C LEU A 60 -6.20 4.14 1.72
N LYS A 61 -5.36 4.20 0.70
CA LYS A 61 -3.94 3.98 0.86
C LYS A 61 -3.35 4.94 1.88
N LYS A 62 -3.55 6.24 1.65
CA LYS A 62 -3.03 7.26 2.54
C LYS A 62 -3.51 7.03 3.98
N LYS A 63 -4.77 6.64 4.12
CA LYS A 63 -5.35 6.37 5.43
C LYS A 63 -4.66 5.19 6.09
N ALA A 64 -4.20 4.24 5.29
CA ALA A 64 -3.51 3.06 5.80
C ALA A 64 -2.05 3.35 6.08
N LEU A 65 -1.67 4.62 5.94
CA LEU A 65 -0.28 5.03 6.17
C LEU A 65 0.63 4.51 5.07
N LEU A 66 0.09 4.41 3.85
CA LEU A 66 0.86 3.92 2.72
C LEU A 66 1.54 5.08 1.98
N PHE A 67 0.91 6.24 2.02
CA PHE A 67 1.45 7.43 1.36
C PHE A 67 1.91 8.46 2.38
N GLN A 1 5.30 -7.23 -12.63
CA GLN A 1 4.93 -5.83 -12.77
C GLN A 1 5.64 -4.96 -11.74
N TYR A 2 5.78 -5.49 -10.53
CA TYR A 2 6.45 -4.76 -9.45
C TYR A 2 7.07 -5.72 -8.44
N LYS A 3 7.63 -5.17 -7.39
CA LYS A 3 8.26 -5.97 -6.34
C LYS A 3 7.44 -5.93 -5.05
N ILE A 4 6.94 -7.08 -4.63
CA ILE A 4 6.14 -7.16 -3.41
C ILE A 4 6.97 -6.80 -2.19
N TYR A 5 6.92 -5.53 -1.79
CA TYR A 5 7.67 -5.06 -0.64
C TYR A 5 6.87 -5.23 0.64
N PRO A 6 7.56 -5.22 1.79
CA PRO A 6 6.93 -5.37 3.10
C PRO A 6 6.09 -4.15 3.48
N TYR A 7 5.00 -4.40 4.20
CA TYR A 7 4.11 -3.33 4.63
C TYR A 7 4.68 -2.59 5.83
N ASP A 8 5.44 -3.31 6.66
CA ASP A 8 6.04 -2.73 7.85
C ASP A 8 7.13 -1.73 7.46
N SER A 9 7.81 -2.00 6.34
CA SER A 9 8.88 -1.12 5.88
C SER A 9 8.35 -0.12 4.86
N LEU A 10 7.12 -0.34 4.40
CA LEU A 10 6.50 0.55 3.42
C LEU A 10 5.71 1.66 4.11
N ILE A 11 5.12 1.33 5.26
CA ILE A 11 4.34 2.30 6.02
C ILE A 11 5.14 3.58 6.25
N VAL A 12 4.61 4.70 5.76
CA VAL A 12 5.27 5.99 5.92
C VAL A 12 5.41 6.35 7.39
N THR A 13 4.52 5.82 8.22
CA THR A 13 4.55 6.09 9.65
C THR A 13 5.86 5.62 10.28
N ASN A 14 6.56 4.73 9.59
CA ASN A 14 7.83 4.21 10.07
C ASN A 14 9.00 4.90 9.39
N ARG A 15 8.71 6.00 8.69
CA ARG A 15 9.73 6.76 7.99
C ARG A 15 10.89 7.09 8.93
N ILE A 16 10.58 7.23 10.22
CA ILE A 16 11.60 7.55 11.21
C ILE A 16 12.51 6.36 11.47
N ARG A 17 11.93 5.16 11.43
CA ARG A 17 12.71 3.94 11.66
C ARG A 17 13.47 3.54 10.40
N VAL A 18 12.73 3.24 9.33
CA VAL A 18 13.35 2.85 8.07
C VAL A 18 12.71 3.59 6.90
N LYS A 19 13.52 3.88 5.88
CA LYS A 19 13.04 4.58 4.70
C LYS A 19 12.81 3.61 3.54
N LEU A 20 11.95 3.99 2.61
CA LEU A 20 11.65 3.15 1.45
C LEU A 20 12.87 3.03 0.55
N PRO A 21 12.95 1.91 -0.19
CA PRO A 21 14.06 1.64 -1.12
C PRO A 21 14.03 2.56 -2.34
N LYS A 22 14.86 2.26 -3.32
CA LYS A 22 14.94 3.06 -4.54
C LYS A 22 14.06 2.46 -5.63
N ASP A 23 13.97 1.14 -5.65
CA ASP A 23 13.16 0.44 -6.65
C ASP A 23 11.71 0.34 -6.19
N VAL A 24 11.14 1.46 -5.78
CA VAL A 24 9.75 1.50 -5.31
C VAL A 24 9.10 2.82 -5.67
N ASP A 25 7.85 2.75 -6.13
CA ASP A 25 7.11 3.94 -6.51
C ASP A 25 6.30 4.48 -5.33
N ARG A 26 5.86 5.72 -5.43
CA ARG A 26 5.07 6.35 -4.37
C ARG A 26 3.65 6.63 -4.83
N THR A 27 3.48 6.82 -6.14
CA THR A 27 2.18 7.09 -6.71
C THR A 27 1.26 5.88 -6.62
N ARG A 28 1.80 4.71 -6.99
CA ARG A 28 1.03 3.48 -6.96
C ARG A 28 1.75 2.42 -6.11
N LEU A 29 1.83 2.65 -4.82
CA LEU A 29 2.49 1.73 -3.91
C LEU A 29 1.61 0.50 -3.64
N GLU A 30 0.34 0.60 -4.02
CA GLU A 30 -0.60 -0.49 -3.82
C GLU A 30 -0.13 -1.75 -4.54
N ARG A 31 0.39 -1.58 -5.75
CA ARG A 31 0.88 -2.70 -6.54
C ARG A 31 2.13 -3.31 -5.91
N HIS A 32 2.71 -2.59 -4.95
CA HIS A 32 3.91 -3.06 -4.27
C HIS A 32 3.56 -3.81 -3.00
N LEU A 33 2.28 -3.81 -2.66
CA LEU A 33 1.81 -4.50 -1.45
C LEU A 33 0.92 -5.69 -1.81
N SER A 34 1.24 -6.84 -1.23
CA SER A 34 0.47 -8.05 -1.49
C SER A 34 -1.02 -7.81 -1.31
N PRO A 35 -1.85 -8.71 -1.86
CA PRO A 35 -3.31 -8.61 -1.78
C PRO A 35 -3.82 -8.85 -0.37
N GLU A 36 -3.29 -9.88 0.29
CA GLU A 36 -3.70 -10.21 1.64
C GLU A 36 -3.34 -9.09 2.62
N GLU A 37 -2.21 -8.43 2.36
CA GLU A 37 -1.75 -7.34 3.21
C GLU A 37 -2.60 -6.09 3.00
N PHE A 38 -2.94 -5.82 1.74
CA PHE A 38 -3.75 -4.65 1.40
C PHE A 38 -5.12 -4.74 2.05
N GLN A 39 -5.73 -5.92 2.01
CA GLN A 39 -7.04 -6.13 2.59
C GLN A 39 -6.95 -6.27 4.11
N GLU A 40 -5.77 -6.66 4.59
CA GLU A 40 -5.55 -6.83 6.02
C GLU A 40 -5.19 -5.50 6.69
N VAL A 41 -4.54 -4.63 5.93
CA VAL A 41 -4.14 -3.31 6.44
C VAL A 41 -5.26 -2.30 6.24
N PHE A 42 -6.14 -2.56 5.29
CA PHE A 42 -7.25 -1.66 5.00
C PHE A 42 -8.48 -2.03 5.84
N GLY A 43 -8.79 -3.32 5.88
CA GLY A 43 -9.93 -3.77 6.65
C GLY A 43 -10.94 -4.53 5.79
N MET A 44 -11.18 -4.03 4.59
CA MET A 44 -12.12 -4.66 3.67
C MET A 44 -11.47 -5.83 2.96
N SER A 45 -12.18 -6.38 1.97
CA SER A 45 -11.67 -7.52 1.21
C SER A 45 -10.93 -7.05 -0.03
N ILE A 46 -9.95 -7.83 -0.45
CA ILE A 46 -9.16 -7.51 -1.63
C ILE A 46 -10.05 -7.28 -2.85
N GLU A 47 -11.18 -7.98 -2.89
CA GLU A 47 -12.12 -7.87 -3.99
C GLU A 47 -12.70 -6.46 -4.06
N GLU A 48 -12.97 -5.88 -2.89
CA GLU A 48 -13.52 -4.53 -2.82
C GLU A 48 -12.64 -3.53 -3.55
N PHE A 49 -11.33 -3.66 -3.34
CA PHE A 49 -10.36 -2.76 -3.98
C PHE A 49 -10.50 -2.80 -5.50
N ASP A 50 -10.40 -4.00 -6.07
CA ASP A 50 -10.52 -4.19 -7.51
C ASP A 50 -11.83 -3.62 -8.02
N ARG A 51 -12.89 -3.76 -7.22
CA ARG A 51 -14.21 -3.27 -7.60
C ARG A 51 -14.29 -1.76 -7.45
N LEU A 52 -13.46 -1.21 -6.56
CA LEU A 52 -13.43 0.23 -6.31
C LEU A 52 -12.64 0.95 -7.40
N ALA A 53 -12.66 2.27 -7.35
CA ALA A 53 -11.94 3.09 -8.33
C ALA A 53 -10.58 3.52 -7.80
N LEU A 54 -9.77 4.12 -8.66
CA LEU A 54 -8.44 4.58 -8.27
C LEU A 54 -8.53 5.59 -7.13
N TRP A 55 -9.28 6.66 -7.35
CA TRP A 55 -9.45 7.70 -6.34
C TRP A 55 -9.68 7.09 -4.96
N LYS A 56 -10.47 6.02 -4.91
CA LYS A 56 -10.77 5.34 -3.66
C LYS A 56 -9.54 4.61 -3.13
N ARG A 57 -8.89 3.85 -4.00
CA ARG A 57 -7.70 3.09 -3.62
C ARG A 57 -6.62 4.03 -3.05
N ASN A 58 -6.51 5.22 -3.65
CA ASN A 58 -5.53 6.19 -3.21
C ASN A 58 -5.86 6.72 -1.82
N ASP A 59 -7.10 7.17 -1.65
CA ASP A 59 -7.54 7.69 -0.36
C ASP A 59 -7.31 6.68 0.76
N LEU A 60 -7.80 5.47 0.56
CA LEU A 60 -7.65 4.40 1.54
C LEU A 60 -6.18 4.15 1.84
N LYS A 61 -5.35 4.24 0.81
CA LYS A 61 -3.91 4.02 0.96
C LYS A 61 -3.32 4.99 1.98
N LYS A 62 -3.54 6.28 1.76
CA LYS A 62 -3.04 7.32 2.66
C LYS A 62 -3.49 7.06 4.09
N LYS A 63 -4.76 6.67 4.25
CA LYS A 63 -5.31 6.39 5.56
C LYS A 63 -4.61 5.20 6.21
N ALA A 64 -4.17 4.25 5.38
CA ALA A 64 -3.48 3.06 5.86
C ALA A 64 -2.01 3.35 6.14
N LEU A 65 -1.62 4.62 6.00
CA LEU A 65 -0.24 5.02 6.23
C LEU A 65 0.67 4.49 5.12
N LEU A 66 0.15 4.44 3.90
CA LEU A 66 0.92 3.96 2.76
C LEU A 66 1.60 5.11 2.04
N PHE A 67 0.99 6.28 2.09
CA PHE A 67 1.54 7.47 1.44
C PHE A 67 2.02 8.48 2.47
N GLN A 1 3.77 -7.87 -11.46
CA GLN A 1 4.03 -6.59 -12.12
C GLN A 1 5.06 -5.79 -11.34
N TYR A 2 5.08 -5.96 -10.02
CA TYR A 2 6.02 -5.24 -9.17
C TYR A 2 6.60 -6.17 -8.10
N LYS A 3 7.45 -5.61 -7.24
CA LYS A 3 8.08 -6.38 -6.18
C LYS A 3 7.32 -6.23 -4.87
N ILE A 4 6.87 -7.34 -4.31
CA ILE A 4 6.13 -7.34 -3.06
C ILE A 4 7.01 -6.84 -1.91
N TYR A 5 6.83 -5.59 -1.53
CA TYR A 5 7.61 -4.99 -0.44
C TYR A 5 6.88 -5.15 0.89
N PRO A 6 7.64 -5.03 1.99
CA PRO A 6 7.09 -5.15 3.35
C PRO A 6 6.19 -3.99 3.71
N TYR A 7 5.08 -4.28 4.37
CA TYR A 7 4.14 -3.26 4.78
C TYR A 7 4.66 -2.48 5.99
N ASP A 8 5.43 -3.15 6.83
CA ASP A 8 6.00 -2.52 8.02
C ASP A 8 7.06 -1.49 7.63
N SER A 9 7.78 -1.77 6.54
CA SER A 9 8.82 -0.88 6.06
C SER A 9 8.27 0.10 5.04
N LEU A 10 7.09 -0.20 4.51
CA LEU A 10 6.45 0.67 3.52
C LEU A 10 5.65 1.78 4.19
N ILE A 11 4.99 1.44 5.30
CA ILE A 11 4.20 2.41 6.04
C ILE A 11 5.04 3.63 6.41
N VAL A 12 4.53 4.81 6.07
CA VAL A 12 5.23 6.06 6.39
C VAL A 12 5.44 6.21 7.89
N THR A 13 4.55 5.61 8.68
CA THR A 13 4.65 5.68 10.12
C THR A 13 5.98 5.13 10.62
N ASN A 14 6.59 4.26 9.83
CA ASN A 14 7.88 3.67 10.17
C ASN A 14 9.01 4.36 9.44
N ARG A 15 8.67 5.38 8.66
CA ARG A 15 9.67 6.11 7.89
C ARG A 15 10.77 6.66 8.81
N ILE A 16 10.42 6.86 10.07
CA ILE A 16 11.37 7.38 11.06
C ILE A 16 12.39 6.31 11.44
N ARG A 17 11.99 5.05 11.33
CA ARG A 17 12.88 3.95 11.66
C ARG A 17 13.59 3.42 10.42
N VAL A 18 12.83 3.15 9.37
CA VAL A 18 13.40 2.65 8.12
C VAL A 18 12.80 3.38 6.92
N LYS A 19 13.64 3.62 5.91
CA LYS A 19 13.19 4.31 4.70
C LYS A 19 12.92 3.32 3.58
N LEU A 20 12.25 3.79 2.53
CA LEU A 20 11.92 2.94 1.39
C LEU A 20 13.10 2.86 0.43
N PRO A 21 13.17 1.75 -0.34
CA PRO A 21 14.24 1.52 -1.31
C PRO A 21 14.13 2.46 -2.52
N LYS A 22 14.93 2.20 -3.54
CA LYS A 22 14.93 3.01 -4.75
C LYS A 22 14.01 2.41 -5.80
N ASP A 23 13.94 1.08 -5.84
CA ASP A 23 13.10 0.37 -6.79
C ASP A 23 11.67 0.25 -6.28
N VAL A 24 11.10 1.37 -5.84
CA VAL A 24 9.75 1.38 -5.31
C VAL A 24 9.03 2.69 -5.65
N ASP A 25 7.78 2.58 -6.09
CA ASP A 25 7.00 3.75 -6.46
C ASP A 25 6.30 4.33 -5.23
N ARG A 26 5.85 5.58 -5.34
CA ARG A 26 5.17 6.24 -4.24
C ARG A 26 3.72 6.57 -4.61
N THR A 27 3.47 6.70 -5.92
CA THR A 27 2.13 7.01 -6.40
C THR A 27 1.25 5.76 -6.43
N ARG A 28 1.84 4.64 -6.85
CA ARG A 28 1.11 3.38 -6.92
C ARG A 28 1.81 2.30 -6.10
N LEU A 29 1.90 2.53 -4.79
CA LEU A 29 2.54 1.58 -3.89
C LEU A 29 1.64 0.38 -3.62
N GLU A 30 0.37 0.50 -4.01
CA GLU A 30 -0.59 -0.58 -3.82
C GLU A 30 -0.13 -1.85 -4.52
N ARG A 31 0.40 -1.69 -5.73
CA ARG A 31 0.88 -2.83 -6.50
C ARG A 31 2.13 -3.44 -5.86
N HIS A 32 2.71 -2.73 -4.91
CA HIS A 32 3.91 -3.20 -4.22
C HIS A 32 3.53 -3.94 -2.94
N LEU A 33 2.25 -3.91 -2.60
CA LEU A 33 1.77 -4.58 -1.39
C LEU A 33 0.88 -5.76 -1.75
N SER A 34 1.18 -6.91 -1.16
CA SER A 34 0.41 -8.13 -1.42
C SER A 34 -1.09 -7.87 -1.26
N PRO A 35 -1.90 -8.78 -1.80
CA PRO A 35 -3.36 -8.68 -1.73
C PRO A 35 -3.89 -8.89 -0.32
N GLU A 36 -3.36 -9.91 0.36
CA GLU A 36 -3.77 -10.22 1.71
C GLU A 36 -3.42 -9.10 2.67
N GLU A 37 -2.29 -8.45 2.41
CA GLU A 37 -1.83 -7.34 3.26
C GLU A 37 -2.67 -6.09 3.02
N PHE A 38 -3.01 -5.84 1.76
CA PHE A 38 -3.81 -4.67 1.40
C PHE A 38 -5.19 -4.75 2.04
N GLN A 39 -5.80 -5.92 2.00
CA GLN A 39 -7.12 -6.12 2.58
C GLN A 39 -7.04 -6.24 4.09
N GLU A 40 -5.88 -6.63 4.59
CA GLU A 40 -5.66 -6.79 6.02
C GLU A 40 -5.32 -5.45 6.67
N VAL A 41 -4.64 -4.59 5.92
CA VAL A 41 -4.24 -3.28 6.42
C VAL A 41 -5.35 -2.26 6.21
N PHE A 42 -6.23 -2.53 5.25
CA PHE A 42 -7.34 -1.63 4.95
C PHE A 42 -8.56 -1.99 5.78
N GLY A 43 -8.89 -3.28 5.83
CA GLY A 43 -10.03 -3.74 6.60
C GLY A 43 -11.04 -4.49 5.74
N MET A 44 -11.26 -4.01 4.53
CA MET A 44 -12.21 -4.64 3.62
C MET A 44 -11.56 -5.83 2.91
N SER A 45 -12.25 -6.38 1.93
CA SER A 45 -11.76 -7.53 1.18
C SER A 45 -11.00 -7.08 -0.06
N ILE A 46 -10.01 -7.87 -0.47
CA ILE A 46 -9.21 -7.55 -1.65
C ILE A 46 -10.10 -7.33 -2.87
N GLU A 47 -11.23 -8.04 -2.91
CA GLU A 47 -12.16 -7.92 -4.02
C GLU A 47 -12.74 -6.51 -4.11
N GLU A 48 -13.02 -5.93 -2.95
CA GLU A 48 -13.57 -4.58 -2.90
C GLU A 48 -12.68 -3.58 -3.63
N PHE A 49 -11.37 -3.71 -3.41
CA PHE A 49 -10.40 -2.83 -4.05
C PHE A 49 -10.53 -2.88 -5.57
N ASP A 50 -10.44 -4.08 -6.13
CA ASP A 50 -10.54 -4.27 -7.57
C ASP A 50 -11.86 -3.71 -8.09
N ARG A 51 -12.92 -3.85 -7.30
CA ARG A 51 -14.24 -3.35 -7.68
C ARG A 51 -14.29 -1.83 -7.55
N LEU A 52 -13.47 -1.29 -6.66
CA LEU A 52 -13.44 0.16 -6.44
C LEU A 52 -12.65 0.86 -7.53
N ALA A 53 -12.66 2.19 -7.50
CA ALA A 53 -11.92 2.98 -8.48
C ALA A 53 -10.56 3.42 -7.94
N LEU A 54 -9.75 4.00 -8.81
CA LEU A 54 -8.42 4.47 -8.41
C LEU A 54 -8.51 5.49 -7.29
N TRP A 55 -9.26 6.55 -7.52
CA TRP A 55 -9.43 7.60 -6.52
C TRP A 55 -9.67 7.01 -5.15
N LYS A 56 -10.46 5.95 -5.09
CA LYS A 56 -10.78 5.29 -3.83
C LYS A 56 -9.55 4.56 -3.28
N ARG A 57 -8.90 3.78 -4.14
CA ARG A 57 -7.72 3.03 -3.74
C ARG A 57 -6.65 3.96 -3.18
N ASN A 58 -6.52 5.14 -3.78
CA ASN A 58 -5.54 6.12 -3.34
C ASN A 58 -5.88 6.65 -1.96
N ASP A 59 -7.12 7.13 -1.81
CA ASP A 59 -7.57 7.67 -0.52
C ASP A 59 -7.34 6.66 0.60
N LEU A 60 -7.86 5.45 0.41
CA LEU A 60 -7.71 4.40 1.42
C LEU A 60 -6.24 4.15 1.73
N LYS A 61 -5.39 4.21 0.70
CA LYS A 61 -3.96 3.99 0.87
C LYS A 61 -3.38 4.98 1.88
N LYS A 62 -3.62 6.27 1.64
CA LYS A 62 -3.11 7.31 2.54
C LYS A 62 -3.57 7.07 3.97
N LYS A 63 -4.83 6.67 4.12
CA LYS A 63 -5.38 6.40 5.44
C LYS A 63 -4.68 5.23 6.11
N ALA A 64 -4.23 4.27 5.29
CA ALA A 64 -3.53 3.10 5.80
C ALA A 64 -2.07 3.41 6.08
N LEU A 65 -1.70 4.68 5.93
CA LEU A 65 -0.32 5.11 6.16
C LEU A 65 0.61 4.58 5.08
N LEU A 66 0.06 4.37 3.89
CA LEU A 66 0.84 3.87 2.76
C LEU A 66 1.56 5.01 2.04
N PHE A 67 0.96 6.19 2.07
CA PHE A 67 1.54 7.36 1.43
C PHE A 67 2.02 8.38 2.46
N GLN A 1 3.78 -7.83 -11.46
CA GLN A 1 4.08 -6.54 -12.09
C GLN A 1 5.18 -5.80 -11.33
N TYR A 2 5.03 -5.72 -10.01
CA TYR A 2 6.00 -5.04 -9.17
C TYR A 2 6.56 -5.98 -8.11
N LYS A 3 7.47 -5.47 -7.29
CA LYS A 3 8.08 -6.26 -6.23
C LYS A 3 7.33 -6.08 -4.91
N ILE A 4 6.94 -7.20 -4.30
CA ILE A 4 6.22 -7.16 -3.04
C ILE A 4 7.12 -6.68 -1.91
N TYR A 5 6.88 -5.45 -1.45
CA TYR A 5 7.67 -4.87 -0.37
C TYR A 5 6.98 -5.05 0.97
N PRO A 6 7.75 -4.94 2.07
CA PRO A 6 7.21 -5.07 3.43
C PRO A 6 6.33 -3.90 3.83
N TYR A 7 5.14 -4.21 4.33
CA TYR A 7 4.19 -3.18 4.75
C TYR A 7 4.71 -2.43 5.96
N ASP A 8 5.46 -3.13 6.81
CA ASP A 8 6.01 -2.52 8.02
C ASP A 8 7.07 -1.48 7.66
N SER A 9 7.82 -1.74 6.60
CA SER A 9 8.87 -0.83 6.16
C SER A 9 8.33 0.16 5.13
N LEU A 10 7.20 -0.18 4.54
CA LEU A 10 6.56 0.68 3.54
C LEU A 10 5.77 1.81 4.20
N ILE A 11 5.08 1.47 5.29
CA ILE A 11 4.28 2.46 6.02
C ILE A 11 5.13 3.67 6.39
N VAL A 12 4.67 4.85 6.02
CA VAL A 12 5.37 6.08 6.33
C VAL A 12 5.55 6.26 7.83
N THR A 13 4.63 5.68 8.59
CA THR A 13 4.69 5.77 10.05
C THR A 13 6.02 5.24 10.59
N ASN A 14 6.62 4.32 9.86
CA ASN A 14 7.90 3.75 10.26
C ASN A 14 9.05 4.36 9.48
N ARG A 15 8.75 5.41 8.72
CA ARG A 15 9.75 6.09 7.91
C ARG A 15 10.88 6.63 8.79
N ILE A 16 10.58 6.80 10.07
CA ILE A 16 11.57 7.30 11.02
C ILE A 16 12.57 6.22 11.40
N ARG A 17 12.15 4.96 11.27
CA ARG A 17 13.02 3.83 11.59
C ARG A 17 13.69 3.28 10.34
N VAL A 18 12.91 3.15 9.27
CA VAL A 18 13.44 2.64 8.00
C VAL A 18 12.82 3.37 6.81
N LYS A 19 13.66 3.80 5.88
CA LYS A 19 13.20 4.51 4.69
C LYS A 19 12.95 3.54 3.54
N LEU A 20 12.13 3.96 2.59
CA LEU A 20 11.79 3.13 1.44
C LEU A 20 13.00 2.99 0.51
N PRO A 21 13.04 1.88 -0.23
CA PRO A 21 14.14 1.61 -1.18
C PRO A 21 14.10 2.53 -2.39
N LYS A 22 14.92 2.23 -3.39
CA LYS A 22 14.98 3.03 -4.61
C LYS A 22 14.07 2.44 -5.69
N ASP A 23 13.97 1.11 -5.72
CA ASP A 23 13.14 0.43 -6.69
C ASP A 23 11.70 0.34 -6.22
N VAL A 24 11.14 1.47 -5.81
CA VAL A 24 9.77 1.52 -5.33
C VAL A 24 9.10 2.84 -5.72
N ASP A 25 7.85 2.74 -6.19
CA ASP A 25 7.10 3.92 -6.60
C ASP A 25 6.12 4.34 -5.51
N ARG A 26 5.98 5.65 -5.33
CA ARG A 26 5.08 6.18 -4.31
C ARG A 26 3.69 6.45 -4.89
N THR A 27 3.65 6.70 -6.20
CA THR A 27 2.39 6.97 -6.88
C THR A 27 1.43 5.79 -6.74
N ARG A 28 1.91 4.60 -7.07
CA ARG A 28 1.09 3.39 -6.97
C ARG A 28 1.79 2.33 -6.12
N LEU A 29 1.95 2.63 -4.83
CA LEU A 29 2.59 1.70 -3.91
C LEU A 29 1.70 0.49 -3.64
N GLU A 30 0.43 0.61 -4.03
CA GLU A 30 -0.52 -0.48 -3.82
C GLU A 30 -0.06 -1.76 -4.52
N ARG A 31 0.48 -1.59 -5.73
CA ARG A 31 0.96 -2.73 -6.51
C ARG A 31 2.20 -3.34 -5.87
N HIS A 32 2.80 -2.61 -4.94
CA HIS A 32 4.00 -3.08 -4.25
C HIS A 32 3.63 -3.83 -2.96
N LEU A 33 2.35 -3.81 -2.62
CA LEU A 33 1.87 -4.48 -1.42
C LEU A 33 0.98 -5.68 -1.79
N SER A 34 1.29 -6.83 -1.21
CA SER A 34 0.53 -8.06 -1.47
C SER A 34 -0.97 -7.79 -1.31
N PRO A 35 -1.78 -8.70 -1.86
CA PRO A 35 -3.24 -8.60 -1.78
C PRO A 35 -3.77 -8.84 -0.38
N GLU A 36 -3.23 -9.86 0.29
CA GLU A 36 -3.66 -10.18 1.65
C GLU A 36 -3.30 -9.06 2.61
N GLU A 37 -2.17 -8.40 2.36
CA GLU A 37 -1.72 -7.31 3.22
C GLU A 37 -2.57 -6.05 2.99
N PHE A 38 -2.90 -5.80 1.73
CA PHE A 38 -3.70 -4.63 1.38
C PHE A 38 -5.09 -4.71 2.02
N GLN A 39 -5.70 -5.90 1.97
CA GLN A 39 -7.01 -6.11 2.55
C GLN A 39 -6.93 -6.23 4.07
N GLU A 40 -5.76 -6.63 4.55
CA GLU A 40 -5.55 -6.78 5.99
C GLU A 40 -5.21 -5.45 6.65
N VAL A 41 -4.53 -4.58 5.90
CA VAL A 41 -4.14 -3.28 6.41
C VAL A 41 -5.26 -2.26 6.21
N PHE A 42 -6.13 -2.53 5.25
CA PHE A 42 -7.25 -1.64 4.95
C PHE A 42 -8.47 -2.01 5.78
N GLY A 43 -8.78 -3.30 5.83
CA GLY A 43 -9.93 -3.76 6.59
C GLY A 43 -10.93 -4.52 5.73
N MET A 44 -11.16 -4.02 4.52
CA MET A 44 -12.10 -4.65 3.60
C MET A 44 -11.45 -5.83 2.89
N SER A 45 -12.15 -6.38 1.90
CA SER A 45 -11.64 -7.51 1.14
C SER A 45 -10.89 -7.05 -0.11
N ILE A 46 -9.89 -7.83 -0.51
CA ILE A 46 -9.10 -7.50 -1.69
C ILE A 46 -9.98 -7.28 -2.91
N GLU A 47 -11.12 -7.98 -2.95
CA GLU A 47 -12.04 -7.87 -4.06
C GLU A 47 -12.63 -6.46 -4.14
N GLU A 48 -12.91 -5.89 -2.97
CA GLU A 48 -13.47 -4.54 -2.91
C GLU A 48 -12.57 -3.54 -3.63
N PHE A 49 -11.27 -3.66 -3.42
CA PHE A 49 -10.30 -2.76 -4.05
C PHE A 49 -10.44 -2.81 -5.57
N ASP A 50 -10.33 -4.01 -6.13
CA ASP A 50 -10.43 -4.19 -7.57
C ASP A 50 -11.74 -3.62 -8.10
N ARG A 51 -12.81 -3.78 -7.32
CA ARG A 51 -14.12 -3.28 -7.71
C ARG A 51 -14.20 -1.77 -7.55
N LEU A 52 -13.37 -1.23 -6.66
CA LEU A 52 -13.35 0.20 -6.41
C LEU A 52 -12.55 0.93 -7.50
N ALA A 53 -12.58 2.26 -7.45
CA ALA A 53 -11.85 3.07 -8.43
C ALA A 53 -10.50 3.50 -7.89
N LEU A 54 -9.69 4.10 -8.75
CA LEU A 54 -8.36 4.57 -8.36
C LEU A 54 -8.45 5.58 -7.22
N TRP A 55 -9.22 6.65 -7.45
CA TRP A 55 -9.38 7.69 -6.44
C TRP A 55 -9.62 7.08 -5.06
N LYS A 56 -10.41 6.01 -5.01
CA LYS A 56 -10.72 5.34 -3.76
C LYS A 56 -9.48 4.61 -3.22
N ARG A 57 -8.83 3.84 -4.09
CA ARG A 57 -7.64 3.09 -3.70
C ARG A 57 -6.57 4.03 -3.13
N ASN A 58 -6.45 5.21 -3.73
CA ASN A 58 -5.48 6.20 -3.28
C ASN A 58 -5.82 6.72 -1.89
N ASP A 59 -7.05 7.18 -1.73
CA ASP A 59 -7.50 7.71 -0.45
C ASP A 59 -7.28 6.70 0.67
N LEU A 60 -7.78 5.48 0.48
CA LEU A 60 -7.63 4.42 1.47
C LEU A 60 -6.15 4.18 1.78
N LYS A 61 -5.32 4.26 0.75
CA LYS A 61 -3.89 4.04 0.91
C LYS A 61 -3.30 5.02 1.93
N LYS A 62 -3.55 6.31 1.70
CA LYS A 62 -3.04 7.35 2.60
C LYS A 62 -3.50 7.10 4.03
N LYS A 63 -4.75 6.69 4.19
CA LYS A 63 -5.30 6.41 5.51
C LYS A 63 -4.59 5.24 6.17
N ALA A 64 -4.14 4.29 5.34
CA ALA A 64 -3.43 3.12 5.85
C ALA A 64 -1.96 3.44 6.12
N LEU A 65 -1.60 4.71 5.97
CA LEU A 65 -0.22 5.14 6.20
C LEU A 65 0.70 4.62 5.11
N LEU A 66 0.15 4.42 3.92
CA LEU A 66 0.93 3.91 2.79
C LEU A 66 1.64 5.06 2.07
N PHE A 67 1.04 6.24 2.12
CA PHE A 67 1.61 7.41 1.46
C PHE A 67 2.10 8.42 2.50
N GLN A 1 4.36 -7.69 -12.07
CA GLN A 1 4.22 -6.26 -12.38
C GLN A 1 5.18 -5.44 -11.54
N TYR A 2 5.34 -5.81 -10.27
CA TYR A 2 6.23 -5.09 -9.36
C TYR A 2 6.80 -6.04 -8.31
N LYS A 3 7.58 -5.50 -7.39
CA LYS A 3 8.20 -6.28 -6.33
C LYS A 3 7.42 -6.15 -5.03
N ILE A 4 6.94 -7.27 -4.51
CA ILE A 4 6.18 -7.28 -3.27
C ILE A 4 7.05 -6.83 -2.09
N TYR A 5 6.86 -5.59 -1.66
CA TYR A 5 7.62 -5.04 -0.54
C TYR A 5 6.86 -5.19 0.77
N PRO A 6 7.59 -5.12 1.89
CA PRO A 6 7.00 -5.24 3.23
C PRO A 6 6.12 -4.04 3.59
N TYR A 7 5.01 -4.31 4.27
CA TYR A 7 4.09 -3.25 4.67
C TYR A 7 4.64 -2.49 5.88
N ASP A 8 5.32 -3.21 6.76
CA ASP A 8 5.90 -2.61 7.96
C ASP A 8 6.99 -1.61 7.60
N SER A 9 7.65 -1.84 6.47
CA SER A 9 8.72 -0.96 6.00
C SER A 9 8.19 0.05 5.00
N LEU A 10 7.07 -0.28 4.37
CA LEU A 10 6.46 0.61 3.39
C LEU A 10 5.65 1.71 4.06
N ILE A 11 5.12 1.40 5.24
CA ILE A 11 4.32 2.37 5.99
C ILE A 11 5.14 3.61 6.31
N VAL A 12 4.60 4.78 5.99
CA VAL A 12 5.28 6.04 6.26
C VAL A 12 5.50 6.25 7.75
N THR A 13 4.65 5.62 8.56
CA THR A 13 4.74 5.72 10.01
C THR A 13 6.06 5.16 10.51
N ASN A 14 6.72 4.36 9.67
CA ASN A 14 7.99 3.75 10.04
C ASN A 14 9.16 4.52 9.43
N ARG A 15 8.86 5.70 8.88
CA ARG A 15 9.89 6.53 8.26
C ARG A 15 11.04 6.78 9.23
N ILE A 16 10.71 7.22 10.44
CA ILE A 16 11.72 7.50 11.45
C ILE A 16 12.65 6.31 11.64
N ARG A 17 12.08 5.11 11.60
CA ARG A 17 12.86 3.89 11.77
C ARG A 17 13.61 3.54 10.49
N VAL A 18 12.85 3.14 9.47
CA VAL A 18 13.43 2.78 8.18
C VAL A 18 12.73 3.50 7.03
N LYS A 19 13.45 3.71 5.93
CA LYS A 19 12.90 4.38 4.77
C LYS A 19 12.63 3.39 3.65
N LEU A 20 12.09 3.89 2.54
CA LEU A 20 11.78 3.05 1.39
C LEU A 20 12.97 2.96 0.45
N PRO A 21 13.05 1.85 -0.31
CA PRO A 21 14.14 1.61 -1.27
C PRO A 21 14.05 2.53 -2.48
N LYS A 22 14.87 2.26 -3.49
CA LYS A 22 14.88 3.06 -4.69
C LYS A 22 13.99 2.45 -5.77
N ASP A 23 13.94 1.13 -5.80
CA ASP A 23 13.11 0.41 -6.78
C ASP A 23 11.68 0.28 -6.29
N VAL A 24 11.10 1.40 -5.86
CA VAL A 24 9.72 1.41 -5.37
C VAL A 24 8.99 2.66 -5.82
N ASP A 25 7.78 2.49 -6.33
CA ASP A 25 6.97 3.61 -6.80
C ASP A 25 6.06 4.12 -5.67
N ARG A 26 6.04 5.43 -5.49
CA ARG A 26 5.21 6.05 -4.46
C ARG A 26 3.79 6.28 -4.97
N THR A 27 3.68 6.74 -6.21
CA THR A 27 2.38 7.00 -6.81
C THR A 27 1.46 5.79 -6.69
N ARG A 28 1.97 4.62 -7.08
CA ARG A 28 1.19 3.40 -7.02
C ARG A 28 1.90 2.35 -6.17
N LEU A 29 1.89 2.55 -4.85
CA LEU A 29 2.54 1.63 -3.93
C LEU A 29 1.65 0.42 -3.65
N GLU A 30 0.39 0.53 -4.05
CA GLU A 30 -0.57 -0.55 -3.85
C GLU A 30 -0.10 -1.83 -4.56
N ARG A 31 0.43 -1.66 -5.76
CA ARG A 31 0.91 -2.79 -6.54
C ARG A 31 2.15 -3.41 -5.91
N HIS A 32 2.73 -2.69 -4.94
CA HIS A 32 3.93 -3.16 -4.25
C HIS A 32 3.57 -3.89 -2.97
N LEU A 33 2.28 -3.88 -2.63
CA LEU A 33 1.79 -4.54 -1.42
C LEU A 33 0.91 -5.74 -1.77
N SER A 34 1.21 -6.89 -1.19
CA SER A 34 0.44 -8.11 -1.44
C SER A 34 -1.06 -7.85 -1.28
N PRO A 35 -1.88 -8.75 -1.81
CA PRO A 35 -3.34 -8.65 -1.74
C PRO A 35 -3.87 -8.86 -0.33
N GLU A 36 -3.34 -9.89 0.34
CA GLU A 36 -3.76 -10.20 1.70
C GLU A 36 -3.40 -9.08 2.66
N GLU A 37 -2.27 -8.43 2.40
CA GLU A 37 -1.81 -7.33 3.24
C GLU A 37 -2.65 -6.08 3.01
N PHE A 38 -2.98 -5.81 1.75
CA PHE A 38 -3.78 -4.65 1.40
C PHE A 38 -5.15 -4.72 2.04
N GLN A 39 -5.76 -5.90 2.01
CA GLN A 39 -7.08 -6.10 2.60
C GLN A 39 -6.99 -6.21 4.11
N GLU A 40 -5.82 -6.61 4.60
CA GLU A 40 -5.60 -6.77 6.03
C GLU A 40 -5.24 -5.43 6.69
N VAL A 41 -4.59 -4.57 5.91
CA VAL A 41 -4.19 -3.26 6.41
C VAL A 41 -5.30 -2.23 6.21
N PHE A 42 -6.18 -2.50 5.25
CA PHE A 42 -7.29 -1.59 4.95
C PHE A 42 -8.52 -1.95 5.79
N GLY A 43 -8.83 -3.25 5.85
CA GLY A 43 -9.98 -3.69 6.61
C GLY A 43 -10.99 -4.45 5.77
N MET A 44 -11.22 -3.95 4.55
CA MET A 44 -12.16 -4.59 3.64
C MET A 44 -11.52 -5.78 2.93
N SER A 45 -12.23 -6.33 1.96
CA SER A 45 -11.72 -7.48 1.21
C SER A 45 -10.97 -7.03 -0.04
N ILE A 46 -9.99 -7.82 -0.44
CA ILE A 46 -9.19 -7.51 -1.62
C ILE A 46 -10.07 -7.30 -2.84
N GLU A 47 -11.20 -8.00 -2.88
CA GLU A 47 -12.15 -7.89 -3.99
C GLU A 47 -12.72 -6.47 -4.08
N GLU A 48 -12.99 -5.88 -2.92
CA GLU A 48 -13.55 -4.54 -2.87
C GLU A 48 -12.65 -3.54 -3.59
N PHE A 49 -11.34 -3.68 -3.39
CA PHE A 49 -10.37 -2.78 -4.03
C PHE A 49 -10.51 -2.84 -5.55
N ASP A 50 -10.41 -4.05 -6.10
CA ASP A 50 -10.52 -4.24 -7.54
C ASP A 50 -11.84 -3.68 -8.07
N ARG A 51 -12.89 -3.81 -7.27
CA ARG A 51 -14.21 -3.31 -7.65
C ARG A 51 -14.27 -1.79 -7.52
N LEU A 52 -13.45 -1.25 -6.64
CA LEU A 52 -13.41 0.20 -6.41
C LEU A 52 -12.61 0.90 -7.50
N ALA A 53 -12.63 2.23 -7.48
CA ALA A 53 -11.91 3.02 -8.46
C ALA A 53 -10.54 3.45 -7.93
N LEU A 54 -9.73 4.04 -8.80
CA LEU A 54 -8.40 4.50 -8.41
C LEU A 54 -8.48 5.52 -7.28
N TRP A 55 -9.24 6.59 -7.51
CA TRP A 55 -9.41 7.63 -6.52
C TRP A 55 -9.64 7.04 -5.13
N LYS A 56 -10.43 5.98 -5.07
CA LYS A 56 -10.74 5.31 -3.81
C LYS A 56 -9.50 4.58 -3.27
N ARG A 57 -8.86 3.81 -4.13
CA ARG A 57 -7.67 3.05 -3.74
C ARG A 57 -6.59 3.98 -3.19
N ASN A 58 -6.47 5.17 -3.79
CA ASN A 58 -5.49 6.15 -3.37
C ASN A 58 -5.83 6.69 -1.97
N ASP A 59 -7.05 7.16 -1.81
CA ASP A 59 -7.51 7.70 -0.54
C ASP A 59 -7.28 6.69 0.59
N LEU A 60 -7.78 5.48 0.40
CA LEU A 60 -7.64 4.42 1.39
C LEU A 60 -6.16 4.17 1.71
N LYS A 61 -5.32 4.24 0.68
CA LYS A 61 -3.89 4.02 0.85
C LYS A 61 -3.30 5.01 1.86
N LYS A 62 -3.53 6.29 1.62
CA LYS A 62 -3.03 7.33 2.50
C LYS A 62 -3.49 7.10 3.95
N LYS A 63 -4.75 6.71 4.10
CA LYS A 63 -5.31 6.43 5.43
C LYS A 63 -4.60 5.26 6.09
N ALA A 64 -4.15 4.30 5.27
CA ALA A 64 -3.47 3.12 5.78
C ALA A 64 -1.99 3.42 6.03
N LEU A 65 -1.61 4.69 5.89
CA LEU A 65 -0.24 5.11 6.10
C LEU A 65 0.68 4.55 5.03
N LEU A 66 0.15 4.44 3.81
CA LEU A 66 0.92 3.93 2.69
C LEU A 66 1.63 5.05 1.95
N PHE A 67 1.03 6.24 1.99
CA PHE A 67 1.61 7.41 1.33
C PHE A 67 2.11 8.42 2.35
N GLN A 1 4.35 -8.10 -11.58
CA GLN A 1 4.57 -6.81 -12.22
C GLN A 1 5.52 -5.95 -11.39
N TYR A 2 5.49 -6.14 -10.08
CA TYR A 2 6.34 -5.38 -9.17
C TYR A 2 6.92 -6.27 -8.08
N LYS A 3 7.67 -5.67 -7.17
CA LYS A 3 8.28 -6.41 -6.06
C LYS A 3 7.48 -6.24 -4.77
N ILE A 4 6.90 -7.32 -4.30
CA ILE A 4 6.10 -7.29 -3.07
C ILE A 4 6.97 -6.90 -1.87
N TYR A 5 6.88 -5.63 -1.49
CA TYR A 5 7.66 -5.14 -0.36
C TYR A 5 6.88 -5.30 0.94
N PRO A 6 7.61 -5.26 2.07
CA PRO A 6 7.02 -5.41 3.40
C PRO A 6 6.17 -4.21 3.79
N TYR A 7 4.97 -4.48 4.31
CA TYR A 7 4.07 -3.41 4.73
C TYR A 7 4.60 -2.69 5.96
N ASP A 8 5.30 -3.43 6.82
CA ASP A 8 5.87 -2.85 8.03
C ASP A 8 6.95 -1.84 7.71
N SER A 9 7.65 -2.06 6.60
CA SER A 9 8.72 -1.17 6.17
C SER A 9 8.22 -0.16 5.15
N LEU A 10 7.13 -0.51 4.48
CA LEU A 10 6.54 0.37 3.47
C LEU A 10 5.75 1.50 4.13
N ILE A 11 5.09 1.18 5.23
CA ILE A 11 4.30 2.18 5.96
C ILE A 11 5.13 3.43 6.25
N VAL A 12 4.61 4.58 5.81
CA VAL A 12 5.29 5.85 6.02
C VAL A 12 5.49 6.13 7.51
N THR A 13 4.65 5.52 8.34
CA THR A 13 4.73 5.70 9.78
C THR A 13 6.09 5.27 10.32
N ASN A 14 6.79 4.45 9.54
CA ASN A 14 8.11 3.96 9.94
C ASN A 14 9.22 4.77 9.26
N ARG A 15 8.83 5.88 8.63
CA ARG A 15 9.79 6.74 7.95
C ARG A 15 10.95 7.10 8.87
N ILE A 16 10.67 7.16 10.17
CA ILE A 16 11.70 7.49 11.15
C ILE A 16 12.66 6.33 11.36
N ARG A 17 12.13 5.11 11.30
CA ARG A 17 12.94 3.91 11.48
C ARG A 17 13.74 3.61 10.23
N VAL A 18 13.07 3.60 9.08
CA VAL A 18 13.72 3.33 7.80
C VAL A 18 12.93 3.91 6.64
N LYS A 19 13.64 4.31 5.59
CA LYS A 19 13.01 4.88 4.41
C LYS A 19 12.80 3.83 3.33
N LEU A 20 11.97 4.16 2.34
CA LEU A 20 11.69 3.24 1.24
C LEU A 20 12.90 3.08 0.34
N PRO A 21 13.00 1.92 -0.32
CA PRO A 21 14.10 1.62 -1.24
C PRO A 21 14.03 2.45 -2.52
N LYS A 22 14.89 2.11 -3.48
CA LYS A 22 14.93 2.83 -4.75
C LYS A 22 14.06 2.14 -5.79
N ASP A 23 13.99 0.82 -5.72
CA ASP A 23 13.18 0.04 -6.65
C ASP A 23 11.73 -0.04 -6.18
N VAL A 24 11.15 1.11 -5.86
CA VAL A 24 9.77 1.16 -5.39
C VAL A 24 9.08 2.44 -5.85
N ASP A 25 7.85 2.31 -6.30
CA ASP A 25 7.07 3.47 -6.78
C ASP A 25 6.07 3.91 -5.73
N ARG A 26 6.20 5.15 -5.28
CA ARG A 26 5.30 5.71 -4.27
C ARG A 26 3.92 5.99 -4.87
N THR A 27 3.91 6.40 -6.14
CA THR A 27 2.66 6.72 -6.82
C THR A 27 1.66 5.58 -6.69
N ARG A 28 2.10 4.37 -7.05
CA ARG A 28 1.24 3.20 -6.99
C ARG A 28 1.86 2.13 -6.10
N LEU A 29 2.05 2.45 -4.82
CA LEU A 29 2.64 1.52 -3.87
C LEU A 29 1.70 0.33 -3.63
N GLU A 30 0.45 0.48 -4.03
CA GLU A 30 -0.54 -0.58 -3.86
C GLU A 30 -0.10 -1.86 -4.57
N ARG A 31 0.45 -1.70 -5.76
CA ARG A 31 0.91 -2.84 -6.54
C ARG A 31 2.14 -3.48 -5.91
N HIS A 32 2.73 -2.78 -4.94
CA HIS A 32 3.92 -3.27 -4.25
C HIS A 32 3.53 -4.01 -2.98
N LEU A 33 2.24 -3.97 -2.64
CA LEU A 33 1.74 -4.63 -1.44
C LEU A 33 0.82 -5.80 -1.80
N SER A 34 1.11 -6.97 -1.23
CA SER A 34 0.31 -8.16 -1.49
C SER A 34 -1.18 -7.87 -1.32
N PRO A 35 -2.02 -8.76 -1.87
CA PRO A 35 -3.47 -8.63 -1.79
C PRO A 35 -4.01 -8.85 -0.37
N GLU A 36 -3.49 -9.89 0.29
CA GLU A 36 -3.92 -10.20 1.64
C GLU A 36 -3.54 -9.09 2.61
N GLU A 37 -2.39 -8.46 2.36
CA GLU A 37 -1.92 -7.37 3.20
C GLU A 37 -2.73 -6.10 2.98
N PHE A 38 -3.06 -5.83 1.71
CA PHE A 38 -3.83 -4.65 1.35
C PHE A 38 -5.20 -4.68 2.01
N GLN A 39 -5.83 -5.85 1.99
CA GLN A 39 -7.16 -6.02 2.58
C GLN A 39 -7.06 -6.16 4.10
N GLU A 40 -5.90 -6.59 4.57
CA GLU A 40 -5.69 -6.76 6.01
C GLU A 40 -5.30 -5.44 6.66
N VAL A 41 -4.65 -4.58 5.90
CA VAL A 41 -4.21 -3.28 6.39
C VAL A 41 -5.30 -2.22 6.19
N PHE A 42 -6.18 -2.47 5.23
CA PHE A 42 -7.27 -1.54 4.93
C PHE A 42 -8.51 -1.85 5.76
N GLY A 43 -8.85 -3.14 5.84
CA GLY A 43 -10.01 -3.55 6.62
C GLY A 43 -11.03 -4.29 5.77
N MET A 44 -11.26 -3.81 4.55
CA MET A 44 -12.21 -4.43 3.65
C MET A 44 -11.60 -5.64 2.95
N SER A 45 -12.32 -6.18 1.98
CA SER A 45 -11.84 -7.34 1.23
C SER A 45 -11.10 -6.92 -0.03
N ILE A 46 -10.12 -7.73 -0.43
CA ILE A 46 -9.33 -7.44 -1.62
C ILE A 46 -10.23 -7.23 -2.84
N GLU A 47 -11.37 -7.91 -2.85
CA GLU A 47 -12.32 -7.79 -3.95
C GLU A 47 -12.87 -6.37 -4.05
N GLU A 48 -13.13 -5.76 -2.90
CA GLU A 48 -13.65 -4.40 -2.86
C GLU A 48 -12.73 -3.44 -3.59
N PHE A 49 -11.43 -3.59 -3.40
CA PHE A 49 -10.45 -2.73 -4.04
C PHE A 49 -10.59 -2.78 -5.56
N ASP A 50 -10.53 -3.99 -6.12
CA ASP A 50 -10.66 -4.18 -7.56
C ASP A 50 -11.96 -3.57 -8.07
N ARG A 51 -13.02 -3.70 -7.28
CA ARG A 51 -14.32 -3.16 -7.66
C ARG A 51 -14.35 -1.64 -7.51
N LEU A 52 -13.49 -1.13 -6.63
CA LEU A 52 -13.41 0.32 -6.40
C LEU A 52 -12.62 1.01 -7.50
N ALA A 53 -12.57 2.33 -7.44
CA ALA A 53 -11.84 3.12 -8.43
C ALA A 53 -10.48 3.53 -7.90
N LEU A 54 -9.66 4.10 -8.77
CA LEU A 54 -8.32 4.54 -8.39
C LEU A 54 -8.39 5.58 -7.27
N TRP A 55 -9.12 6.65 -7.50
CA TRP A 55 -9.27 7.71 -6.51
C TRP A 55 -9.51 7.12 -5.12
N LYS A 56 -10.32 6.07 -5.06
CA LYS A 56 -10.63 5.42 -3.79
C LYS A 56 -9.41 4.67 -3.26
N ARG A 57 -8.77 3.89 -4.13
CA ARG A 57 -7.59 3.12 -3.75
C ARG A 57 -6.50 4.04 -3.19
N ASN A 58 -6.36 5.21 -3.79
CA ASN A 58 -5.36 6.18 -3.35
C ASN A 58 -5.68 6.71 -1.96
N ASP A 59 -6.91 7.20 -1.79
CA ASP A 59 -7.35 7.74 -0.51
C ASP A 59 -7.15 6.72 0.61
N LEU A 60 -7.66 5.51 0.40
CA LEU A 60 -7.52 4.44 1.39
C LEU A 60 -6.06 4.17 1.70
N LYS A 61 -5.21 4.23 0.68
CA LYS A 61 -3.79 3.99 0.85
C LYS A 61 -3.19 4.95 1.87
N LYS A 62 -3.37 6.24 1.64
CA LYS A 62 -2.86 7.28 2.53
C LYS A 62 -3.34 7.03 3.96
N LYS A 63 -4.61 6.67 4.10
CA LYS A 63 -5.18 6.41 5.41
C LYS A 63 -4.52 5.20 6.07
N ALA A 64 -4.07 4.26 5.25
CA ALA A 64 -3.41 3.06 5.75
C ALA A 64 -1.94 3.32 6.05
N LEU A 65 -1.54 4.59 5.94
CA LEU A 65 -0.16 4.97 6.20
C LEU A 65 0.76 4.45 5.10
N LEU A 66 0.23 4.35 3.88
CA LEU A 66 1.00 3.87 2.74
C LEU A 66 1.70 5.02 2.03
N PHE A 67 1.06 6.20 2.05
CA PHE A 67 1.62 7.37 1.41
C PHE A 67 2.06 8.40 2.45
N GLN A 1 4.65 -7.57 -12.23
CA GLN A 1 4.44 -6.15 -12.43
C GLN A 1 5.36 -5.32 -11.54
N TYR A 2 5.45 -5.72 -10.27
CA TYR A 2 6.30 -5.02 -9.31
C TYR A 2 6.84 -5.97 -8.26
N LYS A 3 7.57 -5.43 -7.29
CA LYS A 3 8.15 -6.24 -6.23
C LYS A 3 7.39 -6.05 -4.92
N ILE A 4 6.92 -7.15 -4.35
CA ILE A 4 6.17 -7.11 -3.10
C ILE A 4 7.06 -6.64 -1.95
N TYR A 5 6.89 -5.38 -1.54
CA TYR A 5 7.67 -4.82 -0.45
C TYR A 5 6.95 -5.00 0.88
N PRO A 6 7.73 -4.90 1.98
CA PRO A 6 7.18 -5.05 3.34
C PRO A 6 6.29 -3.88 3.74
N TYR A 7 5.11 -4.19 4.24
CA TYR A 7 4.16 -3.16 4.66
C TYR A 7 4.68 -2.42 5.88
N ASP A 8 5.40 -3.13 6.74
CA ASP A 8 5.96 -2.53 7.95
C ASP A 8 7.02 -1.49 7.61
N SER A 9 7.78 -1.75 6.55
CA SER A 9 8.83 -0.83 6.12
C SER A 9 8.29 0.17 5.09
N LEU A 10 7.16 -0.17 4.49
CA LEU A 10 6.54 0.69 3.50
C LEU A 10 5.76 1.82 4.16
N ILE A 11 5.04 1.48 5.23
CA ILE A 11 4.26 2.47 5.96
C ILE A 11 5.10 3.68 6.34
N VAL A 12 4.65 4.86 5.95
CA VAL A 12 5.36 6.10 6.27
C VAL A 12 5.54 6.27 7.77
N THR A 13 4.64 5.67 8.54
CA THR A 13 4.70 5.75 10.00
C THR A 13 6.04 5.26 10.52
N ASN A 14 6.65 4.33 9.79
CA ASN A 14 7.94 3.77 10.18
C ASN A 14 9.07 4.40 9.38
N ARG A 15 8.73 5.42 8.59
CA ARG A 15 9.73 6.11 7.77
C ARG A 15 10.89 6.61 8.62
N ILE A 16 10.62 6.84 9.89
CA ILE A 16 11.64 7.33 10.81
C ILE A 16 12.64 6.22 11.16
N ARG A 17 12.16 4.98 11.15
CA ARG A 17 13.01 3.83 11.45
C ARG A 17 13.71 3.32 10.20
N VAL A 18 12.95 3.23 9.10
CA VAL A 18 13.49 2.75 7.84
C VAL A 18 12.83 3.46 6.66
N LYS A 19 13.66 3.98 5.75
CA LYS A 19 13.16 4.68 4.57
C LYS A 19 12.93 3.71 3.42
N LEU A 20 12.03 4.07 2.52
CA LEU A 20 11.72 3.24 1.36
C LEU A 20 12.93 3.10 0.44
N PRO A 21 12.99 1.97 -0.30
CA PRO A 21 14.08 1.70 -1.23
C PRO A 21 14.05 2.62 -2.45
N LYS A 22 14.87 2.30 -3.44
CA LYS A 22 14.95 3.09 -4.66
C LYS A 22 14.04 2.50 -5.74
N ASP A 23 13.97 1.17 -5.78
CA ASP A 23 13.14 0.49 -6.76
C ASP A 23 11.70 0.38 -6.28
N VAL A 24 11.13 1.51 -5.87
CA VAL A 24 9.76 1.54 -5.39
C VAL A 24 9.06 2.83 -5.82
N ASP A 25 7.83 2.70 -6.28
CA ASP A 25 7.05 3.86 -6.73
C ASP A 25 6.08 4.29 -5.63
N ARG A 26 5.95 5.61 -5.47
CA ARG A 26 5.04 6.16 -4.45
C ARG A 26 3.65 6.39 -5.04
N THR A 27 3.61 6.76 -6.31
CA THR A 27 2.34 7.02 -6.99
C THR A 27 1.38 5.85 -6.82
N ARG A 28 1.83 4.64 -7.15
CA ARG A 28 1.01 3.45 -7.03
C ARG A 28 1.71 2.39 -6.18
N LEU A 29 1.87 2.67 -4.89
CA LEU A 29 2.53 1.75 -3.98
C LEU A 29 1.65 0.53 -3.71
N GLU A 30 0.37 0.64 -4.08
CA GLU A 30 -0.57 -0.44 -3.88
C GLU A 30 -0.11 -1.71 -4.59
N ARG A 31 0.43 -1.55 -5.79
CA ARG A 31 0.90 -2.67 -6.58
C ARG A 31 2.15 -3.29 -5.95
N HIS A 32 2.74 -2.57 -5.00
CA HIS A 32 3.94 -3.04 -4.31
C HIS A 32 3.57 -3.79 -3.04
N LEU A 33 2.29 -3.78 -2.70
CA LEU A 33 1.81 -4.46 -1.50
C LEU A 33 0.93 -5.65 -1.87
N SER A 34 1.24 -6.81 -1.29
CA SER A 34 0.47 -8.02 -1.56
C SER A 34 -1.03 -7.76 -1.38
N PRO A 35 -1.84 -8.68 -1.94
CA PRO A 35 -3.30 -8.57 -1.86
C PRO A 35 -3.83 -8.81 -0.45
N GLU A 36 -3.30 -9.83 0.21
CA GLU A 36 -3.71 -10.16 1.56
C GLU A 36 -3.35 -9.05 2.54
N GLU A 37 -2.23 -8.39 2.29
CA GLU A 37 -1.77 -7.30 3.14
C GLU A 37 -2.61 -6.05 2.92
N PHE A 38 -2.95 -5.78 1.66
CA PHE A 38 -3.76 -4.61 1.32
C PHE A 38 -5.13 -4.69 1.97
N GLN A 39 -5.74 -5.88 1.93
CA GLN A 39 -7.06 -6.08 2.51
C GLN A 39 -6.96 -6.22 4.03
N GLU A 40 -5.79 -6.62 4.51
CA GLU A 40 -5.57 -6.79 5.93
C GLU A 40 -5.22 -5.46 6.60
N VAL A 41 -4.56 -4.59 5.85
CA VAL A 41 -4.16 -3.28 6.36
C VAL A 41 -5.28 -2.26 6.17
N PHE A 42 -6.16 -2.52 5.21
CA PHE A 42 -7.27 -1.62 4.93
C PHE A 42 -8.50 -1.99 5.76
N GLY A 43 -8.81 -3.28 5.80
CA GLY A 43 -9.95 -3.75 6.57
C GLY A 43 -10.95 -4.50 5.71
N MET A 44 -11.19 -3.99 4.50
CA MET A 44 -12.14 -4.63 3.59
C MET A 44 -11.49 -5.81 2.87
N SER A 45 -12.19 -6.35 1.88
CA SER A 45 -11.69 -7.49 1.12
C SER A 45 -10.94 -7.02 -0.12
N ILE A 46 -9.96 -7.80 -0.54
CA ILE A 46 -9.16 -7.46 -1.73
C ILE A 46 -10.05 -7.24 -2.94
N GLU A 47 -11.18 -7.95 -2.98
CA GLU A 47 -12.13 -7.83 -4.09
C GLU A 47 -12.71 -6.42 -4.15
N GLU A 48 -12.98 -5.85 -2.99
CA GLU A 48 -13.54 -4.50 -2.91
C GLU A 48 -12.64 -3.50 -3.65
N PHE A 49 -11.34 -3.62 -3.43
CA PHE A 49 -10.37 -2.72 -4.07
C PHE A 49 -10.51 -2.77 -5.59
N ASP A 50 -10.41 -3.96 -6.15
CA ASP A 50 -10.52 -4.14 -7.60
C ASP A 50 -11.83 -3.57 -8.11
N ARG A 51 -12.89 -3.73 -7.34
CA ARG A 51 -14.21 -3.24 -7.71
C ARG A 51 -14.29 -1.73 -7.55
N LEU A 52 -13.46 -1.18 -6.66
CA LEU A 52 -13.43 0.25 -6.42
C LEU A 52 -12.65 0.98 -7.50
N ALA A 53 -12.66 2.30 -7.46
CA ALA A 53 -11.95 3.11 -8.43
C ALA A 53 -10.58 3.54 -7.90
N LEU A 54 -9.77 4.15 -8.76
CA LEU A 54 -8.45 4.60 -8.37
C LEU A 54 -8.53 5.62 -7.23
N TRP A 55 -9.29 6.69 -7.46
CA TRP A 55 -9.45 7.72 -6.45
C TRP A 55 -9.68 7.11 -5.07
N LYS A 56 -10.47 6.05 -5.02
CA LYS A 56 -10.77 5.38 -3.77
C LYS A 56 -9.55 4.65 -3.24
N ARG A 57 -8.89 3.87 -4.09
CA ARG A 57 -7.71 3.13 -3.72
C ARG A 57 -6.64 4.06 -3.15
N ASN A 58 -6.52 5.25 -3.75
CA ASN A 58 -5.53 6.22 -3.31
C ASN A 58 -5.87 6.75 -1.91
N ASP A 59 -7.10 7.22 -1.74
CA ASP A 59 -7.56 7.74 -0.45
C ASP A 59 -7.32 6.72 0.65
N LEU A 60 -7.82 5.51 0.46
CA LEU A 60 -7.67 4.45 1.44
C LEU A 60 -6.19 4.20 1.75
N LYS A 61 -5.36 4.27 0.72
CA LYS A 61 -3.92 4.06 0.89
C LYS A 61 -3.34 5.04 1.90
N LYS A 62 -3.58 6.34 1.68
CA LYS A 62 -3.09 7.37 2.57
C LYS A 62 -3.53 7.11 4.01
N LYS A 63 -4.79 6.71 4.16
CA LYS A 63 -5.33 6.42 5.48
C LYS A 63 -4.61 5.24 6.14
N ALA A 64 -4.17 4.30 5.32
CA ALA A 64 -3.45 3.13 5.81
C ALA A 64 -1.99 3.45 6.08
N LEU A 65 -1.63 4.72 5.92
CA LEU A 65 -0.25 5.16 6.15
C LEU A 65 0.67 4.64 5.05
N LEU A 66 0.12 4.43 3.87
CA LEU A 66 0.88 3.94 2.73
C LEU A 66 1.60 5.09 2.02
N PHE A 67 1.00 6.27 2.07
CA PHE A 67 1.58 7.44 1.43
C PHE A 67 2.06 8.45 2.48
N GLN A 1 4.62 -7.97 -11.93
CA GLN A 1 4.63 -6.58 -12.38
C GLN A 1 5.53 -5.73 -11.48
N TYR A 2 5.57 -6.08 -10.20
CA TYR A 2 6.38 -5.34 -9.24
C TYR A 2 6.94 -6.27 -8.17
N LYS A 3 7.66 -5.70 -7.21
CA LYS A 3 8.24 -6.47 -6.12
C LYS A 3 7.45 -6.26 -4.82
N ILE A 4 6.88 -7.35 -4.31
CA ILE A 4 6.10 -7.28 -3.08
C ILE A 4 6.99 -6.87 -1.90
N TYR A 5 6.87 -5.62 -1.50
CA TYR A 5 7.66 -5.09 -0.39
C TYR A 5 6.90 -5.25 0.93
N PRO A 6 7.66 -5.20 2.04
CA PRO A 6 7.08 -5.33 3.39
C PRO A 6 6.23 -4.13 3.78
N TYR A 7 5.06 -4.41 4.35
CA TYR A 7 4.15 -3.35 4.77
C TYR A 7 4.71 -2.59 5.97
N ASP A 8 5.43 -3.31 6.82
CA ASP A 8 6.03 -2.70 8.00
C ASP A 8 7.08 -1.67 7.63
N SER A 9 7.75 -1.90 6.50
CA SER A 9 8.79 -0.99 6.02
C SER A 9 8.22 -0.02 5.00
N LEU A 10 7.12 -0.41 4.36
CA LEU A 10 6.48 0.44 3.36
C LEU A 10 5.69 1.57 4.03
N ILE A 11 5.08 1.27 5.16
CA ILE A 11 4.30 2.26 5.89
C ILE A 11 5.13 3.52 6.17
N VAL A 12 4.59 4.67 5.78
CA VAL A 12 5.28 5.94 5.99
C VAL A 12 5.53 6.20 7.47
N THR A 13 4.70 5.58 8.32
CA THR A 13 4.83 5.75 9.76
C THR A 13 6.19 5.26 10.25
N ASN A 14 6.84 4.44 9.44
CA ASN A 14 8.14 3.89 9.80
C ASN A 14 9.27 4.75 9.20
N ARG A 15 8.89 5.85 8.56
CA ARG A 15 9.85 6.75 7.96
C ARG A 15 10.92 7.15 8.96
N ILE A 16 10.54 7.27 10.23
CA ILE A 16 11.46 7.64 11.28
C ILE A 16 12.53 6.58 11.48
N ARG A 17 12.14 5.32 11.33
CA ARG A 17 13.07 4.20 11.50
C ARG A 17 13.79 3.90 10.18
N VAL A 18 13.02 3.51 9.16
CA VAL A 18 13.58 3.19 7.86
C VAL A 18 12.76 3.82 6.74
N LYS A 19 13.42 4.15 5.64
CA LYS A 19 12.75 4.75 4.49
C LYS A 19 12.56 3.75 3.37
N LEU A 20 11.72 4.09 2.41
CA LEU A 20 11.45 3.20 1.28
C LEU A 20 12.68 3.05 0.40
N PRO A 21 12.78 1.89 -0.28
CA PRO A 21 13.90 1.59 -1.17
C PRO A 21 13.90 2.46 -2.43
N LYS A 22 14.76 2.11 -3.38
CA LYS A 22 14.86 2.85 -4.62
C LYS A 22 14.01 2.19 -5.72
N ASP A 23 13.93 0.87 -5.69
CA ASP A 23 13.14 0.12 -6.66
C ASP A 23 11.69 0.03 -6.24
N VAL A 24 11.10 1.17 -5.89
CA VAL A 24 9.71 1.23 -5.46
C VAL A 24 9.04 2.52 -5.90
N ASP A 25 7.81 2.40 -6.39
CA ASP A 25 7.06 3.57 -6.86
C ASP A 25 6.02 3.99 -5.82
N ARG A 26 6.28 5.08 -5.14
CA ARG A 26 5.37 5.59 -4.12
C ARG A 26 4.00 5.89 -4.72
N THR A 27 3.99 6.30 -5.99
CA THR A 27 2.76 6.63 -6.68
C THR A 27 1.74 5.51 -6.55
N ARG A 28 2.15 4.30 -6.93
CA ARG A 28 1.26 3.14 -6.85
C ARG A 28 1.85 2.07 -5.93
N LEU A 29 2.07 2.43 -4.68
CA LEU A 29 2.63 1.50 -3.70
C LEU A 29 1.71 0.31 -3.49
N GLU A 30 0.45 0.45 -3.91
CA GLU A 30 -0.53 -0.62 -3.77
C GLU A 30 -0.07 -1.87 -4.51
N ARG A 31 0.49 -1.67 -5.69
CA ARG A 31 0.96 -2.79 -6.50
C ARG A 31 2.20 -3.43 -5.88
N HIS A 32 2.76 -2.76 -4.88
CA HIS A 32 3.95 -3.26 -4.19
C HIS A 32 3.56 -4.00 -2.92
N LEU A 33 2.27 -3.98 -2.59
CA LEU A 33 1.78 -4.65 -1.39
C LEU A 33 0.87 -5.81 -1.76
N SER A 34 1.16 -6.98 -1.19
CA SER A 34 0.37 -8.18 -1.47
C SER A 34 -1.13 -7.89 -1.29
N PRO A 35 -1.97 -8.79 -1.84
CA PRO A 35 -3.43 -8.66 -1.77
C PRO A 35 -3.95 -8.88 -0.35
N GLU A 36 -3.43 -9.91 0.31
CA GLU A 36 -3.85 -10.24 1.66
C GLU A 36 -3.47 -9.13 2.63
N GLU A 37 -2.32 -8.49 2.39
CA GLU A 37 -1.85 -7.41 3.24
C GLU A 37 -2.68 -6.14 3.02
N PHE A 38 -3.01 -5.87 1.77
CA PHE A 38 -3.79 -4.69 1.42
C PHE A 38 -5.17 -4.75 2.07
N GLN A 39 -5.80 -5.92 2.02
CA GLN A 39 -7.12 -6.10 2.61
C GLN A 39 -7.04 -6.23 4.12
N GLU A 40 -5.86 -6.65 4.61
CA GLU A 40 -5.66 -6.83 6.04
C GLU A 40 -5.28 -5.50 6.69
N VAL A 41 -4.59 -4.64 5.95
CA VAL A 41 -4.17 -3.35 6.46
C VAL A 41 -5.27 -2.30 6.27
N PHE A 42 -6.15 -2.56 5.31
CA PHE A 42 -7.25 -1.64 5.02
C PHE A 42 -8.48 -1.98 5.85
N GLY A 43 -8.82 -3.27 5.90
CA GLY A 43 -9.97 -3.71 6.66
C GLY A 43 -10.98 -4.44 5.81
N MET A 44 -11.21 -3.93 4.60
CA MET A 44 -12.17 -4.54 3.68
C MET A 44 -11.55 -5.74 2.97
N SER A 45 -12.27 -6.27 1.98
CA SER A 45 -11.79 -7.42 1.23
C SER A 45 -11.03 -6.97 -0.03
N ILE A 46 -10.06 -7.77 -0.44
CA ILE A 46 -9.26 -7.46 -1.62
C ILE A 46 -10.15 -7.23 -2.84
N GLU A 47 -11.30 -7.92 -2.87
CA GLU A 47 -12.22 -7.80 -3.99
C GLU A 47 -12.79 -6.38 -4.06
N GLU A 48 -13.04 -5.78 -2.90
CA GLU A 48 -13.58 -4.42 -2.83
C GLU A 48 -12.67 -3.45 -3.57
N PHE A 49 -11.36 -3.58 -3.35
CA PHE A 49 -10.38 -2.71 -3.99
C PHE A 49 -10.52 -2.76 -5.51
N ASP A 50 -10.43 -3.96 -6.07
CA ASP A 50 -10.55 -4.15 -7.51
C ASP A 50 -11.86 -3.55 -8.03
N ARG A 51 -12.93 -3.71 -7.26
CA ARG A 51 -14.23 -3.19 -7.64
C ARG A 51 -14.27 -1.67 -7.51
N LEU A 52 -13.45 -1.14 -6.62
CA LEU A 52 -13.40 0.30 -6.38
C LEU A 52 -12.58 1.00 -7.47
N ALA A 53 -12.57 2.32 -7.45
CA ALA A 53 -11.84 3.10 -8.43
C ALA A 53 -10.47 3.52 -7.89
N LEU A 54 -9.66 4.12 -8.75
CA LEU A 54 -8.32 4.56 -8.35
C LEU A 54 -8.40 5.58 -7.22
N TRP A 55 -9.15 6.65 -7.45
CA TRP A 55 -9.31 7.70 -6.45
C TRP A 55 -9.55 7.09 -5.07
N LYS A 56 -10.35 6.03 -5.02
CA LYS A 56 -10.65 5.36 -3.75
C LYS A 56 -9.42 4.63 -3.22
N ARG A 57 -8.79 3.84 -4.09
CA ARG A 57 -7.61 3.08 -3.70
C ARG A 57 -6.53 4.00 -3.13
N ASN A 58 -6.39 5.18 -3.73
CA ASN A 58 -5.40 6.15 -3.29
C ASN A 58 -5.74 6.67 -1.90
N ASP A 59 -6.96 7.15 -1.73
CA ASP A 59 -7.42 7.68 -0.46
C ASP A 59 -7.20 6.67 0.66
N LEU A 60 -7.70 5.45 0.46
CA LEU A 60 -7.56 4.39 1.45
C LEU A 60 -6.09 4.14 1.77
N LYS A 61 -5.25 4.20 0.74
CA LYS A 61 -3.82 3.98 0.91
C LYS A 61 -3.23 4.95 1.92
N LYS A 62 -3.44 6.24 1.69
CA LYS A 62 -2.93 7.27 2.59
C LYS A 62 -3.40 7.03 4.01
N LYS A 63 -4.66 6.62 4.16
CA LYS A 63 -5.24 6.35 5.47
C LYS A 63 -4.54 5.17 6.14
N ALA A 64 -4.08 4.22 5.33
CA ALA A 64 -3.38 3.05 5.84
C ALA A 64 -1.91 3.35 6.11
N LEU A 65 -1.54 4.62 5.98
CA LEU A 65 -0.16 5.04 6.20
C LEU A 65 0.75 4.53 5.10
N LEU A 66 0.21 4.44 3.89
CA LEU A 66 0.98 3.95 2.74
C LEU A 66 1.65 5.12 2.02
N PHE A 67 1.00 6.28 2.04
CA PHE A 67 1.54 7.46 1.39
C PHE A 67 1.99 8.50 2.42
N GLN A 1 4.70 -7.79 -11.74
CA GLN A 1 4.76 -6.45 -12.29
C GLN A 1 5.61 -5.53 -11.41
N TYR A 2 5.63 -5.82 -10.12
CA TYR A 2 6.40 -5.03 -9.17
C TYR A 2 7.01 -5.91 -8.09
N LYS A 3 7.68 -5.28 -7.12
CA LYS A 3 8.31 -6.01 -6.03
C LYS A 3 7.50 -5.89 -4.75
N ILE A 4 6.99 -7.02 -4.28
CA ILE A 4 6.19 -7.04 -3.05
C ILE A 4 7.02 -6.66 -1.84
N TYR A 5 6.97 -5.38 -1.47
CA TYR A 5 7.73 -4.89 -0.32
C TYR A 5 6.94 -5.08 0.97
N PRO A 6 7.66 -5.05 2.10
CA PRO A 6 7.06 -5.23 3.43
C PRO A 6 6.19 -4.03 3.83
N TYR A 7 5.02 -4.32 4.39
CA TYR A 7 4.10 -3.28 4.82
C TYR A 7 4.65 -2.53 6.03
N ASP A 8 5.34 -3.26 6.90
CA ASP A 8 5.92 -2.66 8.10
C ASP A 8 6.96 -1.61 7.74
N SER A 9 7.62 -1.81 6.61
CA SER A 9 8.65 -0.88 6.15
C SER A 9 8.07 0.11 5.13
N LEU A 10 7.01 -0.31 4.45
CA LEU A 10 6.37 0.54 3.46
C LEU A 10 5.55 1.65 4.12
N ILE A 11 5.00 1.34 5.29
CA ILE A 11 4.19 2.32 6.02
C ILE A 11 5.00 3.57 6.32
N VAL A 12 4.45 4.72 5.96
CA VAL A 12 5.12 6.01 6.20
C VAL A 12 5.33 6.24 7.69
N THR A 13 4.51 5.61 8.51
CA THR A 13 4.61 5.75 9.96
C THR A 13 5.97 5.26 10.47
N ASN A 14 6.64 4.46 9.65
CA ASN A 14 7.96 3.93 10.01
C ASN A 14 9.07 4.82 9.48
N ARG A 15 8.69 5.91 8.83
CA ARG A 15 9.66 6.84 8.27
C ARG A 15 10.70 7.25 9.30
N ILE A 16 10.29 7.27 10.57
CA ILE A 16 11.18 7.64 11.65
C ILE A 16 12.28 6.59 11.84
N ARG A 17 11.92 5.33 11.65
CA ARG A 17 12.88 4.23 11.80
C ARG A 17 13.61 3.97 10.48
N VAL A 18 12.84 3.62 9.45
CA VAL A 18 13.42 3.34 8.14
C VAL A 18 12.60 3.98 7.02
N LYS A 19 13.26 4.36 5.94
CA LYS A 19 12.59 4.98 4.80
C LYS A 19 12.39 3.98 3.67
N LEU A 20 11.59 4.37 2.68
CA LEU A 20 11.33 3.50 1.54
C LEU A 20 12.57 3.33 0.68
N PRO A 21 12.65 2.19 -0.03
CA PRO A 21 13.79 1.88 -0.91
C PRO A 21 13.82 2.76 -2.15
N LYS A 22 14.70 2.41 -3.09
CA LYS A 22 14.83 3.18 -4.32
C LYS A 22 13.98 2.56 -5.43
N ASP A 23 13.87 1.24 -5.43
CA ASP A 23 13.09 0.52 -6.44
C ASP A 23 11.62 0.44 -6.03
N VAL A 24 11.05 1.59 -5.66
CA VAL A 24 9.65 1.64 -5.24
C VAL A 24 9.02 2.97 -5.64
N ASP A 25 7.78 2.91 -6.13
CA ASP A 25 7.06 4.11 -6.54
C ASP A 25 6.00 4.47 -5.51
N ARG A 26 6.06 5.70 -5.00
CA ARG A 26 5.11 6.17 -4.02
C ARG A 26 3.74 6.44 -4.66
N THR A 27 3.76 6.67 -5.97
CA THR A 27 2.53 6.94 -6.71
C THR A 27 1.55 5.77 -6.60
N ARG A 28 2.04 4.57 -6.91
CA ARG A 28 1.21 3.37 -6.86
C ARG A 28 1.87 2.30 -5.98
N LEU A 29 1.99 2.61 -4.69
CA LEU A 29 2.60 1.67 -3.74
C LEU A 29 1.70 0.46 -3.52
N GLU A 30 0.44 0.58 -3.93
CA GLU A 30 -0.52 -0.51 -3.78
C GLU A 30 -0.04 -1.76 -4.49
N ARG A 31 0.52 -1.58 -5.68
CA ARG A 31 1.02 -2.69 -6.48
C ARG A 31 2.26 -3.32 -5.83
N HIS A 32 2.81 -2.62 -4.85
CA HIS A 32 4.00 -3.10 -4.14
C HIS A 32 3.61 -3.85 -2.87
N LEU A 33 2.32 -3.86 -2.56
CA LEU A 33 1.81 -4.54 -1.38
C LEU A 33 0.93 -5.71 -1.76
N SER A 34 1.22 -6.88 -1.19
CA SER A 34 0.45 -8.08 -1.47
C SER A 34 -1.05 -7.82 -1.32
N PRO A 35 -1.87 -8.72 -1.88
CA PRO A 35 -3.33 -8.60 -1.83
C PRO A 35 -3.87 -8.85 -0.42
N GLU A 36 -3.35 -9.88 0.24
CA GLU A 36 -3.78 -10.21 1.59
C GLU A 36 -3.43 -9.10 2.57
N GLU A 37 -2.29 -8.45 2.34
CA GLU A 37 -1.83 -7.36 3.21
C GLU A 37 -2.67 -6.11 2.97
N PHE A 38 -2.99 -5.84 1.72
CA PHE A 38 -3.79 -4.66 1.37
C PHE A 38 -5.17 -4.74 2.00
N GLN A 39 -5.79 -5.91 1.93
CA GLN A 39 -7.12 -6.12 2.50
C GLN A 39 -7.05 -6.26 4.01
N GLU A 40 -5.88 -6.65 4.51
CA GLU A 40 -5.68 -6.84 5.95
C GLU A 40 -5.34 -5.51 6.62
N VAL A 41 -4.65 -4.64 5.88
CA VAL A 41 -4.26 -3.35 6.40
C VAL A 41 -5.36 -2.31 6.20
N PHE A 42 -6.23 -2.56 5.24
CA PHE A 42 -7.34 -1.66 4.94
C PHE A 42 -8.56 -2.03 5.75
N GLY A 43 -8.89 -3.32 5.78
CA GLY A 43 -10.05 -3.77 6.53
C GLY A 43 -11.05 -4.51 5.65
N MET A 44 -11.26 -4.00 4.44
CA MET A 44 -12.20 -4.62 3.51
C MET A 44 -11.56 -5.80 2.81
N SER A 45 -12.26 -6.34 1.80
CA SER A 45 -11.75 -7.48 1.04
C SER A 45 -10.98 -7.01 -0.19
N ILE A 46 -9.99 -7.80 -0.60
CA ILE A 46 -9.18 -7.47 -1.76
C ILE A 46 -10.06 -7.25 -2.99
N GLU A 47 -11.18 -7.95 -3.04
CA GLU A 47 -12.11 -7.81 -4.17
C GLU A 47 -12.68 -6.41 -4.25
N GLU A 48 -12.96 -5.82 -3.09
CA GLU A 48 -13.51 -4.48 -3.02
C GLU A 48 -12.60 -3.47 -3.74
N PHE A 49 -11.30 -3.61 -3.50
CA PHE A 49 -10.32 -2.72 -4.12
C PHE A 49 -10.44 -2.76 -5.64
N ASP A 50 -10.33 -3.96 -6.21
CA ASP A 50 -10.42 -4.13 -7.65
C ASP A 50 -11.72 -3.55 -8.19
N ARG A 51 -12.80 -3.71 -7.42
CA ARG A 51 -14.10 -3.20 -7.81
C ARG A 51 -14.18 -1.68 -7.65
N LEU A 52 -13.35 -1.15 -6.76
CA LEU A 52 -13.32 0.29 -6.51
C LEU A 52 -12.50 1.00 -7.59
N ALA A 53 -12.52 2.33 -7.54
CA ALA A 53 -11.78 3.13 -8.51
C ALA A 53 -10.43 3.56 -7.95
N LEU A 54 -9.60 4.16 -8.80
CA LEU A 54 -8.28 4.61 -8.39
C LEU A 54 -8.38 5.62 -7.24
N TRP A 55 -9.13 6.69 -7.48
CA TRP A 55 -9.31 7.73 -6.47
C TRP A 55 -9.56 7.12 -5.09
N LYS A 56 -10.36 6.05 -5.06
CA LYS A 56 -10.67 5.37 -3.81
C LYS A 56 -9.45 4.64 -3.27
N ARG A 57 -8.79 3.87 -4.13
CA ARG A 57 -7.61 3.12 -3.74
C ARG A 57 -6.55 4.04 -3.16
N ASN A 58 -6.42 5.22 -3.74
CA ASN A 58 -5.43 6.20 -3.28
C ASN A 58 -5.79 6.72 -1.90
N ASP A 59 -7.03 7.18 -1.74
CA ASP A 59 -7.49 7.71 -0.47
C ASP A 59 -7.28 6.69 0.65
N LEU A 60 -7.78 5.47 0.44
CA LEU A 60 -7.65 4.41 1.43
C LEU A 60 -6.17 4.15 1.75
N LYS A 61 -5.33 4.23 0.74
CA LYS A 61 -3.90 4.01 0.92
C LYS A 61 -3.32 4.98 1.95
N LYS A 62 -3.53 6.27 1.73
CA LYS A 62 -3.04 7.30 2.63
C LYS A 62 -3.53 7.05 4.05
N LYS A 63 -4.78 6.64 4.18
CA LYS A 63 -5.37 6.37 5.48
C LYS A 63 -4.67 5.18 6.16
N ALA A 64 -4.21 4.23 5.34
CA ALA A 64 -3.52 3.05 5.85
C ALA A 64 -2.05 3.37 6.14
N LEU A 65 -1.68 4.63 6.02
CA LEU A 65 -0.31 5.05 6.27
C LEU A 65 0.62 4.55 5.17
N LEU A 66 0.10 4.46 3.95
CA LEU A 66 0.88 3.99 2.82
C LEU A 66 1.56 5.16 2.10
N PHE A 67 0.91 6.32 2.13
CA PHE A 67 1.45 7.51 1.49
C PHE A 67 1.89 8.54 2.53
N GLN A 1 4.15 -7.78 -11.81
CA GLN A 1 4.03 -6.37 -12.16
C GLN A 1 5.04 -5.53 -11.39
N TYR A 2 5.26 -5.90 -10.13
CA TYR A 2 6.19 -5.18 -9.27
C TYR A 2 6.76 -6.09 -8.19
N LYS A 3 7.60 -5.54 -7.33
CA LYS A 3 8.21 -6.30 -6.24
C LYS A 3 7.40 -6.17 -4.97
N ILE A 4 7.01 -7.31 -4.40
CA ILE A 4 6.22 -7.32 -3.17
C ILE A 4 7.08 -6.90 -1.97
N TYR A 5 6.96 -5.64 -1.57
CA TYR A 5 7.71 -5.12 -0.45
C TYR A 5 6.92 -5.25 0.85
N PRO A 6 7.64 -5.18 1.98
CA PRO A 6 7.02 -5.30 3.31
C PRO A 6 6.16 -4.09 3.66
N TYR A 7 5.01 -4.33 4.27
CA TYR A 7 4.10 -3.26 4.65
C TYR A 7 4.63 -2.50 5.87
N ASP A 8 5.35 -3.22 6.72
CA ASP A 8 5.91 -2.62 7.93
C ASP A 8 6.97 -1.58 7.58
N SER A 9 7.68 -1.81 6.47
CA SER A 9 8.72 -0.90 6.02
C SER A 9 8.17 0.09 5.00
N LEU A 10 7.12 -0.32 4.30
CA LEU A 10 6.50 0.53 3.29
C LEU A 10 5.72 1.67 3.94
N ILE A 11 5.07 1.37 5.06
CA ILE A 11 4.29 2.37 5.77
C ILE A 11 5.13 3.62 6.07
N VAL A 12 4.61 4.77 5.69
CA VAL A 12 5.31 6.04 5.91
C VAL A 12 5.51 6.30 7.40
N THR A 13 4.66 5.67 8.22
CA THR A 13 4.74 5.83 9.67
C THR A 13 6.07 5.31 10.21
N ASN A 14 6.73 4.47 9.42
CA ASN A 14 8.02 3.89 9.81
C ASN A 14 9.17 4.69 9.24
N ARG A 15 8.85 5.82 8.61
CA ARG A 15 9.87 6.68 8.01
C ARG A 15 10.96 7.02 9.03
N ILE A 16 10.55 7.28 10.26
CA ILE A 16 11.49 7.62 11.32
C ILE A 16 12.52 6.50 11.51
N ARG A 17 12.07 5.27 11.41
CA ARG A 17 12.95 4.12 11.57
C ARG A 17 13.66 3.78 10.25
N VAL A 18 12.89 3.31 9.28
CA VAL A 18 13.45 2.96 7.97
C VAL A 18 12.67 3.63 6.85
N LYS A 19 13.38 3.97 5.76
CA LYS A 19 12.75 4.62 4.61
C LYS A 19 12.51 3.61 3.49
N LEU A 20 11.79 4.04 2.47
CA LEU A 20 11.49 3.18 1.33
C LEU A 20 12.72 2.98 0.45
N PRO A 21 12.77 1.84 -0.24
CA PRO A 21 13.89 1.49 -1.13
C PRO A 21 13.93 2.37 -2.37
N LYS A 22 14.79 2.00 -3.32
CA LYS A 22 14.92 2.75 -4.56
C LYS A 22 14.04 2.16 -5.66
N ASP A 23 13.92 0.83 -5.65
CA ASP A 23 13.10 0.14 -6.65
C ASP A 23 11.64 0.10 -6.21
N VAL A 24 11.10 1.26 -5.86
CA VAL A 24 9.72 1.35 -5.42
C VAL A 24 9.09 2.67 -5.88
N ASP A 25 7.87 2.59 -6.40
CA ASP A 25 7.16 3.77 -6.87
C ASP A 25 6.08 4.19 -5.87
N ARG A 26 6.38 5.21 -5.07
CA ARG A 26 5.43 5.71 -4.07
C ARG A 26 4.09 6.01 -4.71
N THR A 27 4.10 6.40 -5.99
CA THR A 27 2.89 6.72 -6.72
C THR A 27 1.86 5.59 -6.60
N ARG A 28 2.27 4.38 -6.95
CA ARG A 28 1.40 3.22 -6.88
C ARG A 28 1.97 2.16 -5.95
N LEU A 29 2.07 2.50 -4.67
CA LEU A 29 2.60 1.58 -3.68
C LEU A 29 1.69 0.35 -3.53
N GLU A 30 0.44 0.50 -3.96
CA GLU A 30 -0.52 -0.59 -3.87
C GLU A 30 -0.04 -1.80 -4.65
N ARG A 31 0.55 -1.56 -5.82
CA ARG A 31 1.05 -2.63 -6.67
C ARG A 31 2.28 -3.28 -6.04
N HIS A 32 2.81 -2.66 -4.99
CA HIS A 32 3.98 -3.17 -4.31
C HIS A 32 3.59 -3.90 -3.03
N LEU A 33 2.30 -3.90 -2.73
CA LEU A 33 1.79 -4.56 -1.53
C LEU A 33 0.89 -5.73 -1.90
N SER A 34 1.19 -6.91 -1.34
CA SER A 34 0.41 -8.10 -1.61
C SER A 34 -1.08 -7.83 -1.43
N PRO A 35 -1.91 -8.73 -1.98
CA PRO A 35 -3.37 -8.61 -1.89
C PRO A 35 -3.89 -8.85 -0.47
N GLU A 36 -3.36 -9.88 0.18
CA GLU A 36 -3.77 -10.22 1.54
C GLU A 36 -3.40 -9.10 2.51
N GLU A 37 -2.27 -8.45 2.24
CA GLU A 37 -1.80 -7.36 3.09
C GLU A 37 -2.64 -6.10 2.88
N PHE A 38 -2.98 -5.83 1.63
CA PHE A 38 -3.77 -4.66 1.29
C PHE A 38 -5.14 -4.72 1.95
N GLN A 39 -5.76 -5.90 1.92
CA GLN A 39 -7.07 -6.11 2.53
C GLN A 39 -6.96 -6.24 4.04
N GLU A 40 -5.79 -6.65 4.51
CA GLU A 40 -5.56 -6.83 5.94
C GLU A 40 -5.19 -5.51 6.60
N VAL A 41 -4.55 -4.63 5.83
CA VAL A 41 -4.14 -3.32 6.34
C VAL A 41 -5.25 -2.29 6.15
N PHE A 42 -6.14 -2.56 5.21
CA PHE A 42 -7.25 -1.64 4.93
C PHE A 42 -8.47 -2.00 5.78
N GLY A 43 -8.79 -3.28 5.82
CA GLY A 43 -9.93 -3.74 6.60
C GLY A 43 -10.94 -4.49 5.76
N MET A 44 -11.19 -3.98 4.54
CA MET A 44 -12.14 -4.62 3.64
C MET A 44 -11.51 -5.80 2.92
N SER A 45 -12.22 -6.34 1.95
CA SER A 45 -11.73 -7.50 1.20
C SER A 45 -11.00 -7.04 -0.07
N ILE A 46 -10.02 -7.83 -0.49
CA ILE A 46 -9.23 -7.51 -1.68
C ILE A 46 -10.14 -7.31 -2.89
N GLU A 47 -11.27 -8.02 -2.90
CA GLU A 47 -12.22 -7.91 -4.01
C GLU A 47 -12.81 -6.50 -4.08
N GLU A 48 -13.06 -5.90 -2.93
CA GLU A 48 -13.62 -4.56 -2.87
C GLU A 48 -12.73 -3.56 -3.61
N PHE A 49 -11.42 -3.69 -3.41
CA PHE A 49 -10.46 -2.80 -4.05
C PHE A 49 -10.61 -2.85 -5.56
N ASP A 50 -10.52 -4.04 -6.13
CA ASP A 50 -10.64 -4.22 -7.57
C ASP A 50 -11.98 -3.67 -8.07
N ARG A 51 -13.03 -3.86 -7.27
CA ARG A 51 -14.36 -3.38 -7.63
C ARG A 51 -14.44 -1.86 -7.52
N LEU A 52 -13.62 -1.29 -6.64
CA LEU A 52 -13.60 0.16 -6.44
C LEU A 52 -12.82 0.85 -7.55
N ALA A 53 -12.78 2.18 -7.50
CA ALA A 53 -12.07 2.96 -8.49
C ALA A 53 -10.69 3.38 -7.98
N LEU A 54 -9.89 3.98 -8.86
CA LEU A 54 -8.55 4.43 -8.49
C LEU A 54 -8.62 5.45 -7.36
N TRP A 55 -9.37 6.53 -7.58
CA TRP A 55 -9.51 7.59 -6.58
C TRP A 55 -9.73 6.98 -5.20
N LYS A 56 -10.53 5.93 -5.14
CA LYS A 56 -10.82 5.27 -3.86
C LYS A 56 -9.59 4.54 -3.34
N ARG A 57 -8.96 3.76 -4.20
CA ARG A 57 -7.76 3.01 -3.82
C ARG A 57 -6.69 3.94 -3.27
N ASN A 58 -6.57 5.12 -3.87
CA ASN A 58 -5.57 6.10 -3.45
C ASN A 58 -5.90 6.63 -2.05
N ASP A 59 -7.13 7.10 -1.87
CA ASP A 59 -7.57 7.64 -0.59
C ASP A 59 -7.32 6.62 0.54
N LEU A 60 -7.80 5.40 0.34
CA LEU A 60 -7.63 4.34 1.34
C LEU A 60 -6.15 4.12 1.63
N LYS A 61 -5.33 4.20 0.60
CA LYS A 61 -3.89 4.00 0.75
C LYS A 61 -3.31 4.98 1.77
N LYS A 62 -3.57 6.27 1.54
CA LYS A 62 -3.07 7.31 2.43
C LYS A 62 -3.52 7.06 3.87
N LYS A 63 -4.76 6.64 4.03
CA LYS A 63 -5.32 6.35 5.35
C LYS A 63 -4.59 5.18 6.00
N ALA A 64 -4.14 4.24 5.19
CA ALA A 64 -3.42 3.07 5.69
C ALA A 64 -1.95 3.40 5.94
N LEU A 65 -1.60 4.67 5.79
CA LEU A 65 -0.23 5.12 6.01
C LEU A 65 0.70 4.59 4.92
N LEU A 66 0.16 4.47 3.71
CA LEU A 66 0.94 3.98 2.57
C LEU A 66 1.62 5.13 1.85
N PHE A 67 1.00 6.30 1.89
CA PHE A 67 1.56 7.48 1.24
C PHE A 67 2.04 8.51 2.26
N GLN A 1 4.55 -7.44 -12.18
CA GLN A 1 4.80 -6.11 -12.70
C GLN A 1 5.71 -5.32 -11.76
N TYR A 2 5.63 -5.64 -10.47
CA TYR A 2 6.45 -4.97 -9.46
C TYR A 2 6.95 -5.95 -8.42
N LYS A 3 7.63 -5.43 -7.41
CA LYS A 3 8.16 -6.26 -6.33
C LYS A 3 7.38 -6.06 -5.04
N ILE A 4 6.93 -7.15 -4.44
CA ILE A 4 6.16 -7.09 -3.21
C ILE A 4 7.06 -6.67 -2.03
N TYR A 5 6.86 -5.44 -1.57
CA TYR A 5 7.64 -4.92 -0.45
C TYR A 5 6.89 -5.09 0.86
N PRO A 6 7.64 -5.03 1.98
CA PRO A 6 7.06 -5.17 3.32
C PRO A 6 6.21 -3.98 3.72
N TYR A 7 5.03 -4.27 4.28
CA TYR A 7 4.12 -3.22 4.71
C TYR A 7 4.66 -2.48 5.93
N ASP A 8 5.36 -3.20 6.79
CA ASP A 8 5.94 -2.61 7.99
C ASP A 8 7.00 -1.57 7.63
N SER A 9 7.68 -1.79 6.52
CA SER A 9 8.73 -0.88 6.06
C SER A 9 8.18 0.12 5.06
N LEU A 10 7.11 -0.27 4.37
CA LEU A 10 6.48 0.59 3.37
C LEU A 10 5.71 1.72 4.05
N ILE A 11 5.06 1.41 5.16
CA ILE A 11 4.29 2.40 5.91
C ILE A 11 5.12 3.63 6.21
N VAL A 12 4.61 4.80 5.83
CA VAL A 12 5.31 6.06 6.07
C VAL A 12 5.52 6.29 7.56
N THR A 13 4.66 5.71 8.37
CA THR A 13 4.76 5.85 9.82
C THR A 13 6.10 5.33 10.34
N ASN A 14 6.75 4.50 9.54
CA ASN A 14 8.04 3.93 9.91
C ASN A 14 9.18 4.74 9.33
N ARG A 15 8.86 5.90 8.77
CA ARG A 15 9.85 6.77 8.17
C ARG A 15 10.91 7.18 9.20
N ILE A 16 10.52 7.17 10.47
CA ILE A 16 11.43 7.54 11.54
C ILE A 16 12.47 6.46 11.78
N ARG A 17 12.09 5.21 11.55
CA ARG A 17 12.98 4.08 11.74
C ARG A 17 13.72 3.74 10.44
N VAL A 18 12.94 3.42 9.40
CA VAL A 18 13.51 3.08 8.10
C VAL A 18 12.77 3.78 6.98
N LYS A 19 13.47 4.02 5.87
CA LYS A 19 12.87 4.68 4.72
C LYS A 19 12.62 3.69 3.59
N LEU A 20 11.94 4.14 2.54
CA LEU A 20 11.63 3.29 1.39
C LEU A 20 12.84 3.16 0.48
N PRO A 21 12.92 2.04 -0.26
CA PRO A 21 14.01 1.78 -1.18
C PRO A 21 13.96 2.68 -2.41
N LYS A 22 14.80 2.38 -3.41
CA LYS A 22 14.85 3.16 -4.62
C LYS A 22 13.96 2.54 -5.71
N ASP A 23 13.90 1.22 -5.73
CA ASP A 23 13.09 0.50 -6.71
C ASP A 23 11.65 0.38 -6.23
N VAL A 24 11.06 1.52 -5.85
CA VAL A 24 9.69 1.55 -5.37
C VAL A 24 8.99 2.85 -5.76
N ASP A 25 7.74 2.74 -6.20
CA ASP A 25 6.97 3.91 -6.59
C ASP A 25 6.19 4.48 -5.42
N ARG A 26 5.77 5.73 -5.54
CA ARG A 26 5.01 6.39 -4.48
C ARG A 26 3.59 6.68 -4.93
N THR A 27 3.40 6.78 -6.24
CA THR A 27 2.09 7.07 -6.80
C THR A 27 1.18 5.84 -6.74
N ARG A 28 1.74 4.69 -7.09
CA ARG A 28 0.99 3.43 -7.07
C ARG A 28 1.70 2.39 -6.23
N LEU A 29 1.81 2.64 -4.93
CA LEU A 29 2.46 1.72 -4.01
C LEU A 29 1.58 0.51 -3.74
N GLU A 30 0.31 0.61 -4.11
CA GLU A 30 -0.64 -0.48 -3.90
C GLU A 30 -0.16 -1.75 -4.59
N ARG A 31 0.38 -1.59 -5.80
CA ARG A 31 0.87 -2.73 -6.56
C ARG A 31 2.10 -3.34 -5.91
N HIS A 32 2.71 -2.59 -5.00
CA HIS A 32 3.90 -3.06 -4.29
C HIS A 32 3.52 -3.81 -3.02
N LEU A 33 2.24 -3.77 -2.67
CA LEU A 33 1.75 -4.44 -1.47
C LEU A 33 0.85 -5.62 -1.84
N SER A 34 1.16 -6.79 -1.28
CA SER A 34 0.38 -7.99 -1.55
C SER A 34 -1.11 -7.73 -1.36
N PRO A 35 -1.94 -8.62 -1.91
CA PRO A 35 -3.40 -8.52 -1.82
C PRO A 35 -3.91 -8.76 -0.40
N GLU A 36 -3.37 -9.77 0.25
CA GLU A 36 -3.77 -10.12 1.62
C GLU A 36 -3.42 -8.99 2.58
N GLU A 37 -2.27 -8.35 2.35
CA GLU A 37 -1.83 -7.25 3.19
C GLU A 37 -2.67 -6.00 2.97
N PHE A 38 -3.00 -5.75 1.72
CA PHE A 38 -3.81 -4.58 1.35
C PHE A 38 -5.18 -4.63 2.03
N GLN A 39 -5.81 -5.81 1.98
CA GLN A 39 -7.13 -5.99 2.57
C GLN A 39 -7.01 -6.14 4.09
N GLU A 40 -5.83 -6.54 4.55
CA GLU A 40 -5.59 -6.73 5.98
C GLU A 40 -5.24 -5.40 6.65
N VAL A 41 -4.58 -4.52 5.89
CA VAL A 41 -4.18 -3.22 6.41
C VAL A 41 -5.29 -2.18 6.21
N PHE A 42 -6.18 -2.46 5.26
CA PHE A 42 -7.28 -1.56 4.97
C PHE A 42 -8.51 -1.91 5.81
N GLY A 43 -8.84 -3.19 5.87
CA GLY A 43 -9.98 -3.63 6.64
C GLY A 43 -11.01 -4.37 5.80
N MET A 44 -11.24 -3.88 4.60
CA MET A 44 -12.19 -4.51 3.69
C MET A 44 -11.57 -5.70 2.98
N SER A 45 -12.29 -6.24 1.99
CA SER A 45 -11.79 -7.39 1.24
C SER A 45 -11.05 -6.95 -0.02
N ILE A 46 -10.08 -7.75 -0.44
CA ILE A 46 -9.30 -7.44 -1.62
C ILE A 46 -10.19 -7.22 -2.83
N GLU A 47 -11.33 -7.91 -2.85
CA GLU A 47 -12.27 -7.81 -3.96
C GLU A 47 -12.85 -6.39 -4.04
N GLU A 48 -13.10 -5.79 -2.88
CA GLU A 48 -13.65 -4.45 -2.82
C GLU A 48 -12.75 -3.46 -3.57
N PHE A 49 -11.45 -3.60 -3.37
CA PHE A 49 -10.48 -2.71 -4.02
C PHE A 49 -10.63 -2.77 -5.54
N ASP A 50 -10.55 -3.98 -6.09
CA ASP A 50 -10.67 -4.17 -7.52
C ASP A 50 -11.99 -3.60 -8.04
N ARG A 51 -13.04 -3.73 -7.24
CA ARG A 51 -14.36 -3.23 -7.61
C ARG A 51 -14.41 -1.71 -7.48
N LEU A 52 -13.57 -1.17 -6.59
CA LEU A 52 -13.53 0.27 -6.37
C LEU A 52 -12.74 0.97 -7.46
N ALA A 53 -12.74 2.30 -7.44
CA ALA A 53 -12.03 3.09 -8.42
C ALA A 53 -10.66 3.52 -7.90
N LEU A 54 -9.85 4.11 -8.77
CA LEU A 54 -8.52 4.58 -8.39
C LEU A 54 -8.60 5.60 -7.26
N TRP A 55 -9.35 6.66 -7.48
CA TRP A 55 -9.51 7.72 -6.49
C TRP A 55 -9.73 7.11 -5.10
N LYS A 56 -10.52 6.05 -5.04
CA LYS A 56 -10.81 5.39 -3.77
C LYS A 56 -9.58 4.66 -3.24
N ARG A 57 -8.94 3.87 -4.11
CA ARG A 57 -7.75 3.13 -3.74
C ARG A 57 -6.68 4.06 -3.19
N ASN A 58 -6.56 5.24 -3.79
CA ASN A 58 -5.56 6.21 -3.36
C ASN A 58 -5.89 6.75 -1.97
N ASP A 59 -7.11 7.22 -1.80
CA ASP A 59 -7.56 7.75 -0.51
C ASP A 59 -7.33 6.75 0.60
N LEU A 60 -7.82 5.54 0.42
CA LEU A 60 -7.67 4.48 1.41
C LEU A 60 -6.19 4.23 1.71
N LYS A 61 -5.37 4.29 0.68
CA LYS A 61 -3.93 4.06 0.82
C LYS A 61 -3.34 5.04 1.83
N LYS A 62 -3.57 6.33 1.60
CA LYS A 62 -3.05 7.37 2.48
C LYS A 62 -3.50 7.13 3.92
N LYS A 63 -4.76 6.74 4.09
CA LYS A 63 -5.31 6.48 5.41
C LYS A 63 -4.61 5.29 6.06
N ALA A 64 -4.16 4.34 5.25
CA ALA A 64 -3.47 3.17 5.75
C ALA A 64 -1.99 3.47 6.02
N LEU A 65 -1.62 4.73 5.86
CA LEU A 65 -0.24 5.15 6.08
C LEU A 65 0.67 4.61 4.99
N LEU A 66 0.13 4.47 3.79
CA LEU A 66 0.89 3.95 2.65
C LEU A 66 1.59 5.09 1.91
N PHE A 67 0.99 6.28 1.95
CA PHE A 67 1.55 7.44 1.28
C PHE A 67 2.04 8.47 2.30
N GLN A 1 3.74 -7.76 -11.47
CA GLN A 1 3.71 -6.37 -11.90
C GLN A 1 4.78 -5.56 -11.18
N TYR A 2 4.97 -5.85 -9.90
CA TYR A 2 5.95 -5.14 -9.09
C TYR A 2 6.53 -6.04 -8.01
N LYS A 3 7.47 -5.51 -7.24
CA LYS A 3 8.10 -6.27 -6.17
C LYS A 3 7.34 -6.10 -4.86
N ILE A 4 6.91 -7.22 -4.29
CA ILE A 4 6.18 -7.18 -3.03
C ILE A 4 7.06 -6.69 -1.88
N TYR A 5 6.86 -5.45 -1.49
CA TYR A 5 7.65 -4.86 -0.41
C TYR A 5 6.93 -5.02 0.93
N PRO A 6 7.69 -4.91 2.03
CA PRO A 6 7.16 -5.04 3.38
C PRO A 6 6.27 -3.87 3.78
N TYR A 7 5.08 -4.17 4.28
CA TYR A 7 4.13 -3.15 4.68
C TYR A 7 4.65 -2.38 5.91
N ASP A 8 5.40 -3.08 6.75
CA ASP A 8 5.95 -2.46 7.96
C ASP A 8 7.01 -1.42 7.61
N SER A 9 7.75 -1.69 6.54
CA SER A 9 8.80 -0.77 6.09
C SER A 9 8.26 0.22 5.06
N LEU A 10 7.12 -0.12 4.46
CA LEU A 10 6.51 0.72 3.45
C LEU A 10 5.70 1.84 4.11
N ILE A 11 5.03 1.51 5.21
CA ILE A 11 4.23 2.49 5.93
C ILE A 11 5.05 3.72 6.31
N VAL A 12 4.55 4.90 5.96
CA VAL A 12 5.23 6.15 6.25
C VAL A 12 5.45 6.30 7.75
N THR A 13 4.56 5.72 8.54
CA THR A 13 4.64 5.79 10.00
C THR A 13 5.99 5.25 10.50
N ASN A 14 6.59 4.37 9.71
CA ASN A 14 7.87 3.77 10.06
C ASN A 14 9.01 4.46 9.32
N ARG A 15 8.69 5.47 8.54
CA ARG A 15 9.68 6.21 7.77
C ARG A 15 10.77 6.76 8.69
N ILE A 16 10.43 6.94 9.96
CA ILE A 16 11.37 7.47 10.95
C ILE A 16 12.40 6.41 11.33
N ARG A 17 12.03 5.14 11.18
CA ARG A 17 12.91 4.04 11.52
C ARG A 17 13.64 3.52 10.27
N VAL A 18 12.87 3.18 9.24
CA VAL A 18 13.42 2.68 8.00
C VAL A 18 12.94 3.51 6.81
N LYS A 19 13.81 3.66 5.82
CA LYS A 19 13.48 4.42 4.61
C LYS A 19 13.17 3.49 3.44
N LEU A 20 12.25 3.92 2.58
CA LEU A 20 11.88 3.13 1.42
C LEU A 20 13.05 2.93 0.48
N PRO A 21 13.03 1.83 -0.28
CA PRO A 21 14.09 1.50 -1.25
C PRO A 21 14.10 2.45 -2.44
N LYS A 22 14.83 2.06 -3.48
CA LYS A 22 14.91 2.87 -4.69
C LYS A 22 13.98 2.34 -5.77
N ASP A 23 13.86 1.02 -5.85
CA ASP A 23 13.00 0.38 -6.84
C ASP A 23 11.57 0.31 -6.34
N VAL A 24 11.04 1.45 -5.90
CA VAL A 24 9.67 1.51 -5.40
C VAL A 24 8.99 2.82 -5.81
N ASP A 25 7.76 2.71 -6.28
CA ASP A 25 7.00 3.88 -6.71
C ASP A 25 6.06 4.36 -5.59
N ARG A 26 6.08 5.66 -5.35
CA ARG A 26 5.23 6.25 -4.32
C ARG A 26 3.81 6.49 -4.83
N THR A 27 3.71 6.81 -6.12
CA THR A 27 2.42 7.07 -6.73
C THR A 27 1.52 5.84 -6.66
N ARG A 28 2.07 4.70 -7.04
CA ARG A 28 1.32 3.45 -7.01
C ARG A 28 2.02 2.41 -6.14
N LEU A 29 1.94 2.59 -4.83
CA LEU A 29 2.55 1.68 -3.89
C LEU A 29 1.67 0.46 -3.64
N GLU A 30 0.40 0.56 -4.05
CA GLU A 30 -0.55 -0.53 -3.87
C GLU A 30 -0.07 -1.79 -4.59
N ARG A 31 0.48 -1.61 -5.78
CA ARG A 31 0.99 -2.73 -6.58
C ARG A 31 2.22 -3.33 -5.93
N HIS A 32 2.78 -2.63 -4.94
CA HIS A 32 3.97 -3.10 -4.24
C HIS A 32 3.60 -3.84 -2.96
N LEU A 33 2.31 -3.85 -2.65
CA LEU A 33 1.81 -4.52 -1.45
C LEU A 33 0.93 -5.71 -1.81
N SER A 34 1.23 -6.87 -1.23
CA SER A 34 0.46 -8.08 -1.50
C SER A 34 -1.03 -7.82 -1.34
N PRO A 35 -1.86 -8.73 -1.88
CA PRO A 35 -3.32 -8.62 -1.81
C PRO A 35 -3.85 -8.85 -0.40
N GLU A 36 -3.31 -9.86 0.27
CA GLU A 36 -3.73 -10.18 1.63
C GLU A 36 -3.37 -9.06 2.59
N GLU A 37 -2.24 -8.40 2.34
CA GLU A 37 -1.78 -7.31 3.19
C GLU A 37 -2.63 -6.05 2.95
N PHE A 38 -2.96 -5.81 1.69
CA PHE A 38 -3.76 -4.64 1.33
C PHE A 38 -5.14 -4.70 1.98
N GLN A 39 -5.75 -5.89 1.94
CA GLN A 39 -7.07 -6.09 2.52
C GLN A 39 -6.99 -6.21 4.04
N GLU A 40 -5.82 -6.61 4.53
CA GLU A 40 -5.60 -6.76 5.96
C GLU A 40 -5.26 -5.42 6.61
N VAL A 41 -4.58 -4.57 5.86
CA VAL A 41 -4.19 -3.26 6.36
C VAL A 41 -5.29 -2.23 6.16
N PHE A 42 -6.17 -2.50 5.19
CA PHE A 42 -7.28 -1.60 4.90
C PHE A 42 -8.51 -1.96 5.73
N GLY A 43 -8.82 -3.25 5.79
CA GLY A 43 -9.97 -3.69 6.55
C GLY A 43 -10.98 -4.45 5.70
N MET A 44 -11.20 -3.97 4.48
CA MET A 44 -12.15 -4.60 3.58
C MET A 44 -11.50 -5.79 2.88
N SER A 45 -12.21 -6.35 1.89
CA SER A 45 -11.71 -7.49 1.14
C SER A 45 -10.96 -7.04 -0.11
N ILE A 46 -9.97 -7.83 -0.52
CA ILE A 46 -9.18 -7.51 -1.70
C ILE A 46 -10.07 -7.30 -2.92
N GLU A 47 -11.20 -8.01 -2.95
CA GLU A 47 -12.14 -7.90 -4.06
C GLU A 47 -12.72 -6.49 -4.14
N GLU A 48 -12.98 -5.90 -2.98
CA GLU A 48 -13.55 -4.55 -2.93
C GLU A 48 -12.65 -3.56 -3.67
N PHE A 49 -11.34 -3.68 -3.47
CA PHE A 49 -10.38 -2.79 -4.10
C PHE A 49 -10.51 -2.86 -5.62
N ASP A 50 -10.42 -4.06 -6.18
CA ASP A 50 -10.52 -4.25 -7.62
C ASP A 50 -11.84 -3.68 -8.14
N ARG A 51 -12.90 -3.84 -7.35
CA ARG A 51 -14.22 -3.35 -7.73
C ARG A 51 -14.29 -1.83 -7.59
N LEU A 52 -13.47 -1.29 -6.71
CA LEU A 52 -13.45 0.17 -6.48
C LEU A 52 -12.66 0.87 -7.58
N ALA A 53 -12.68 2.20 -7.56
CA ALA A 53 -11.96 3.00 -8.54
C ALA A 53 -10.60 3.43 -8.01
N LEU A 54 -9.80 4.04 -8.88
CA LEU A 54 -8.47 4.52 -8.49
C LEU A 54 -8.56 5.53 -7.36
N TRP A 55 -9.33 6.60 -7.59
CA TRP A 55 -9.50 7.64 -6.58
C TRP A 55 -9.71 7.04 -5.20
N LYS A 56 -10.49 5.95 -5.14
CA LYS A 56 -10.78 5.28 -3.88
C LYS A 56 -9.53 4.57 -3.35
N ARG A 57 -8.90 3.78 -4.22
CA ARG A 57 -7.71 3.05 -3.84
C ARG A 57 -6.64 3.99 -3.29
N ASN A 58 -6.52 5.16 -3.89
CA ASN A 58 -5.55 6.15 -3.45
C ASN A 58 -5.88 6.68 -2.06
N ASP A 59 -7.12 7.15 -1.90
CA ASP A 59 -7.57 7.69 -0.62
C ASP A 59 -7.34 6.67 0.50
N LEU A 60 -7.82 5.45 0.30
CA LEU A 60 -7.67 4.40 1.30
C LEU A 60 -6.20 4.16 1.62
N LYS A 61 -5.36 4.23 0.60
CA LYS A 61 -3.93 4.03 0.77
C LYS A 61 -3.35 5.02 1.78
N LYS A 62 -3.60 6.31 1.54
CA LYS A 62 -3.11 7.36 2.43
C LYS A 62 -3.57 7.11 3.86
N LYS A 63 -4.82 6.69 4.01
CA LYS A 63 -5.39 6.42 5.33
C LYS A 63 -4.67 5.26 6.00
N ALA A 64 -4.21 4.31 5.20
CA ALA A 64 -3.50 3.15 5.71
C ALA A 64 -2.03 3.48 5.99
N LEU A 65 -1.68 4.75 5.83
CA LEU A 65 -0.30 5.20 6.05
C LEU A 65 0.63 4.65 4.97
N LEU A 66 0.10 4.47 3.77
CA LEU A 66 0.88 3.95 2.65
C LEU A 66 1.59 5.09 1.92
N PHE A 67 0.98 6.28 1.96
CA PHE A 67 1.56 7.45 1.30
C PHE A 67 2.03 8.47 2.32
N GLN A 1 4.38 -7.88 -11.86
CA GLN A 1 4.31 -6.49 -12.27
C GLN A 1 5.30 -5.63 -11.49
N TYR A 2 5.35 -5.85 -10.18
CA TYR A 2 6.24 -5.09 -9.31
C TYR A 2 6.84 -5.99 -8.23
N LYS A 3 7.70 -5.42 -7.40
CA LYS A 3 8.33 -6.16 -6.32
C LYS A 3 7.53 -6.04 -5.02
N ILE A 4 7.01 -7.17 -4.55
CA ILE A 4 6.22 -7.19 -3.33
C ILE A 4 7.07 -6.81 -2.13
N TYR A 5 6.96 -5.56 -1.69
CA TYR A 5 7.72 -5.06 -0.55
C TYR A 5 6.93 -5.23 0.74
N PRO A 6 7.63 -5.20 1.88
CA PRO A 6 7.02 -5.34 3.20
C PRO A 6 6.18 -4.14 3.59
N TYR A 7 5.05 -4.39 4.25
CA TYR A 7 4.16 -3.33 4.67
C TYR A 7 4.72 -2.59 5.88
N ASP A 8 5.46 -3.31 6.71
CA ASP A 8 6.06 -2.73 7.91
C ASP A 8 7.15 -1.72 7.53
N SER A 9 7.83 -1.98 6.42
CA SER A 9 8.90 -1.10 5.96
C SER A 9 8.38 -0.10 4.93
N LEU A 10 7.16 -0.34 4.46
CA LEU A 10 6.54 0.54 3.47
C LEU A 10 5.74 1.65 4.15
N ILE A 11 5.14 1.32 5.30
CA ILE A 11 4.36 2.29 6.04
C ILE A 11 5.13 3.57 6.28
N VAL A 12 4.60 4.68 5.78
CA VAL A 12 5.24 5.98 5.95
C VAL A 12 5.39 6.34 7.42
N THR A 13 4.48 5.82 8.25
CA THR A 13 4.51 6.10 9.67
C THR A 13 5.82 5.64 10.29
N ASN A 14 6.50 4.72 9.62
CA ASN A 14 7.78 4.21 10.10
C ASN A 14 8.95 4.88 9.40
N ARG A 15 8.65 5.96 8.67
CA ARG A 15 9.68 6.69 7.94
C ARG A 15 10.85 7.05 8.86
N ILE A 16 10.55 7.21 10.15
CA ILE A 16 11.57 7.56 11.12
C ILE A 16 12.49 6.36 11.39
N ARG A 17 11.92 5.17 11.39
CA ARG A 17 12.68 3.95 11.64
C ARG A 17 13.44 3.53 10.37
N VAL A 18 12.69 3.22 9.32
CA VAL A 18 13.28 2.80 8.06
C VAL A 18 12.64 3.53 6.87
N LYS A 19 13.47 3.86 5.89
CA LYS A 19 12.99 4.57 4.70
C LYS A 19 12.76 3.59 3.54
N LEU A 20 11.93 3.99 2.59
CA LEU A 20 11.63 3.15 1.43
C LEU A 20 12.85 3.03 0.52
N PRO A 21 12.92 1.91 -0.21
CA PRO A 21 14.03 1.64 -1.13
C PRO A 21 14.00 2.56 -2.35
N LYS A 22 14.84 2.25 -3.33
CA LYS A 22 14.91 3.04 -4.56
C LYS A 22 14.02 2.45 -5.64
N ASP A 23 13.92 1.13 -5.68
CA ASP A 23 13.10 0.44 -6.66
C ASP A 23 11.66 0.35 -6.19
N VAL A 24 11.09 1.47 -5.78
CA VAL A 24 9.71 1.52 -5.30
C VAL A 24 9.04 2.83 -5.68
N ASP A 25 7.79 2.73 -6.13
CA ASP A 25 7.04 3.92 -6.52
C ASP A 25 6.23 4.46 -5.35
N ARG A 26 5.85 5.73 -5.44
CA ARG A 26 5.07 6.37 -4.39
C ARG A 26 3.65 6.67 -4.87
N THR A 27 3.48 6.78 -6.18
CA THR A 27 2.18 7.07 -6.75
C THR A 27 1.26 5.85 -6.66
N ARG A 28 1.80 4.69 -7.00
CA ARG A 28 1.04 3.44 -6.96
C ARG A 28 1.75 2.39 -6.13
N LEU A 29 1.86 2.65 -4.83
CA LEU A 29 2.54 1.72 -3.92
C LEU A 29 1.66 0.51 -3.65
N GLU A 30 0.39 0.59 -4.02
CA GLU A 30 -0.55 -0.50 -3.83
C GLU A 30 -0.08 -1.75 -4.55
N ARG A 31 0.47 -1.57 -5.74
CA ARG A 31 0.96 -2.69 -6.54
C ARG A 31 2.20 -3.31 -5.89
N HIS A 32 2.78 -2.60 -4.94
CA HIS A 32 3.98 -3.07 -4.25
C HIS A 32 3.60 -3.82 -2.97
N LEU A 33 2.31 -3.85 -2.66
CA LEU A 33 1.82 -4.53 -1.47
C LEU A 33 0.92 -5.71 -1.85
N SER A 34 1.23 -6.87 -1.29
CA SER A 34 0.45 -8.07 -1.55
C SER A 34 -1.04 -7.81 -1.37
N PRO A 35 -1.87 -8.71 -1.93
CA PRO A 35 -3.33 -8.59 -1.84
C PRO A 35 -3.85 -8.85 -0.42
N GLU A 36 -3.31 -9.87 0.23
CA GLU A 36 -3.70 -10.21 1.58
C GLU A 36 -3.35 -9.10 2.56
N GLU A 37 -2.21 -8.46 2.32
CA GLU A 37 -1.74 -7.37 3.17
C GLU A 37 -2.58 -6.12 2.96
N PHE A 38 -2.93 -5.85 1.71
CA PHE A 38 -3.72 -4.67 1.38
C PHE A 38 -5.10 -4.75 2.04
N GLN A 39 -5.72 -5.92 1.97
CA GLN A 39 -7.04 -6.12 2.57
C GLN A 39 -6.93 -6.27 4.08
N GLU A 40 -5.76 -6.67 4.55
CA GLU A 40 -5.54 -6.85 5.98
C GLU A 40 -5.18 -5.53 6.65
N VAL A 41 -4.51 -4.66 5.90
CA VAL A 41 -4.11 -3.35 6.42
C VAL A 41 -5.22 -2.32 6.23
N PHE A 42 -6.11 -2.59 5.29
CA PHE A 42 -7.22 -1.69 5.00
C PHE A 42 -8.44 -2.04 5.84
N GLY A 43 -8.77 -3.33 5.87
CA GLY A 43 -9.91 -3.78 6.64
C GLY A 43 -10.93 -4.52 5.79
N MET A 44 -11.16 -4.01 4.58
CA MET A 44 -12.12 -4.62 3.66
C MET A 44 -11.49 -5.80 2.93
N SER A 45 -12.19 -6.34 1.95
CA SER A 45 -11.72 -7.48 1.17
C SER A 45 -10.96 -7.01 -0.07
N ILE A 46 -9.98 -7.79 -0.49
CA ILE A 46 -9.19 -7.47 -1.67
C ILE A 46 -10.08 -7.23 -2.89
N GLU A 47 -11.21 -7.93 -2.92
CA GLU A 47 -12.16 -7.79 -4.03
C GLU A 47 -12.73 -6.39 -4.09
N GLU A 48 -12.98 -5.80 -2.93
CA GLU A 48 -13.54 -4.45 -2.85
C GLU A 48 -12.63 -3.45 -3.57
N PHE A 49 -11.33 -3.59 -3.36
CA PHE A 49 -10.36 -2.70 -3.99
C PHE A 49 -10.49 -2.73 -5.51
N ASP A 50 -10.40 -3.93 -6.09
CA ASP A 50 -10.53 -4.09 -7.53
C ASP A 50 -11.84 -3.51 -8.03
N ARG A 51 -12.90 -3.67 -7.25
CA ARG A 51 -14.22 -3.16 -7.62
C ARG A 51 -14.28 -1.65 -7.46
N LEU A 52 -13.44 -1.11 -6.57
CA LEU A 52 -13.41 0.32 -6.32
C LEU A 52 -12.61 1.04 -7.40
N ALA A 53 -12.64 2.38 -7.37
CA ALA A 53 -11.92 3.18 -8.34
C ALA A 53 -10.55 3.59 -7.82
N LEU A 54 -9.76 4.21 -8.69
CA LEU A 54 -8.42 4.66 -8.32
C LEU A 54 -8.49 5.65 -7.17
N TRP A 55 -9.23 6.73 -7.37
CA TRP A 55 -9.37 7.77 -6.34
C TRP A 55 -9.60 7.15 -4.97
N LYS A 56 -10.40 6.08 -4.93
CA LYS A 56 -10.69 5.40 -3.68
C LYS A 56 -9.47 4.66 -3.16
N ARG A 57 -8.82 3.88 -4.03
CA ARG A 57 -7.64 3.13 -3.66
C ARG A 57 -6.56 4.06 -3.09
N ASN A 58 -6.44 5.24 -3.68
CA ASN A 58 -5.45 6.22 -3.23
C ASN A 58 -5.79 6.73 -1.83
N ASP A 59 -7.02 7.20 -1.66
CA ASP A 59 -7.47 7.72 -0.37
C ASP A 59 -7.25 6.69 0.74
N LEU A 60 -7.76 5.48 0.52
CA LEU A 60 -7.62 4.40 1.50
C LEU A 60 -6.15 4.14 1.82
N LYS A 61 -5.31 4.23 0.79
CA LYS A 61 -3.87 4.00 0.96
C LYS A 61 -3.28 4.97 1.99
N LYS A 62 -3.51 6.26 1.76
CA LYS A 62 -3.00 7.29 2.67
C LYS A 62 -3.47 7.04 4.10
N LYS A 63 -4.74 6.64 4.24
CA LYS A 63 -5.30 6.36 5.54
C LYS A 63 -4.61 5.17 6.20
N ALA A 64 -4.17 4.22 5.38
CA ALA A 64 -3.48 3.04 5.87
C ALA A 64 -2.01 3.32 6.14
N LEU A 65 -1.63 4.59 6.01
CA LEU A 65 -0.25 5.00 6.25
C LEU A 65 0.67 4.46 5.14
N LEU A 66 0.15 4.43 3.92
CA LEU A 66 0.93 3.95 2.78
C LEU A 66 1.61 5.11 2.05
N PHE A 67 0.98 6.28 2.10
CA PHE A 67 1.53 7.46 1.45
C PHE A 67 1.99 8.49 2.48
N GLN A 1 5.37 -7.61 -12.22
CA GLN A 1 5.31 -6.21 -12.56
C GLN A 1 6.05 -5.36 -11.53
N TYR A 2 6.02 -5.81 -10.28
CA TYR A 2 6.68 -5.10 -9.19
C TYR A 2 7.21 -6.08 -8.15
N LYS A 3 7.76 -5.53 -7.06
CA LYS A 3 8.30 -6.35 -5.98
C LYS A 3 7.47 -6.21 -4.72
N ILE A 4 7.04 -7.35 -4.17
CA ILE A 4 6.23 -7.35 -2.95
C ILE A 4 7.04 -6.88 -1.76
N TYR A 5 6.96 -5.59 -1.46
CA TYR A 5 7.69 -5.01 -0.34
C TYR A 5 6.89 -5.16 0.95
N PRO A 6 7.60 -5.09 2.09
CA PRO A 6 6.98 -5.21 3.41
C PRO A 6 6.12 -4.01 3.77
N TYR A 7 4.99 -4.27 4.42
CA TYR A 7 4.07 -3.21 4.80
C TYR A 7 4.60 -2.44 6.01
N ASP A 8 5.35 -3.14 6.86
CA ASP A 8 5.92 -2.53 8.06
C ASP A 8 7.00 -1.51 7.68
N SER A 9 7.70 -1.77 6.58
CA SER A 9 8.76 -0.88 6.12
C SER A 9 8.22 0.11 5.09
N LEU A 10 7.09 -0.23 4.49
CA LEU A 10 6.47 0.63 3.48
C LEU A 10 5.69 1.76 4.14
N ILE A 11 5.03 1.45 5.26
CA ILE A 11 4.25 2.44 5.98
C ILE A 11 5.10 3.66 6.33
N VAL A 12 4.63 4.84 5.94
CA VAL A 12 5.35 6.08 6.22
C VAL A 12 5.54 6.28 7.71
N THR A 13 4.63 5.72 8.50
CA THR A 13 4.69 5.84 9.94
C THR A 13 6.03 5.33 10.49
N ASN A 14 6.62 4.37 9.77
CA ASN A 14 7.90 3.80 10.17
C ASN A 14 9.04 4.39 9.35
N ARG A 15 8.73 5.42 8.58
CA ARG A 15 9.74 6.09 7.75
C ARG A 15 10.89 6.61 8.60
N ILE A 16 10.62 6.81 9.88
CA ILE A 16 11.64 7.31 10.80
C ILE A 16 12.62 6.21 11.18
N ARG A 17 12.17 4.96 11.10
CA ARG A 17 13.01 3.82 11.44
C ARG A 17 13.67 3.25 10.18
N VAL A 18 12.88 3.12 9.12
CA VAL A 18 13.39 2.58 7.86
C VAL A 18 12.75 3.28 6.66
N LYS A 19 13.59 3.82 5.78
CA LYS A 19 13.11 4.53 4.60
C LYS A 19 12.86 3.55 3.46
N LEU A 20 12.03 3.95 2.51
CA LEU A 20 11.70 3.11 1.36
C LEU A 20 12.90 2.97 0.44
N PRO A 21 12.96 1.84 -0.29
CA PRO A 21 14.05 1.55 -1.23
C PRO A 21 14.03 2.45 -2.45
N LYS A 22 14.85 2.14 -3.45
CA LYS A 22 14.92 2.92 -4.67
C LYS A 22 14.01 2.34 -5.74
N ASP A 23 13.89 1.01 -5.76
CA ASP A 23 13.05 0.33 -6.73
C ASP A 23 11.60 0.25 -6.23
N VAL A 24 11.06 1.39 -5.83
CA VAL A 24 9.69 1.45 -5.32
C VAL A 24 9.03 2.77 -5.70
N ASP A 25 7.78 2.69 -6.14
CA ASP A 25 7.02 3.88 -6.53
C ASP A 25 6.17 4.39 -5.37
N ARG A 26 5.92 5.70 -5.35
CA ARG A 26 5.12 6.31 -4.30
C ARG A 26 3.71 6.60 -4.79
N THR A 27 3.54 6.65 -6.11
CA THR A 27 2.24 6.93 -6.71
C THR A 27 1.34 5.70 -6.65
N ARG A 28 1.90 4.54 -6.98
CA ARG A 28 1.15 3.29 -6.97
C ARG A 28 1.83 2.26 -6.09
N LEU A 29 1.98 2.59 -4.80
CA LEU A 29 2.62 1.69 -3.85
C LEU A 29 1.74 0.46 -3.59
N GLU A 30 0.48 0.55 -4.00
CA GLU A 30 -0.45 -0.55 -3.80
C GLU A 30 0.03 -1.81 -4.50
N ARG A 31 0.62 -1.64 -5.69
CA ARG A 31 1.13 -2.77 -6.46
C ARG A 31 2.34 -3.39 -5.77
N HIS A 32 2.90 -2.67 -4.79
CA HIS A 32 4.07 -3.15 -4.06
C HIS A 32 3.65 -3.86 -2.78
N LEU A 33 2.34 -3.92 -2.53
CA LEU A 33 1.81 -4.57 -1.34
C LEU A 33 0.93 -5.75 -1.72
N SER A 34 1.20 -6.91 -1.13
CA SER A 34 0.43 -8.11 -1.41
C SER A 34 -1.06 -7.84 -1.25
N PRO A 35 -1.89 -8.74 -1.80
CA PRO A 35 -3.34 -8.62 -1.74
C PRO A 35 -3.89 -8.84 -0.33
N GLU A 36 -3.36 -9.86 0.35
CA GLU A 36 -3.79 -10.17 1.71
C GLU A 36 -3.43 -9.05 2.67
N GLU A 37 -2.30 -8.39 2.42
CA GLU A 37 -1.85 -7.29 3.26
C GLU A 37 -2.68 -6.03 3.01
N PHE A 38 -3.00 -5.80 1.75
CA PHE A 38 -3.79 -4.62 1.38
C PHE A 38 -5.18 -4.68 2.02
N GLN A 39 -5.78 -5.87 1.98
CA GLN A 39 -7.11 -6.06 2.55
C GLN A 39 -7.05 -6.17 4.07
N GLU A 40 -5.87 -6.56 4.58
CA GLU A 40 -5.69 -6.72 6.01
C GLU A 40 -5.33 -5.38 6.66
N VAL A 41 -4.65 -4.53 5.90
CA VAL A 41 -4.25 -3.21 6.40
C VAL A 41 -5.36 -2.18 6.19
N PHE A 42 -6.23 -2.44 5.21
CA PHE A 42 -7.33 -1.54 4.90
C PHE A 42 -8.56 -1.90 5.73
N GLY A 43 -8.87 -3.19 5.80
CA GLY A 43 -10.03 -3.62 6.56
C GLY A 43 -11.03 -4.39 5.73
N MET A 44 -11.25 -3.92 4.49
CA MET A 44 -12.19 -4.57 3.59
C MET A 44 -11.54 -5.76 2.89
N SER A 45 -12.24 -6.33 1.91
CA SER A 45 -11.72 -7.46 1.17
C SER A 45 -10.99 -7.01 -0.08
N ILE A 46 -9.99 -7.80 -0.50
CA ILE A 46 -9.21 -7.48 -1.68
C ILE A 46 -10.11 -7.28 -2.90
N GLU A 47 -11.23 -7.98 -2.93
CA GLU A 47 -12.17 -7.87 -4.03
C GLU A 47 -12.77 -6.47 -4.11
N GLU A 48 -13.04 -5.89 -2.95
CA GLU A 48 -13.60 -4.54 -2.88
C GLU A 48 -12.71 -3.54 -3.61
N PHE A 49 -11.40 -3.67 -3.41
CA PHE A 49 -10.44 -2.77 -4.05
C PHE A 49 -10.59 -2.80 -5.56
N ASP A 50 -10.49 -4.00 -6.13
CA ASP A 50 -10.61 -4.18 -7.58
C ASP A 50 -11.95 -3.63 -8.08
N ARG A 51 -12.98 -3.76 -7.27
CA ARG A 51 -14.31 -3.29 -7.62
C ARG A 51 -14.41 -1.78 -7.46
N LEU A 52 -13.56 -1.22 -6.60
CA LEU A 52 -13.55 0.21 -6.36
C LEU A 52 -12.77 0.95 -7.45
N ALA A 53 -12.83 2.28 -7.42
CA ALA A 53 -12.13 3.09 -8.40
C ALA A 53 -10.76 3.51 -7.89
N LEU A 54 -9.96 4.10 -8.77
CA LEU A 54 -8.62 4.55 -8.40
C LEU A 54 -8.68 5.58 -7.27
N TRP A 55 -9.42 6.65 -7.49
CA TRP A 55 -9.56 7.70 -6.49
C TRP A 55 -9.78 7.10 -5.11
N LYS A 56 -10.57 6.05 -5.04
CA LYS A 56 -10.85 5.39 -3.77
C LYS A 56 -9.63 4.65 -3.25
N ARG A 57 -9.02 3.84 -4.12
CA ARG A 57 -7.83 3.08 -3.74
C ARG A 57 -6.74 4.00 -3.21
N ASN A 58 -6.60 5.17 -3.81
CA ASN A 58 -5.60 6.15 -3.40
C ASN A 58 -5.92 6.68 -2.00
N ASP A 59 -7.14 7.18 -1.83
CA ASP A 59 -7.56 7.73 -0.55
C ASP A 59 -7.32 6.72 0.58
N LEU A 60 -7.82 5.50 0.38
CA LEU A 60 -7.67 4.45 1.39
C LEU A 60 -6.20 4.19 1.69
N LYS A 61 -5.37 4.26 0.65
CA LYS A 61 -3.93 4.04 0.81
C LYS A 61 -3.34 5.04 1.81
N LYS A 62 -3.57 6.32 1.57
CA LYS A 62 -3.07 7.37 2.46
C LYS A 62 -3.52 7.13 3.90
N LYS A 63 -4.77 6.74 4.06
CA LYS A 63 -5.33 6.48 5.38
C LYS A 63 -4.62 5.31 6.05
N ALA A 64 -4.18 4.35 5.24
CA ALA A 64 -3.48 3.17 5.74
C ALA A 64 -2.02 3.48 6.02
N LEU A 65 -1.65 4.74 5.85
CA LEU A 65 -0.26 5.17 6.08
C LEU A 65 0.66 4.62 5.00
N LEU A 66 0.11 4.42 3.81
CA LEU A 66 0.88 3.91 2.68
C LEU A 66 1.61 5.04 1.96
N PHE A 67 1.01 6.23 1.99
CA PHE A 67 1.60 7.39 1.33
C PHE A 67 2.09 8.40 2.35
N GLN A 1 5.41 -7.47 -12.70
CA GLN A 1 5.10 -6.05 -12.83
C GLN A 1 5.83 -5.22 -11.79
N TYR A 2 5.89 -5.74 -10.57
CA TYR A 2 6.57 -5.05 -9.47
C TYR A 2 7.10 -6.04 -8.45
N LYS A 3 7.67 -5.52 -7.37
CA LYS A 3 8.22 -6.36 -6.31
C LYS A 3 7.41 -6.19 -5.02
N ILE A 4 6.90 -7.31 -4.49
CA ILE A 4 6.12 -7.28 -3.27
C ILE A 4 6.98 -6.89 -2.07
N TYR A 5 6.91 -5.62 -1.69
CA TYR A 5 7.68 -5.11 -0.56
C TYR A 5 6.90 -5.28 0.74
N PRO A 6 7.63 -5.24 1.87
CA PRO A 6 7.04 -5.37 3.20
C PRO A 6 6.19 -4.17 3.60
N TYR A 7 5.06 -4.43 4.24
CA TYR A 7 4.15 -3.37 4.66
C TYR A 7 4.72 -2.62 5.86
N ASP A 8 5.46 -3.33 6.70
CA ASP A 8 6.06 -2.73 7.89
C ASP A 8 7.12 -1.70 7.50
N SER A 9 7.78 -1.95 6.37
CA SER A 9 8.83 -1.04 5.89
C SER A 9 8.27 -0.05 4.89
N LEU A 10 7.13 -0.40 4.29
CA LEU A 10 6.49 0.46 3.30
C LEU A 10 5.70 1.58 3.99
N ILE A 11 5.13 1.26 5.14
CA ILE A 11 4.35 2.24 5.89
C ILE A 11 5.17 3.50 6.18
N VAL A 12 4.61 4.65 5.82
CA VAL A 12 5.29 5.92 6.05
C VAL A 12 5.54 6.16 7.54
N THR A 13 4.72 5.53 8.37
CA THR A 13 4.85 5.68 9.82
C THR A 13 6.20 5.17 10.30
N ASN A 14 6.87 4.37 9.47
CA ASN A 14 8.18 3.82 9.82
C ASN A 14 9.30 4.68 9.23
N ARG A 15 8.92 5.78 8.60
CA ARG A 15 9.90 6.69 8.00
C ARG A 15 10.98 7.07 9.01
N ILE A 16 10.58 7.18 10.28
CA ILE A 16 11.52 7.53 11.33
C ILE A 16 12.58 6.46 11.52
N ARG A 17 12.19 5.20 11.37
CA ARG A 17 13.10 4.09 11.51
C ARG A 17 13.82 3.79 10.19
N VAL A 18 13.05 3.40 9.19
CA VAL A 18 13.60 3.09 7.88
C VAL A 18 12.79 3.75 6.76
N LYS A 19 13.45 4.04 5.65
CA LYS A 19 12.79 4.67 4.51
C LYS A 19 12.57 3.67 3.39
N LEU A 20 11.78 4.06 2.39
CA LEU A 20 11.49 3.20 1.26
C LEU A 20 12.72 3.03 0.38
N PRO A 21 12.80 1.89 -0.32
CA PRO A 21 13.91 1.58 -1.21
C PRO A 21 13.92 2.45 -2.47
N LYS A 22 14.78 2.12 -3.42
CA LYS A 22 14.88 2.88 -4.66
C LYS A 22 14.01 2.25 -5.75
N ASP A 23 13.92 0.93 -5.74
CA ASP A 23 13.12 0.21 -6.72
C ASP A 23 11.66 0.12 -6.29
N VAL A 24 11.10 1.27 -5.91
CA VAL A 24 9.70 1.33 -5.48
C VAL A 24 9.04 2.63 -5.91
N ASP A 25 7.82 2.54 -6.42
CA ASP A 25 7.08 3.70 -6.86
C ASP A 25 6.03 4.11 -5.83
N ARG A 26 6.32 5.19 -5.10
CA ARG A 26 5.41 5.69 -4.08
C ARG A 26 4.04 6.02 -4.68
N THR A 27 4.04 6.45 -5.95
CA THR A 27 2.81 6.79 -6.63
C THR A 27 1.79 5.67 -6.53
N ARG A 28 2.19 4.47 -6.92
CA ARG A 28 1.31 3.30 -6.87
C ARG A 28 1.88 2.22 -5.97
N LEU A 29 2.09 2.57 -4.69
CA LEU A 29 2.63 1.63 -3.72
C LEU A 29 1.71 0.43 -3.55
N GLU A 30 0.45 0.59 -3.97
CA GLU A 30 -0.52 -0.48 -3.85
C GLU A 30 -0.07 -1.72 -4.62
N ARG A 31 0.51 -1.51 -5.80
CA ARG A 31 0.98 -2.60 -6.64
C ARG A 31 2.21 -3.27 -6.01
N HIS A 32 2.77 -2.62 -4.99
CA HIS A 32 3.94 -3.14 -4.31
C HIS A 32 3.55 -3.89 -3.04
N LEU A 33 2.25 -3.88 -2.72
CA LEU A 33 1.75 -4.54 -1.53
C LEU A 33 0.83 -5.71 -1.92
N SER A 34 1.11 -6.89 -1.37
CA SER A 34 0.32 -8.07 -1.65
C SER A 34 -1.17 -7.78 -1.46
N PRO A 35 -2.02 -8.66 -2.02
CA PRO A 35 -3.48 -8.52 -1.93
C PRO A 35 -3.99 -8.78 -0.51
N GLU A 36 -3.47 -9.82 0.13
CA GLU A 36 -3.89 -10.16 1.48
C GLU A 36 -3.50 -9.07 2.46
N GLU A 37 -2.36 -8.43 2.22
CA GLU A 37 -1.87 -7.36 3.08
C GLU A 37 -2.69 -6.08 2.88
N PHE A 38 -3.03 -5.80 1.62
CA PHE A 38 -3.80 -4.61 1.30
C PHE A 38 -5.17 -4.65 1.97
N GLN A 39 -5.80 -5.82 1.92
CA GLN A 39 -7.13 -5.99 2.53
C GLN A 39 -7.01 -6.16 4.04
N GLU A 40 -5.85 -6.60 4.50
CA GLU A 40 -5.61 -6.80 5.93
C GLU A 40 -5.21 -5.49 6.60
N VAL A 41 -4.58 -4.60 5.83
CA VAL A 41 -4.14 -3.31 6.36
C VAL A 41 -5.22 -2.26 6.17
N PHE A 42 -6.12 -2.49 5.22
CA PHE A 42 -7.21 -1.56 4.95
C PHE A 42 -8.43 -1.89 5.79
N GLY A 43 -8.78 -3.16 5.84
CA GLY A 43 -9.93 -3.59 6.62
C GLY A 43 -10.96 -4.32 5.78
N MET A 44 -11.19 -3.81 4.57
CA MET A 44 -12.17 -4.42 3.66
C MET A 44 -11.56 -5.61 2.94
N SER A 45 -12.29 -6.15 1.97
CA SER A 45 -11.83 -7.30 1.20
C SER A 45 -11.09 -6.86 -0.05
N ILE A 46 -10.12 -7.66 -0.48
CA ILE A 46 -9.35 -7.36 -1.67
C ILE A 46 -10.25 -7.13 -2.88
N GLU A 47 -11.39 -7.81 -2.90
CA GLU A 47 -12.34 -7.68 -3.99
C GLU A 47 -12.89 -6.26 -4.07
N GLU A 48 -13.14 -5.66 -2.91
CA GLU A 48 -13.66 -4.30 -2.85
C GLU A 48 -12.74 -3.33 -3.59
N PHE A 49 -11.44 -3.49 -3.39
CA PHE A 49 -10.45 -2.63 -4.04
C PHE A 49 -10.62 -2.66 -5.55
N ASP A 50 -10.55 -3.86 -6.12
CA ASP A 50 -10.69 -4.04 -7.56
C ASP A 50 -12.00 -3.42 -8.05
N ARG A 51 -13.05 -3.56 -7.25
CA ARG A 51 -14.36 -3.02 -7.61
C ARG A 51 -14.38 -1.50 -7.48
N LEU A 52 -13.53 -0.98 -6.60
CA LEU A 52 -13.45 0.46 -6.37
C LEU A 52 -12.63 1.14 -7.47
N ALA A 53 -12.59 2.46 -7.43
CA ALA A 53 -11.84 3.24 -8.41
C ALA A 53 -10.48 3.66 -7.87
N LEU A 54 -9.66 4.25 -8.73
CA LEU A 54 -8.33 4.70 -8.34
C LEU A 54 -8.41 5.70 -7.20
N TRP A 55 -9.15 6.78 -7.42
CA TRP A 55 -9.31 7.83 -6.42
C TRP A 55 -9.53 7.22 -5.04
N LYS A 56 -10.33 6.17 -4.98
CA LYS A 56 -10.63 5.49 -3.73
C LYS A 56 -9.40 4.74 -3.20
N ARG A 57 -8.77 3.97 -4.09
CA ARG A 57 -7.59 3.20 -3.72
C ARG A 57 -6.51 4.11 -3.15
N ASN A 58 -6.37 5.30 -3.73
CA ASN A 58 -5.37 6.26 -3.29
C ASN A 58 -5.70 6.78 -1.89
N ASP A 59 -6.94 7.25 -1.71
CA ASP A 59 -7.37 7.77 -0.42
C ASP A 59 -7.16 6.74 0.68
N LEU A 60 -7.65 5.53 0.46
CA LEU A 60 -7.52 4.45 1.43
C LEU A 60 -6.05 4.18 1.75
N LYS A 61 -5.21 4.27 0.73
CA LYS A 61 -3.78 4.04 0.89
C LYS A 61 -3.19 4.99 1.92
N LYS A 62 -3.39 6.29 1.70
CA LYS A 62 -2.89 7.31 2.62
C LYS A 62 -3.35 7.05 4.04
N LYS A 63 -4.62 6.66 4.18
CA LYS A 63 -5.20 6.37 5.49
C LYS A 63 -4.51 5.18 6.14
N ALA A 64 -4.05 4.24 5.31
CA ALA A 64 -3.37 3.05 5.80
C ALA A 64 -1.90 3.34 6.08
N LEU A 65 -1.51 4.61 5.98
CA LEU A 65 -0.14 5.01 6.22
C LEU A 65 0.78 4.51 5.11
N LEU A 66 0.25 4.44 3.90
CA LEU A 66 1.01 3.98 2.75
C LEU A 66 1.69 5.16 2.04
N PHE A 67 1.05 6.31 2.08
CA PHE A 67 1.58 7.51 1.45
C PHE A 67 2.02 8.53 2.49
N GLN A 1 3.96 -8.32 -11.13
CA GLN A 1 4.26 -7.10 -11.86
C GLN A 1 5.32 -6.28 -11.14
N TYR A 2 5.16 -6.13 -9.83
CA TYR A 2 6.11 -5.36 -9.02
C TYR A 2 6.67 -6.21 -7.90
N LYS A 3 7.65 -5.67 -7.19
CA LYS A 3 8.28 -6.37 -6.08
C LYS A 3 7.47 -6.19 -4.79
N ILE A 4 6.94 -7.29 -4.28
CA ILE A 4 6.15 -7.26 -3.05
C ILE A 4 7.00 -6.85 -1.86
N TYR A 5 6.91 -5.58 -1.47
CA TYR A 5 7.68 -5.07 -0.34
C TYR A 5 6.91 -5.23 0.97
N PRO A 6 7.63 -5.19 2.09
CA PRO A 6 7.03 -5.33 3.42
C PRO A 6 6.17 -4.12 3.80
N TYR A 7 5.00 -4.39 4.34
CA TYR A 7 4.08 -3.33 4.75
C TYR A 7 4.62 -2.58 5.97
N ASP A 8 5.35 -3.31 6.82
CA ASP A 8 5.92 -2.72 8.03
C ASP A 8 6.99 -1.69 7.67
N SER A 9 7.69 -1.92 6.57
CA SER A 9 8.74 -1.02 6.12
C SER A 9 8.20 -0.03 5.10
N LEU A 10 7.11 -0.40 4.44
CA LEU A 10 6.50 0.46 3.43
C LEU A 10 5.72 1.60 4.09
N ILE A 11 5.06 1.29 5.20
CA ILE A 11 4.28 2.28 5.92
C ILE A 11 5.10 3.54 6.20
N VAL A 12 4.58 4.68 5.77
CA VAL A 12 5.27 5.96 5.96
C VAL A 12 5.47 6.25 7.45
N THR A 13 4.63 5.63 8.28
CA THR A 13 4.71 5.82 9.73
C THR A 13 6.07 5.41 10.26
N ASN A 14 6.77 4.57 9.50
CA ASN A 14 8.09 4.09 9.89
C ASN A 14 9.19 4.90 9.21
N ARG A 15 8.80 6.00 8.57
CA ARG A 15 9.75 6.86 7.89
C ARG A 15 10.90 7.25 8.81
N ILE A 16 10.62 7.31 10.10
CA ILE A 16 11.63 7.68 11.09
C ILE A 16 12.63 6.54 11.30
N ARG A 17 12.13 5.30 11.22
CA ARG A 17 12.98 4.13 11.40
C ARG A 17 13.75 3.81 10.13
N VAL A 18 13.08 3.93 8.99
CA VAL A 18 13.70 3.66 7.70
C VAL A 18 12.89 4.27 6.56
N LYS A 19 13.56 4.55 5.44
CA LYS A 19 12.90 5.12 4.28
C LYS A 19 12.76 4.09 3.17
N LEU A 20 11.73 4.25 2.34
CA LEU A 20 11.48 3.34 1.24
C LEU A 20 12.73 3.16 0.38
N PRO A 21 12.84 2.01 -0.28
CA PRO A 21 13.98 1.69 -1.14
C PRO A 21 14.00 2.52 -2.41
N LYS A 22 14.84 2.14 -3.36
CA LYS A 22 14.95 2.84 -4.63
C LYS A 22 14.08 2.19 -5.69
N ASP A 23 14.03 0.86 -5.67
CA ASP A 23 13.23 0.12 -6.64
C ASP A 23 11.78 0.02 -6.18
N VAL A 24 11.19 1.16 -5.85
CA VAL A 24 9.80 1.20 -5.40
C VAL A 24 9.12 2.49 -5.83
N ASP A 25 7.88 2.37 -6.30
CA ASP A 25 7.12 3.53 -6.75
C ASP A 25 6.08 3.94 -5.71
N ARG A 26 6.22 5.16 -5.20
CA ARG A 26 5.29 5.67 -4.19
C ARG A 26 3.93 5.97 -4.80
N THR A 27 3.93 6.37 -6.06
CA THR A 27 2.69 6.69 -6.77
C THR A 27 1.68 5.56 -6.63
N ARG A 28 2.10 4.35 -7.00
CA ARG A 28 1.22 3.18 -6.92
C ARG A 28 1.84 2.11 -6.03
N LEU A 29 2.05 2.45 -4.76
CA LEU A 29 2.63 1.51 -3.80
C LEU A 29 1.70 0.32 -3.57
N GLU A 30 0.44 0.48 -3.98
CA GLU A 30 -0.55 -0.58 -3.82
C GLU A 30 -0.10 -1.86 -4.53
N ARG A 31 0.45 -1.69 -5.73
CA ARG A 31 0.92 -2.83 -6.52
C ARG A 31 2.15 -3.46 -5.88
N HIS A 32 2.73 -2.76 -4.90
CA HIS A 32 3.92 -3.25 -4.21
C HIS A 32 3.54 -3.99 -2.93
N LEU A 33 2.25 -3.97 -2.60
CA LEU A 33 1.75 -4.63 -1.40
C LEU A 33 0.86 -5.80 -1.76
N SER A 34 1.13 -6.96 -1.17
CA SER A 34 0.34 -8.16 -1.44
C SER A 34 -1.14 -7.88 -1.28
N PRO A 35 -1.98 -8.78 -1.83
CA PRO A 35 -3.44 -8.65 -1.76
C PRO A 35 -3.97 -8.87 -0.36
N GLU A 36 -3.46 -9.89 0.32
CA GLU A 36 -3.89 -10.21 1.69
C GLU A 36 -3.51 -9.09 2.64
N GLU A 37 -2.37 -8.45 2.39
CA GLU A 37 -1.90 -7.36 3.24
C GLU A 37 -2.71 -6.10 3.00
N PHE A 38 -3.05 -5.84 1.74
CA PHE A 38 -3.82 -4.66 1.39
C PHE A 38 -5.21 -4.71 2.02
N GLN A 39 -5.84 -5.87 1.97
CA GLN A 39 -7.17 -6.05 2.54
C GLN A 39 -7.09 -6.18 4.06
N GLU A 40 -5.93 -6.58 4.57
CA GLU A 40 -5.73 -6.74 6.00
C GLU A 40 -5.37 -5.41 6.65
N VAL A 41 -4.65 -4.57 5.90
CA VAL A 41 -4.25 -3.27 6.41
C VAL A 41 -5.34 -2.22 6.20
N PHE A 42 -6.22 -2.48 5.23
CA PHE A 42 -7.32 -1.57 4.93
C PHE A 42 -8.55 -1.91 5.75
N GLY A 43 -8.88 -3.19 5.81
CA GLY A 43 -10.04 -3.63 6.56
C GLY A 43 -11.05 -4.37 5.70
N MET A 44 -11.27 -3.87 4.49
CA MET A 44 -12.22 -4.48 3.56
C MET A 44 -11.60 -5.69 2.86
N SER A 45 -12.30 -6.22 1.87
CA SER A 45 -11.81 -7.37 1.12
C SER A 45 -11.04 -6.92 -0.12
N ILE A 46 -10.07 -7.73 -0.52
CA ILE A 46 -9.27 -7.42 -1.70
C ILE A 46 -10.14 -7.19 -2.92
N GLU A 47 -11.28 -7.88 -2.97
CA GLU A 47 -12.21 -7.74 -4.09
C GLU A 47 -12.77 -6.33 -4.16
N GLU A 48 -13.03 -5.73 -3.00
CA GLU A 48 -13.57 -4.38 -2.95
C GLU A 48 -12.65 -3.40 -3.67
N PHE A 49 -11.34 -3.54 -3.45
CA PHE A 49 -10.36 -2.67 -4.08
C PHE A 49 -10.48 -2.72 -5.61
N ASP A 50 -10.40 -3.92 -6.16
CA ASP A 50 -10.51 -4.09 -7.60
C ASP A 50 -11.81 -3.50 -8.13
N ARG A 51 -12.88 -3.65 -7.35
CA ARG A 51 -14.18 -3.13 -7.74
C ARG A 51 -14.22 -1.61 -7.60
N LEU A 52 -13.39 -1.08 -6.71
CA LEU A 52 -13.34 0.36 -6.49
C LEU A 52 -12.52 1.06 -7.57
N ALA A 53 -12.52 2.39 -7.54
CA ALA A 53 -11.77 3.16 -8.51
C ALA A 53 -10.41 3.57 -7.97
N LEU A 54 -9.57 4.16 -8.82
CA LEU A 54 -8.25 4.60 -8.41
C LEU A 54 -8.33 5.62 -7.29
N TRP A 55 -9.06 6.70 -7.52
CA TRP A 55 -9.23 7.75 -6.52
C TRP A 55 -9.49 7.15 -5.14
N LYS A 56 -10.29 6.09 -5.10
CA LYS A 56 -10.61 5.43 -3.84
C LYS A 56 -9.40 4.68 -3.29
N ARG A 57 -8.76 3.90 -4.15
CA ARG A 57 -7.57 3.14 -3.76
C ARG A 57 -6.50 4.06 -3.19
N ASN A 58 -6.36 5.23 -3.79
CA ASN A 58 -5.36 6.20 -3.35
C ASN A 58 -5.70 6.74 -1.96
N ASP A 59 -6.94 7.22 -1.80
CA ASP A 59 -7.39 7.76 -0.53
C ASP A 59 -7.18 6.74 0.59
N LEU A 60 -7.70 5.54 0.40
CA LEU A 60 -7.58 4.48 1.40
C LEU A 60 -6.11 4.21 1.72
N LYS A 61 -5.26 4.26 0.70
CA LYS A 61 -3.83 4.03 0.87
C LYS A 61 -3.24 4.99 1.89
N LYS A 62 -3.43 6.28 1.65
CA LYS A 62 -2.92 7.32 2.54
C LYS A 62 -3.39 7.08 3.97
N LYS A 63 -4.65 6.70 4.12
CA LYS A 63 -5.23 6.44 5.44
C LYS A 63 -4.55 5.25 6.10
N ALA A 64 -4.10 4.29 5.28
CA ALA A 64 -3.43 3.11 5.80
C ALA A 64 -1.96 3.39 6.07
N LEU A 65 -1.57 4.65 5.96
CA LEU A 65 -0.18 5.05 6.19
C LEU A 65 0.73 4.54 5.09
N LEU A 66 0.18 4.42 3.88
CA LEU A 66 0.96 3.94 2.74
C LEU A 66 1.64 5.11 2.01
N PHE A 67 1.00 6.27 2.04
CA PHE A 67 1.55 7.46 1.39
C PHE A 67 1.99 8.49 2.42
#